data_4OFC
#
_entry.id   4OFC
#
_cell.length_a   88.704
_cell.length_b   101.082
_cell.length_c   232.820
_cell.angle_alpha   90.000
_cell.angle_beta   90.000
_cell.angle_gamma   90.000
#
_symmetry.space_group_name_H-M   'P 21 21 21'
#
loop_
_entity.id
_entity.type
_entity.pdbx_description
1 polymer '2-amino-3-carboxymuconate-6-semialdehyde decarboxylase'
2 non-polymer 'ZINC ION'
3 water water
#
_entity_poly.entity_id   1
_entity_poly.type   'polypeptide(L)'
_entity_poly.pdbx_seq_one_letter_code
;MKIDIHSHILPKEWPDLKKRFGYGGWVQLQHHSKGEAKLLKDGKVFRVVRENCWDPEVRIREMDQKGVTVQALSTVPVMF
SYWAKPEDTLNLCQLLNNDLASTVVSYPRRFVGLGTLPMQAPELAVKEMERCVKELGFPGVQIGTHVNEWDLNAQELFPV
YAAAERLKCSLFVHPWDMQMDGRMAKYWLPWLVGMPAETTIAICSMIMGGVFEKFPKLKVCFAHGGGAFPFTVGRISHGF
SMRPDLCAQDNPMNPKKYLGSFYTDALVHDPLSLKLLTDVIGKDKVILGTDYPFPLGELEPGKLIESMEEFDEETKNKLK
AGNALAFLGLERKQF
;
_entity_poly.pdbx_strand_id   A,B,C,D,E,F
#
# COMPACT_ATOMS: atom_id res chain seq x y z
N MET A 1 -15.99 27.68 -10.52
CA MET A 1 -14.95 27.06 -11.32
C MET A 1 -13.65 27.87 -11.34
N LYS A 2 -13.33 28.56 -10.25
CA LYS A 2 -11.97 29.08 -10.08
C LYS A 2 -11.47 28.75 -8.67
N ILE A 3 -12.09 29.28 -7.62
CA ILE A 3 -11.61 29.02 -6.26
C ILE A 3 -12.66 28.33 -5.36
N ASP A 4 -12.24 27.24 -4.71
CA ASP A 4 -13.10 26.46 -3.80
C ASP A 4 -12.69 26.71 -2.35
N ILE A 5 -13.47 27.49 -1.62
CA ILE A 5 -13.13 27.87 -0.24
C ILE A 5 -13.36 26.71 0.74
N HIS A 6 -14.12 25.70 0.29
CA HIS A 6 -14.69 24.73 1.20
C HIS A 6 -14.32 23.31 0.77
N SER A 7 -13.15 22.82 1.20
CA SER A 7 -12.74 21.45 0.85
C SER A 7 -11.94 20.82 1.99
N HIS A 8 -12.04 19.50 2.12
CA HIS A 8 -11.47 18.78 3.26
C HIS A 8 -10.46 17.75 2.81
N ILE A 9 -9.44 17.54 3.63
CA ILE A 9 -8.35 16.64 3.28
C ILE A 9 -7.83 16.06 4.59
N LEU A 10 -7.24 14.88 4.52
CA LEU A 10 -6.67 14.22 5.70
C LEU A 10 -5.29 13.79 5.30
N PRO A 11 -4.38 13.68 6.28
CA PRO A 11 -3.10 13.04 5.95
C PRO A 11 -3.35 11.55 5.62
N LYS A 12 -2.46 10.90 4.87
CA LYS A 12 -2.70 9.51 4.46
C LYS A 12 -2.68 8.58 5.66
N GLU A 13 -1.84 8.93 6.64
CA GLU A 13 -1.69 8.16 7.87
C GLU A 13 -1.37 9.13 8.99
N TRP A 14 -1.72 8.77 10.22
CA TRP A 14 -1.22 9.47 11.39
C TRP A 14 -1.03 8.45 12.52
N PRO A 15 -0.29 8.83 13.59
CA PRO A 15 -0.01 7.80 14.62
C PRO A 15 -1.27 7.39 15.39
N ASP A 16 -1.18 6.27 16.11
CA ASP A 16 -2.25 5.80 16.99
C ASP A 16 -2.41 6.82 18.11
N LEU A 17 -3.45 7.63 18.06
CA LEU A 17 -3.55 8.77 18.96
C LEU A 17 -3.84 8.34 20.40
N LYS A 18 -4.60 7.26 20.54
CA LYS A 18 -4.86 6.67 21.85
C LYS A 18 -3.54 6.24 22.50
N LYS A 19 -2.72 5.54 21.71
CA LYS A 19 -1.38 5.15 22.13
C LYS A 19 -0.57 6.38 22.54
N ARG A 20 -0.66 7.43 21.72
CA ARG A 20 0.10 8.65 21.93
C ARG A 20 -0.33 9.45 23.15
N PHE A 21 -1.64 9.55 23.36
CA PHE A 21 -2.17 10.45 24.39
C PHE A 21 -2.59 9.80 25.72
N GLY A 22 -2.82 8.49 25.71
CA GLY A 22 -3.15 7.76 26.92
C GLY A 22 -4.63 7.44 27.09
N TYR A 23 -5.46 7.99 26.22
CA TYR A 23 -6.90 7.75 26.27
C TYR A 23 -7.48 7.70 24.87
N GLY A 24 -8.60 6.99 24.69
CA GLY A 24 -9.21 6.83 23.37
C GLY A 24 -10.23 7.90 23.04
N GLY A 25 -11.03 7.64 22.01
CA GLY A 25 -12.02 8.60 21.55
C GLY A 25 -11.58 9.37 20.32
N TRP A 26 -10.39 9.03 19.81
CA TRP A 26 -9.86 9.68 18.63
C TRP A 26 -10.24 8.94 17.35
N VAL A 27 -10.04 9.59 16.19
CA VAL A 27 -10.25 8.90 14.91
C VAL A 27 -8.95 8.38 14.26
N GLN A 28 -9.03 7.24 13.59
CA GLN A 28 -7.90 6.74 12.82
C GLN A 28 -8.38 6.43 11.41
N LEU A 29 -7.45 6.40 10.46
CA LEU A 29 -7.82 6.10 9.09
C LEU A 29 -7.24 4.74 8.72
N GLN A 30 -8.10 3.79 8.35
CA GLN A 30 -7.62 2.46 7.95
C GLN A 30 -7.63 2.28 6.44
N HIS A 31 -6.50 1.84 5.89
CA HIS A 31 -6.38 1.52 4.48
C HIS A 31 -6.40 0.00 4.31
N HIS A 32 -7.59 -0.56 4.18
CA HIS A 32 -7.79 -2.02 4.10
C HIS A 32 -8.00 -2.57 2.68
N SER A 33 -8.84 -1.91 1.89
CA SER A 33 -9.04 -2.26 0.48
C SER A 33 -8.55 -1.11 -0.39
N LYS A 34 -8.44 -1.35 -1.70
CA LYS A 34 -7.78 -0.38 -2.59
C LYS A 34 -8.62 0.85 -3.00
N GLY A 35 -7.97 2.03 -2.95
CA GLY A 35 -8.60 3.28 -3.33
C GLY A 35 -9.66 3.74 -2.33
N GLU A 36 -9.61 3.17 -1.13
CA GLU A 36 -10.68 3.39 -0.16
C GLU A 36 -10.12 3.26 1.25
N ALA A 37 -10.56 4.13 2.15
CA ALA A 37 -10.10 4.07 3.54
C ALA A 37 -11.24 4.30 4.52
N LYS A 38 -11.17 3.65 5.68
CA LYS A 38 -12.26 3.73 6.65
C LYS A 38 -11.87 4.68 7.77
N LEU A 39 -12.78 5.57 8.12
CA LEU A 39 -12.57 6.45 9.27
C LEU A 39 -13.19 5.77 10.48
N LEU A 40 -12.36 5.54 11.49
CA LEU A 40 -12.69 4.69 12.62
C LEU A 40 -12.74 5.58 13.86
N LYS A 41 -13.84 5.52 14.61
CA LYS A 41 -14.00 6.25 15.87
C LYS A 41 -14.45 5.25 16.92
N ASP A 42 -13.85 5.29 18.11
CA ASP A 42 -13.80 4.08 18.94
C ASP A 42 -14.97 3.13 18.75
N GLY A 43 -14.66 2.00 18.11
CA GLY A 43 -15.64 0.98 17.83
C GLY A 43 -16.03 0.89 16.36
N LYS A 44 -16.46 2.02 15.80
CA LYS A 44 -17.23 1.99 14.56
C LYS A 44 -16.61 2.75 13.37
N VAL A 45 -16.70 2.14 12.20
CA VAL A 45 -16.44 2.84 10.94
C VAL A 45 -17.61 3.81 10.77
N PHE A 46 -17.32 5.11 10.79
CA PHE A 46 -18.39 6.09 10.68
C PHE A 46 -18.42 6.78 9.32
N ARG A 47 -17.37 6.53 8.53
CA ARG A 47 -17.29 7.11 7.21
C ARG A 47 -16.26 6.39 6.38
N VAL A 48 -16.54 6.28 5.08
CA VAL A 48 -15.60 5.68 4.15
C VAL A 48 -15.24 6.76 3.15
N VAL A 49 -13.94 6.99 2.96
CA VAL A 49 -13.48 8.00 2.01
C VAL A 49 -12.61 7.37 0.93
N ARG A 50 -12.49 8.04 -0.21
CA ARG A 50 -11.64 7.52 -1.27
C ARG A 50 -10.34 8.31 -1.34
N GLU A 51 -9.49 7.99 -2.30
CA GLU A 51 -8.13 8.52 -2.33
C GLU A 51 -8.06 10.03 -2.57
N ASN A 52 -9.09 10.62 -3.18
CA ASN A 52 -9.11 12.08 -3.32
C ASN A 52 -9.12 12.78 -1.96
N CYS A 53 -9.43 12.03 -0.90
CA CYS A 53 -9.50 12.63 0.45
C CYS A 53 -8.13 12.84 1.07
N TRP A 54 -7.10 12.19 0.52
CA TRP A 54 -5.75 12.32 1.08
C TRP A 54 -4.61 12.46 0.08
N ASP A 55 -4.87 12.19 -1.20
CA ASP A 55 -3.78 12.22 -2.20
C ASP A 55 -3.89 13.47 -3.07
N PRO A 56 -2.94 14.40 -2.92
CA PRO A 56 -3.03 15.68 -3.62
C PRO A 56 -2.89 15.53 -5.13
N GLU A 57 -2.13 14.54 -5.60
CA GLU A 57 -2.02 14.31 -7.03
C GLU A 57 -3.40 13.97 -7.60
N VAL A 58 -4.14 13.12 -6.89
CA VAL A 58 -5.50 12.75 -7.28
C VAL A 58 -6.43 13.96 -7.29
N ARG A 59 -6.33 14.78 -6.24
CA ARG A 59 -7.11 16.01 -6.19
C ARG A 59 -6.80 16.95 -7.36
N ILE A 60 -5.50 17.13 -7.66
CA ILE A 60 -5.11 18.03 -8.75
C ILE A 60 -5.73 17.57 -10.07
N ARG A 61 -5.76 16.25 -10.28
CA ARG A 61 -6.35 15.69 -11.49
C ARG A 61 -7.85 15.97 -11.57
N GLU A 62 -8.56 15.80 -10.46
CA GLU A 62 -9.99 16.08 -10.47
C GLU A 62 -10.24 17.58 -10.59
N MET A 63 -9.38 18.39 -9.95
CA MET A 63 -9.45 19.84 -10.08
C MET A 63 -9.32 20.30 -11.54
N ASP A 64 -8.32 19.78 -12.24
CA ASP A 64 -8.08 20.12 -13.64
C ASP A 64 -9.32 19.85 -14.51
N GLN A 65 -9.94 18.69 -14.31
CA GLN A 65 -11.14 18.30 -15.05
C GLN A 65 -12.37 19.16 -14.72
N LYS A 66 -12.43 19.67 -13.48
CA LYS A 66 -13.58 20.45 -13.03
C LYS A 66 -13.35 21.92 -13.30
N GLY A 67 -12.16 22.26 -13.74
CA GLY A 67 -11.80 23.66 -13.94
C GLY A 67 -11.52 24.41 -12.65
N VAL A 68 -11.34 23.69 -11.54
CA VAL A 68 -11.01 24.36 -10.28
C VAL A 68 -9.52 24.76 -10.22
N THR A 69 -9.28 26.04 -10.01
CA THR A 69 -7.91 26.58 -10.01
C THR A 69 -7.24 26.35 -8.66
N VAL A 70 -7.92 26.72 -7.58
CA VAL A 70 -7.36 26.46 -6.25
C VAL A 70 -8.37 25.91 -5.24
N GLN A 71 -7.93 24.97 -4.39
CA GLN A 71 -8.74 24.55 -3.23
C GLN A 71 -8.12 25.13 -1.97
N ALA A 72 -8.96 25.61 -1.08
CA ALA A 72 -8.52 25.92 0.28
C ALA A 72 -8.69 24.64 1.08
N LEU A 73 -7.57 24.09 1.55
CA LEU A 73 -7.59 22.81 2.25
C LEU A 73 -7.83 23.03 3.75
N SER A 74 -8.81 22.31 4.30
CA SER A 74 -9.00 22.29 5.73
C SER A 74 -9.19 20.84 6.17
N THR A 75 -8.98 20.56 7.45
CA THR A 75 -9.17 19.18 7.90
C THR A 75 -10.65 18.78 7.94
N VAL A 76 -10.92 17.50 8.16
CA VAL A 76 -12.30 17.05 8.28
C VAL A 76 -12.73 17.48 9.69
N PRO A 77 -13.95 18.01 9.85
CA PRO A 77 -14.33 18.60 11.14
C PRO A 77 -14.28 17.63 12.32
N VAL A 78 -14.49 16.35 12.07
CA VAL A 78 -14.41 15.34 13.14
C VAL A 78 -13.03 15.36 13.86
N MET A 79 -12.03 15.87 13.17
CA MET A 79 -10.67 15.95 13.70
C MET A 79 -10.49 17.12 14.67
N PHE A 80 -11.50 17.98 14.79
CA PHE A 80 -11.39 19.16 15.68
C PHE A 80 -10.92 18.77 17.09
N SER A 81 -11.48 17.70 17.64
CA SER A 81 -11.02 17.18 18.95
C SER A 81 -11.10 18.19 20.11
N TYR A 82 -12.10 19.07 20.09
CA TYR A 82 -12.18 20.15 21.11
C TYR A 82 -12.47 19.58 22.50
N TRP A 83 -12.81 18.29 22.54
CA TRP A 83 -13.21 17.60 23.75
C TRP A 83 -12.03 17.03 24.55
N ALA A 84 -10.84 17.01 23.95
CA ALA A 84 -9.70 16.35 24.59
C ALA A 84 -8.89 17.33 25.44
N LYS A 85 -7.82 16.83 26.07
CA LYS A 85 -6.90 17.69 26.81
C LYS A 85 -6.27 18.73 25.88
N PRO A 86 -6.29 20.00 26.30
CA PRO A 86 -5.74 21.11 25.53
C PRO A 86 -4.41 20.83 24.84
N GLU A 87 -3.40 20.35 25.57
CA GLU A 87 -2.09 20.07 24.98
C GLU A 87 -2.12 18.92 23.94
N ASP A 88 -3.04 17.98 24.09
CA ASP A 88 -3.13 16.87 23.15
C ASP A 88 -3.82 17.34 21.87
N THR A 89 -4.93 18.04 21.99
CA THR A 89 -5.51 18.71 20.82
C THR A 89 -4.46 19.60 20.14
N LEU A 90 -3.66 20.34 20.91
CA LEU A 90 -2.61 21.14 20.29
C LEU A 90 -1.59 20.27 19.53
N ASN A 91 -1.16 19.16 20.12
CA ASN A 91 -0.25 18.22 19.46
C ASN A 91 -0.84 17.73 18.14
N LEU A 92 -2.11 17.36 18.15
CA LEU A 92 -2.80 16.92 16.93
C LEU A 92 -2.88 18.04 15.90
N CYS A 93 -3.25 19.25 16.34
CA CYS A 93 -3.33 20.37 15.41
C CYS A 93 -1.99 20.62 14.71
N GLN A 94 -0.90 20.45 15.44
CA GLN A 94 0.41 20.79 14.88
C GLN A 94 0.74 19.80 13.78
N LEU A 95 0.40 18.55 14.02
CA LEU A 95 0.64 17.48 13.06
C LEU A 95 -0.26 17.68 11.83
N LEU A 96 -1.52 18.07 12.06
CA LEU A 96 -2.46 18.30 10.95
C LEU A 96 -2.09 19.55 10.16
N ASN A 97 -1.69 20.60 10.86
CA ASN A 97 -1.31 21.85 10.19
C ASN A 97 -0.02 21.70 9.41
N ASN A 98 0.96 20.96 9.95
CA ASN A 98 2.22 20.74 9.23
C ASN A 98 1.98 19.93 7.95
N ASP A 99 1.03 19.01 8.03
CA ASP A 99 0.68 18.21 6.86
C ASP A 99 0.04 19.09 5.79
N LEU A 100 -0.90 19.96 6.19
CA LEU A 100 -1.53 20.91 5.27
C LEU A 100 -0.48 21.79 4.60
N ALA A 101 0.43 22.32 5.40
CA ALA A 101 1.51 23.16 4.89
C ALA A 101 2.35 22.40 3.85
N SER A 102 2.62 21.12 4.12
CA SER A 102 3.41 20.28 3.25
C SER A 102 2.73 20.05 1.90
N THR A 103 1.43 19.82 1.96
CA THR A 103 0.63 19.68 0.74
C THR A 103 0.64 21.00 -0.05
N VAL A 104 0.47 22.12 0.64
CA VAL A 104 0.41 23.44 0.00
C VAL A 104 1.74 23.75 -0.69
N VAL A 105 2.84 23.46 -0.01
CA VAL A 105 4.15 23.80 -0.57
C VAL A 105 4.45 22.98 -1.83
N SER A 106 3.80 21.84 -1.98
CA SER A 106 3.95 20.99 -3.16
C SER A 106 3.21 21.51 -4.41
N TYR A 107 2.17 22.30 -4.21
CA TYR A 107 1.42 22.94 -5.30
C TYR A 107 0.91 24.30 -4.88
N PRO A 108 1.83 25.26 -4.66
CA PRO A 108 1.43 26.54 -4.05
C PRO A 108 0.51 27.40 -4.92
N ARG A 109 0.41 27.07 -6.20
CA ARG A 109 -0.54 27.75 -7.09
C ARG A 109 -1.91 27.07 -7.13
N ARG A 110 -2.04 25.93 -6.46
CA ARG A 110 -3.27 25.16 -6.53
C ARG A 110 -3.94 24.99 -5.16
N PHE A 111 -3.18 25.19 -4.09
CA PHE A 111 -3.71 25.08 -2.73
C PHE A 111 -3.33 26.24 -1.82
N VAL A 112 -4.24 26.56 -0.90
CA VAL A 112 -3.93 27.35 0.29
C VAL A 112 -4.44 26.58 1.51
N GLY A 113 -3.89 26.86 2.68
CA GLY A 113 -4.27 26.10 3.86
C GLY A 113 -5.11 26.91 4.83
N LEU A 114 -6.13 26.28 5.39
CA LEU A 114 -6.83 26.84 6.54
C LEU A 114 -6.58 25.88 7.68
N GLY A 115 -5.85 26.32 8.69
CA GLY A 115 -5.44 25.41 9.76
C GLY A 115 -6.49 25.18 10.83
N THR A 116 -6.17 24.29 11.77
CA THR A 116 -7.07 23.96 12.87
C THR A 116 -6.41 24.37 14.20
N LEU A 117 -7.22 24.72 15.19
CA LEU A 117 -6.72 25.24 16.47
C LEU A 117 -7.29 24.45 17.64
N PRO A 118 -6.57 24.44 18.78
CA PRO A 118 -7.16 23.85 19.98
C PRO A 118 -8.05 24.87 20.70
N MET A 119 -9.27 25.05 20.19
CA MET A 119 -10.14 26.14 20.64
C MET A 119 -10.64 26.05 22.07
N GLN A 120 -10.62 24.86 22.67
CA GLN A 120 -11.03 24.72 24.07
C GLN A 120 -9.99 25.30 25.01
N ALA A 121 -8.84 25.68 24.45
CA ALA A 121 -7.76 26.31 25.22
C ALA A 121 -7.27 27.56 24.49
N PRO A 122 -7.94 28.69 24.70
CA PRO A 122 -7.73 29.91 23.90
C PRO A 122 -6.28 30.38 23.81
N GLU A 123 -5.53 30.27 24.91
CA GLU A 123 -4.10 30.63 24.91
C GLU A 123 -3.28 29.76 23.93
N LEU A 124 -3.55 28.45 23.93
CA LEU A 124 -2.83 27.56 23.02
C LEU A 124 -3.28 27.81 21.60
N ALA A 125 -4.56 28.13 21.44
CA ALA A 125 -5.12 28.40 20.13
C ALA A 125 -4.48 29.65 19.54
N VAL A 126 -4.34 30.70 20.36
CA VAL A 126 -3.66 31.90 19.88
C VAL A 126 -2.25 31.63 19.37
N LYS A 127 -1.49 30.80 20.09
CA LYS A 127 -0.10 30.58 19.71
C LYS A 127 0.02 29.71 18.45
N GLU A 128 -0.93 28.79 18.25
CA GLU A 128 -0.93 27.97 17.04
C GLU A 128 -1.39 28.78 15.82
N MET A 129 -2.34 29.68 16.02
CA MET A 129 -2.71 30.62 14.97
C MET A 129 -1.51 31.47 14.54
N GLU A 130 -0.77 31.98 15.53
CA GLU A 130 0.43 32.77 15.27
C GLU A 130 1.35 31.97 14.37
N ARG A 131 1.59 30.74 14.78
CA ARG A 131 2.44 29.81 14.04
C ARG A 131 1.87 29.53 12.65
N CYS A 132 0.56 29.26 12.56
CA CYS A 132 -0.06 29.00 11.26
C CYS A 132 0.13 30.15 10.29
N VAL A 133 -0.03 31.37 10.79
CA VAL A 133 0.11 32.56 9.95
C VAL A 133 1.58 32.92 9.70
N LYS A 134 2.37 33.03 10.77
CA LYS A 134 3.75 33.48 10.60
C LYS A 134 4.70 32.43 10.04
N GLU A 135 4.64 31.22 10.59
CA GLU A 135 5.56 30.16 10.19
C GLU A 135 5.04 29.37 8.97
N LEU A 136 3.77 28.95 8.98
CA LEU A 136 3.22 28.12 7.91
C LEU A 136 2.62 28.91 6.73
N GLY A 137 2.34 30.19 6.95
CA GLY A 137 1.84 31.05 5.89
C GLY A 137 0.37 30.84 5.51
N PHE A 138 -0.44 30.29 6.41
CA PHE A 138 -1.86 30.09 6.13
C PHE A 138 -2.58 31.43 6.16
N PRO A 139 -3.55 31.62 5.26
CA PRO A 139 -4.35 32.85 5.27
C PRO A 139 -5.47 32.85 6.31
N GLY A 140 -5.77 31.69 6.90
CA GLY A 140 -6.88 31.57 7.83
C GLY A 140 -6.92 30.24 8.55
N VAL A 141 -7.95 30.03 9.36
CA VAL A 141 -8.15 28.75 10.03
C VAL A 141 -9.60 28.32 9.92
N GLN A 142 -9.84 27.01 10.02
CA GLN A 142 -11.21 26.51 10.13
C GLN A 142 -11.53 26.19 11.58
N ILE A 143 -12.67 26.66 12.06
CA ILE A 143 -13.10 26.32 13.41
C ILE A 143 -14.55 25.85 13.41
N GLY A 144 -14.98 25.19 14.49
CA GLY A 144 -16.34 24.68 14.57
C GLY A 144 -17.33 25.75 14.98
N THR A 145 -18.62 25.43 14.92
CA THR A 145 -19.69 26.36 15.26
C THR A 145 -19.88 26.54 16.76
N HIS A 146 -19.28 25.64 17.53
CA HIS A 146 -19.25 25.75 18.98
C HIS A 146 -18.09 24.91 19.51
N VAL A 147 -17.66 25.22 20.72
CA VAL A 147 -16.51 24.57 21.33
C VAL A 147 -16.97 23.98 22.67
N ASN A 148 -17.38 22.71 22.65
CA ASN A 148 -17.97 22.07 23.84
C ASN A 148 -19.24 22.81 24.31
N GLU A 149 -19.17 23.48 25.46
CA GLU A 149 -20.35 24.21 25.94
C GLU A 149 -20.33 25.67 25.53
N TRP A 150 -19.26 26.11 24.88
CA TRP A 150 -19.15 27.49 24.41
C TRP A 150 -19.73 27.68 23.00
N ASP A 151 -20.67 28.60 22.86
CA ASP A 151 -21.02 29.06 21.54
C ASP A 151 -20.11 30.22 21.19
N LEU A 152 -20.11 30.66 19.94
CA LEU A 152 -19.10 31.60 19.46
C LEU A 152 -19.19 33.01 20.10
N ASN A 153 -20.16 33.21 21.00
CA ASN A 153 -20.25 34.45 21.78
C ASN A 153 -19.40 34.44 23.04
N ALA A 154 -18.94 33.25 23.45
CA ALA A 154 -18.27 33.09 24.74
C ALA A 154 -17.08 34.02 24.92
N GLN A 155 -17.05 34.70 26.06
CA GLN A 155 -15.99 35.64 26.40
C GLN A 155 -14.62 34.98 26.31
N GLU A 156 -14.56 33.71 26.73
CA GLU A 156 -13.32 32.92 26.72
C GLU A 156 -12.66 32.90 25.34
N LEU A 157 -13.46 32.94 24.29
CA LEU A 157 -12.92 32.90 22.94
C LEU A 157 -12.42 34.25 22.43
N PHE A 158 -12.65 35.33 23.18
CA PHE A 158 -12.29 36.67 22.67
C PHE A 158 -10.79 36.89 22.35
N PRO A 159 -9.87 36.33 23.16
CA PRO A 159 -8.46 36.42 22.77
C PRO A 159 -8.15 35.79 21.40
N VAL A 160 -8.90 34.76 21.01
CA VAL A 160 -8.72 34.16 19.68
C VAL A 160 -9.13 35.16 18.60
N TYR A 161 -10.30 35.76 18.74
CA TYR A 161 -10.79 36.73 17.75
C TYR A 161 -9.84 37.92 17.65
N ALA A 162 -9.36 38.37 18.81
CA ALA A 162 -8.47 39.51 18.83
C ALA A 162 -7.17 39.15 18.09
N ALA A 163 -6.66 37.96 18.36
CA ALA A 163 -5.48 37.47 17.66
C ALA A 163 -5.72 37.46 16.15
N ALA A 164 -6.89 36.97 15.76
CA ALA A 164 -7.15 36.76 14.33
C ALA A 164 -7.27 38.10 13.62
N GLU A 165 -7.90 39.05 14.30
CA GLU A 165 -8.05 40.39 13.76
C GLU A 165 -6.66 41.03 13.61
N ARG A 166 -5.82 40.86 14.64
CA ARG A 166 -4.43 41.34 14.63
C ARG A 166 -3.67 40.82 13.43
N LEU A 167 -3.66 39.49 13.28
CA LEU A 167 -2.85 38.82 12.26
C LEU A 167 -3.50 38.80 10.88
N LYS A 168 -4.72 39.34 10.79
CA LYS A 168 -5.53 39.23 9.57
C LYS A 168 -5.67 37.77 9.17
N CYS A 169 -5.97 36.93 10.16
CA CYS A 169 -6.23 35.53 9.91
C CYS A 169 -7.74 35.36 9.72
N SER A 170 -8.17 35.01 8.52
CA SER A 170 -9.60 34.80 8.26
C SER A 170 -10.13 33.56 8.98
N LEU A 171 -11.41 33.56 9.35
CA LEU A 171 -12.01 32.40 10.02
C LEU A 171 -13.07 31.73 9.12
N PHE A 172 -12.97 30.41 8.94
CA PHE A 172 -14.01 29.65 8.25
C PHE A 172 -14.70 28.81 9.32
N VAL A 173 -15.97 29.11 9.55
CA VAL A 173 -16.74 28.48 10.61
C VAL A 173 -17.58 27.34 10.01
N HIS A 174 -17.34 26.12 10.50
CA HIS A 174 -17.97 24.93 9.95
C HIS A 174 -18.79 24.25 11.03
N PRO A 175 -20.05 23.91 10.73
CA PRO A 175 -20.87 23.20 11.71
C PRO A 175 -20.26 21.84 11.99
N TRP A 176 -20.45 21.33 13.20
CA TRP A 176 -19.91 20.04 13.60
C TRP A 176 -20.51 19.71 14.96
N ASP A 177 -20.33 18.46 15.41
CA ASP A 177 -20.77 18.05 16.73
C ASP A 177 -22.28 18.29 16.93
N MET A 178 -23.08 18.05 15.89
CA MET A 178 -24.54 18.15 16.01
C MET A 178 -25.04 16.95 16.80
N GLN A 179 -26.29 17.02 17.29
CA GLN A 179 -26.92 15.84 17.88
C GLN A 179 -27.07 14.73 16.83
N MET A 180 -26.62 13.52 17.17
CA MET A 180 -26.60 12.42 16.21
C MET A 180 -27.63 11.35 16.55
N ASP A 181 -28.03 11.30 17.81
CA ASP A 181 -28.92 10.25 18.31
C ASP A 181 -30.36 10.73 18.41
N GLY A 182 -31.24 9.84 18.87
CA GLY A 182 -32.62 10.20 19.17
C GLY A 182 -33.43 10.47 17.93
N ARG A 183 -34.11 11.61 17.91
CA ARG A 183 -34.96 11.98 16.79
C ARG A 183 -34.12 12.28 15.55
N MET A 184 -32.85 12.60 15.77
CA MET A 184 -31.98 12.95 14.65
C MET A 184 -31.34 11.71 14.01
N ALA A 185 -31.66 10.53 14.54
CA ALA A 185 -31.04 9.28 14.08
C ALA A 185 -31.63 8.71 12.79
N LYS A 186 -32.43 9.51 12.09
CA LYS A 186 -33.07 9.04 10.86
C LYS A 186 -32.91 10.04 9.74
N TYR A 187 -33.05 9.55 8.50
CA TYR A 187 -33.20 10.42 7.33
C TYR A 187 -32.00 11.35 7.14
N TRP A 188 -30.86 10.98 7.71
CA TRP A 188 -29.65 11.79 7.61
C TRP A 188 -29.86 13.22 8.14
N LEU A 189 -30.79 13.36 9.08
CA LEU A 189 -31.13 14.69 9.64
C LEU A 189 -30.00 15.55 10.25
N PRO A 190 -29.01 14.93 10.94
CA PRO A 190 -27.94 15.78 11.48
C PRO A 190 -27.20 16.55 10.39
N TRP A 191 -27.14 15.98 9.19
CA TRP A 191 -26.47 16.62 8.06
C TRP A 191 -27.42 17.53 7.28
N LEU A 192 -28.67 17.11 7.07
CA LEU A 192 -29.58 17.86 6.22
C LEU A 192 -30.18 19.04 6.99
N VAL A 193 -30.41 18.81 8.29
CA VAL A 193 -31.12 19.79 9.10
C VAL A 193 -30.26 20.31 10.24
N GLY A 194 -29.64 19.39 10.99
CA GLY A 194 -28.83 19.80 12.13
C GLY A 194 -27.66 20.70 11.77
N MET A 195 -27.02 20.45 10.62
CA MET A 195 -25.88 21.27 10.26
C MET A 195 -26.25 22.72 9.89
N PRO A 196 -27.26 22.91 9.03
CA PRO A 196 -27.65 24.32 8.81
C PRO A 196 -28.10 25.00 10.10
N ALA A 197 -28.71 24.25 11.01
CA ALA A 197 -29.19 24.84 12.26
C ALA A 197 -28.02 25.27 13.16
N GLU A 198 -26.97 24.45 13.23
CA GLU A 198 -25.74 24.79 13.94
C GLU A 198 -25.16 26.08 13.43
N THR A 199 -25.13 26.23 12.11
CA THR A 199 -24.54 27.42 11.52
C THR A 199 -25.37 28.67 11.87
N THR A 200 -26.70 28.52 11.82
CA THR A 200 -27.61 29.62 12.16
C THR A 200 -27.37 30.07 13.60
N ILE A 201 -27.23 29.10 14.51
CA ILE A 201 -26.90 29.40 15.90
C ILE A 201 -25.58 30.14 16.02
N ALA A 202 -24.59 29.74 15.22
CA ALA A 202 -23.27 30.37 15.29
C ALA A 202 -23.32 31.83 14.85
N ILE A 203 -24.03 32.08 13.76
CA ILE A 203 -24.19 33.44 13.25
C ILE A 203 -24.94 34.31 14.28
N CYS A 204 -26.04 33.80 14.81
CA CYS A 204 -26.77 34.49 15.90
C CYS A 204 -25.89 34.78 17.12
N SER A 205 -25.09 33.80 17.51
CA SER A 205 -24.25 33.95 18.69
C SER A 205 -23.18 35.01 18.49
N MET A 206 -22.61 35.06 17.29
CA MET A 206 -21.57 36.06 17.00
C MET A 206 -22.10 37.48 16.80
N ILE A 207 -23.34 37.60 16.32
CA ILE A 207 -23.91 38.91 16.13
C ILE A 207 -24.38 39.47 17.47
N MET A 208 -25.21 38.69 18.17
CA MET A 208 -25.77 39.10 19.44
C MET A 208 -24.76 38.99 20.58
N GLY A 209 -23.56 38.53 20.25
CA GLY A 209 -22.46 38.52 21.20
C GLY A 209 -21.62 39.76 21.00
N GLY A 210 -21.87 40.47 19.91
CA GLY A 210 -21.09 41.66 19.59
C GLY A 210 -19.73 41.38 18.97
N VAL A 211 -19.43 40.12 18.67
CA VAL A 211 -18.13 39.77 18.08
C VAL A 211 -17.80 40.70 16.90
N PHE A 212 -18.75 40.89 16.00
CA PHE A 212 -18.55 41.75 14.84
C PHE A 212 -18.41 43.24 15.20
N GLU A 213 -19.06 43.64 16.29
CA GLU A 213 -18.92 45.01 16.80
C GLU A 213 -17.50 45.23 17.34
N LYS A 214 -17.10 44.37 18.27
CA LYS A 214 -15.82 44.49 18.96
C LYS A 214 -14.60 44.14 18.11
N PHE A 215 -14.81 43.42 17.02
CA PHE A 215 -13.72 43.13 16.08
C PHE A 215 -14.16 43.40 14.64
N PRO A 216 -14.38 44.68 14.31
CA PRO A 216 -15.00 44.99 13.01
C PRO A 216 -14.08 44.77 11.82
N LYS A 217 -12.83 44.39 12.09
CA LYS A 217 -11.90 44.03 11.02
C LYS A 217 -11.68 42.52 10.93
N LEU A 218 -12.34 41.76 11.80
CA LEU A 218 -12.28 40.29 11.76
C LEU A 218 -13.04 39.75 10.54
N LYS A 219 -12.41 38.88 9.76
CA LYS A 219 -13.06 38.30 8.58
C LYS A 219 -13.54 36.87 8.82
N VAL A 220 -14.86 36.68 8.68
CA VAL A 220 -15.51 35.42 9.05
C VAL A 220 -16.37 34.92 7.89
N CYS A 221 -16.17 33.65 7.52
CA CYS A 221 -17.04 32.99 6.54
C CYS A 221 -17.77 31.80 7.16
N PHE A 222 -19.07 31.70 6.91
CA PHE A 222 -19.85 30.57 7.37
C PHE A 222 -20.12 29.56 6.26
N ALA A 223 -20.21 28.29 6.64
CA ALA A 223 -20.46 27.17 5.71
C ALA A 223 -21.93 26.99 5.30
N HIS A 224 -22.15 26.37 4.14
CA HIS A 224 -23.50 26.09 3.62
C HIS A 224 -24.44 27.28 3.54
N GLY A 225 -24.00 28.34 2.87
CA GLY A 225 -24.81 29.54 2.69
C GLY A 225 -25.38 30.08 3.98
N GLY A 226 -24.66 29.86 5.09
CA GLY A 226 -25.11 30.35 6.38
C GLY A 226 -26.27 29.59 7.00
N GLY A 227 -26.46 28.33 6.59
CA GLY A 227 -27.51 27.53 7.17
C GLY A 227 -28.90 28.02 6.80
N ALA A 228 -29.71 28.36 7.79
CA ALA A 228 -31.06 28.87 7.54
C ALA A 228 -31.09 30.40 7.64
N PHE A 229 -29.98 31.01 8.06
CA PHE A 229 -29.93 32.44 8.34
C PHE A 229 -30.47 33.39 7.26
N PRO A 230 -30.09 33.19 5.97
CA PRO A 230 -30.58 34.10 4.93
C PRO A 230 -32.10 34.14 4.84
N PHE A 231 -32.76 33.03 5.18
CA PHE A 231 -34.22 32.95 5.10
C PHE A 231 -34.89 33.37 6.40
N THR A 232 -34.29 32.99 7.53
CA THR A 232 -34.90 33.23 8.84
C THR A 232 -34.46 34.56 9.48
N VAL A 233 -33.63 35.33 8.79
CA VAL A 233 -33.10 36.59 9.33
C VAL A 233 -34.21 37.59 9.74
N GLY A 234 -35.35 37.51 9.06
CA GLY A 234 -36.48 38.40 9.38
C GLY A 234 -37.02 38.14 10.77
N ARG A 235 -37.22 36.86 11.07
CA ARG A 235 -37.73 36.40 12.35
C ARG A 235 -36.74 36.69 13.47
N ILE A 236 -35.46 36.41 13.20
CA ILE A 236 -34.41 36.67 14.17
C ILE A 236 -34.35 38.16 14.50
N SER A 237 -34.31 38.99 13.46
CA SER A 237 -34.24 40.45 13.61
C SER A 237 -35.50 41.06 14.22
N HIS A 238 -36.64 40.40 14.02
CA HIS A 238 -37.87 40.87 14.63
C HIS A 238 -37.91 40.47 16.09
N GLY A 239 -37.49 39.24 16.39
CA GLY A 239 -37.45 38.74 17.76
C GLY A 239 -36.51 39.57 18.61
N PHE A 240 -35.40 40.01 18.00
CA PHE A 240 -34.46 40.93 18.61
C PHE A 240 -35.17 42.24 19.01
N SER A 241 -35.88 42.86 18.05
CA SER A 241 -36.58 44.13 18.30
C SER A 241 -37.66 43.96 19.36
N MET A 242 -38.23 42.76 19.41
CA MET A 242 -39.36 42.47 20.28
C MET A 242 -38.95 42.15 21.72
N ARG A 243 -37.86 41.41 21.90
CA ARG A 243 -37.39 41.11 23.25
C ARG A 243 -35.91 41.46 23.42
N PRO A 244 -35.61 42.77 23.49
CA PRO A 244 -34.23 43.22 23.68
C PRO A 244 -33.66 42.75 25.02
N ASP A 245 -34.55 42.50 25.97
CA ASP A 245 -34.15 41.93 27.26
C ASP A 245 -33.53 40.54 27.15
N LEU A 246 -33.95 39.77 26.15
CA LEU A 246 -33.37 38.43 25.94
C LEU A 246 -32.25 38.48 24.91
N CYS A 247 -32.33 39.42 23.97
CA CYS A 247 -31.54 39.37 22.75
C CYS A 247 -30.50 40.47 22.60
N ALA A 248 -30.71 41.61 23.27
CA ALA A 248 -29.89 42.78 23.02
C ALA A 248 -28.95 43.15 24.19
N GLN A 249 -28.80 42.25 25.15
CA GLN A 249 -28.02 42.57 26.35
C GLN A 249 -26.52 42.74 26.10
N ASP A 250 -25.99 42.02 25.12
CA ASP A 250 -24.55 42.08 24.83
C ASP A 250 -24.25 42.98 23.64
N ASN A 251 -25.20 43.11 22.72
CA ASN A 251 -25.03 43.97 21.56
C ASN A 251 -26.37 44.56 21.10
N PRO A 252 -26.50 45.89 21.20
CA PRO A 252 -27.76 46.63 20.98
C PRO A 252 -28.14 46.79 19.52
N MET A 253 -27.20 46.58 18.60
CA MET A 253 -27.52 46.67 17.18
C MET A 253 -28.31 45.44 16.67
N ASN A 254 -29.39 45.73 15.93
CA ASN A 254 -30.19 44.72 15.25
C ASN A 254 -29.35 43.85 14.30
N PRO A 255 -29.64 42.55 14.28
CA PRO A 255 -28.90 41.60 13.42
C PRO A 255 -28.81 42.06 11.96
N LYS A 256 -29.83 42.74 11.45
CA LYS A 256 -29.77 43.21 10.06
C LYS A 256 -28.56 44.09 9.75
N LYS A 257 -28.08 44.84 10.74
CA LYS A 257 -26.93 45.74 10.54
C LYS A 257 -25.62 45.02 10.16
N TYR A 258 -25.53 43.73 10.45
CA TYR A 258 -24.32 42.96 10.12
C TYR A 258 -24.45 42.22 8.80
N LEU A 259 -25.55 42.45 8.10
CA LEU A 259 -25.65 41.99 6.73
C LEU A 259 -24.64 42.75 5.89
N GLY A 260 -23.68 42.01 5.32
CA GLY A 260 -22.56 42.60 4.62
C GLY A 260 -21.32 42.63 5.48
N SER A 261 -21.46 42.30 6.77
CA SER A 261 -20.32 42.30 7.70
C SER A 261 -19.53 40.97 7.70
N PHE A 262 -20.04 39.98 6.95
CA PHE A 262 -19.43 38.65 6.92
C PHE A 262 -19.82 37.86 5.69
N TYR A 263 -19.09 36.77 5.47
CA TYR A 263 -19.20 35.97 4.25
C TYR A 263 -19.92 34.65 4.50
N THR A 264 -20.39 34.01 3.43
CA THR A 264 -20.87 32.63 3.51
C THR A 264 -20.35 31.92 2.27
N ASP A 265 -20.30 30.59 2.29
CA ASP A 265 -19.98 29.91 1.04
C ASP A 265 -21.26 29.86 0.21
N ALA A 266 -21.19 29.44 -1.04
CA ALA A 266 -22.37 29.46 -1.89
C ALA A 266 -23.05 28.10 -1.97
N LEU A 267 -22.78 27.24 -1.00
CA LEU A 267 -23.21 25.85 -1.07
C LEU A 267 -24.64 25.68 -0.58
N VAL A 268 -25.61 26.04 -1.44
CA VAL A 268 -27.04 25.90 -1.13
C VAL A 268 -27.81 25.14 -2.21
N HIS A 269 -27.11 24.62 -3.22
CA HIS A 269 -27.69 23.68 -4.20
C HIS A 269 -28.71 24.25 -5.21
N ASP A 270 -29.64 25.08 -4.75
CA ASP A 270 -30.70 25.59 -5.63
C ASP A 270 -30.55 27.04 -6.08
N PRO A 271 -30.95 27.33 -7.34
CA PRO A 271 -30.78 28.71 -7.84
C PRO A 271 -31.60 29.73 -7.08
N LEU A 272 -32.84 29.39 -6.68
CA LEU A 272 -33.64 30.30 -5.86
C LEU A 272 -32.95 30.61 -4.53
N SER A 273 -32.38 29.59 -3.89
CA SER A 273 -31.63 29.78 -2.66
C SER A 273 -30.37 30.62 -2.89
N LEU A 274 -29.66 30.34 -3.98
CA LEU A 274 -28.45 31.11 -4.29
C LEU A 274 -28.80 32.58 -4.47
N LYS A 275 -29.89 32.86 -5.20
CA LYS A 275 -30.32 34.23 -5.44
C LYS A 275 -30.64 34.97 -4.14
N LEU A 276 -31.42 34.32 -3.26
CA LEU A 276 -31.75 34.93 -1.99
C LEU A 276 -30.48 35.21 -1.18
N LEU A 277 -29.54 34.27 -1.21
CA LEU A 277 -28.28 34.43 -0.47
C LEU A 277 -27.55 35.70 -0.87
N THR A 278 -27.42 35.93 -2.17
CA THR A 278 -26.72 37.11 -2.67
C THR A 278 -27.54 38.37 -2.37
N ASP A 279 -28.86 38.26 -2.42
CA ASP A 279 -29.75 39.37 -2.07
C ASP A 279 -29.57 39.79 -0.61
N VAL A 280 -29.34 38.83 0.27
CA VAL A 280 -29.29 39.07 1.72
C VAL A 280 -27.87 39.32 2.24
N ILE A 281 -26.93 38.49 1.80
CA ILE A 281 -25.55 38.56 2.29
C ILE A 281 -24.75 39.56 1.46
N GLY A 282 -25.12 39.69 0.18
CA GLY A 282 -24.44 40.61 -0.70
C GLY A 282 -23.62 39.89 -1.76
N LYS A 283 -23.58 40.45 -2.97
CA LYS A 283 -22.85 39.82 -4.06
C LYS A 283 -21.34 39.81 -3.84
N ASP A 284 -20.88 40.49 -2.79
CA ASP A 284 -19.45 40.56 -2.47
C ASP A 284 -19.05 39.62 -1.33
N LYS A 285 -20.03 38.94 -0.76
CA LYS A 285 -19.84 38.21 0.48
C LYS A 285 -20.18 36.74 0.35
N VAL A 286 -20.38 36.30 -0.89
CA VAL A 286 -20.76 34.91 -1.17
C VAL A 286 -19.59 34.27 -1.94
N ILE A 287 -19.09 33.14 -1.43
CA ILE A 287 -17.88 32.52 -1.95
C ILE A 287 -18.14 31.09 -2.43
N LEU A 288 -17.76 30.79 -3.67
CA LEU A 288 -17.90 29.41 -4.16
C LEU A 288 -17.21 28.44 -3.21
N GLY A 289 -17.98 27.46 -2.76
CA GLY A 289 -17.49 26.43 -1.84
C GLY A 289 -18.21 25.15 -2.17
N THR A 290 -17.51 24.05 -2.03
CA THR A 290 -17.98 22.81 -2.64
C THR A 290 -18.16 21.61 -1.70
N ASP A 291 -17.51 21.65 -0.53
CA ASP A 291 -17.50 20.49 0.39
C ASP A 291 -16.84 19.23 -0.21
N TYR A 292 -16.00 19.44 -1.22
CA TYR A 292 -15.16 18.38 -1.77
C TYR A 292 -14.37 17.75 -0.64
N PRO A 293 -14.29 16.40 -0.62
CA PRO A 293 -14.79 15.47 -1.64
C PRO A 293 -16.04 14.72 -1.20
N PHE A 294 -16.83 15.30 -0.29
CA PHE A 294 -18.01 14.64 0.24
C PHE A 294 -19.24 14.76 -0.69
N PRO A 295 -20.10 13.73 -0.69
CA PRO A 295 -21.20 13.64 -1.67
C PRO A 295 -22.31 14.66 -1.42
N LEU A 296 -22.42 15.17 -0.20
CA LEU A 296 -23.39 16.21 0.10
C LEU A 296 -22.96 17.55 -0.52
N GLY A 297 -21.77 17.59 -1.10
CA GLY A 297 -21.24 18.81 -1.68
C GLY A 297 -21.71 19.08 -3.08
N GLU A 298 -21.15 20.10 -3.73
CA GLU A 298 -21.52 20.40 -5.14
C GLU A 298 -20.68 19.53 -6.08
N LEU A 299 -21.33 18.65 -6.83
CA LEU A 299 -20.57 17.69 -7.62
C LEU A 299 -19.84 18.33 -8.80
N GLU A 300 -20.43 19.37 -9.36
CA GLU A 300 -19.82 20.08 -10.49
C GLU A 300 -19.50 21.51 -10.07
N PRO A 301 -18.30 21.74 -9.53
CA PRO A 301 -17.94 23.01 -8.88
C PRO A 301 -18.23 24.26 -9.72
N GLY A 302 -19.08 25.13 -9.19
CA GLY A 302 -19.39 26.41 -9.83
C GLY A 302 -20.50 26.35 -10.89
N LYS A 303 -21.06 25.17 -11.11
CA LYS A 303 -22.09 25.01 -12.14
C LYS A 303 -23.38 25.73 -11.76
N LEU A 304 -23.73 25.73 -10.48
CA LEU A 304 -24.91 26.47 -10.05
C LEU A 304 -24.71 27.97 -10.29
N ILE A 305 -23.54 28.50 -9.90
CA ILE A 305 -23.22 29.91 -10.15
C ILE A 305 -23.28 30.28 -11.64
N GLU A 306 -22.66 29.47 -12.50
CA GLU A 306 -22.61 29.75 -13.95
C GLU A 306 -23.97 29.65 -14.66
N SER A 307 -24.89 28.91 -14.06
CA SER A 307 -26.25 28.76 -14.60
C SER A 307 -27.18 29.92 -14.23
N MET A 308 -26.75 30.76 -13.28
CA MET A 308 -27.59 31.87 -12.83
C MET A 308 -27.71 32.92 -13.93
N GLU A 309 -28.78 32.81 -14.73
CA GLU A 309 -28.98 33.70 -15.87
C GLU A 309 -29.04 35.20 -15.49
N GLU A 310 -29.41 35.49 -14.24
CA GLU A 310 -29.58 36.86 -13.76
C GLU A 310 -28.24 37.58 -13.49
N PHE A 311 -27.22 36.82 -13.13
CA PHE A 311 -25.92 37.39 -12.76
C PHE A 311 -25.17 37.86 -14.00
N ASP A 312 -24.56 39.04 -13.91
CA ASP A 312 -23.64 39.47 -14.97
C ASP A 312 -22.29 38.79 -14.77
N GLU A 313 -21.39 38.95 -15.74
CA GLU A 313 -20.09 38.31 -15.68
C GLU A 313 -19.27 38.74 -14.47
N GLU A 314 -19.37 40.02 -14.10
CA GLU A 314 -18.63 40.52 -12.93
C GLU A 314 -19.06 39.82 -11.65
N THR A 315 -20.36 39.60 -11.49
CA THR A 315 -20.89 38.95 -10.31
C THR A 315 -20.46 37.48 -10.25
N LYS A 316 -20.58 36.78 -11.37
CA LYS A 316 -20.14 35.39 -11.45
C LYS A 316 -18.65 35.27 -11.12
N ASN A 317 -17.84 36.16 -11.68
CA ASN A 317 -16.41 36.14 -11.39
C ASN A 317 -16.13 36.41 -9.91
N LYS A 318 -16.99 37.21 -9.28
CA LYS A 318 -16.85 37.47 -7.84
C LYS A 318 -17.16 36.22 -7.04
N LEU A 319 -18.27 35.57 -7.38
CA LEU A 319 -18.71 34.41 -6.62
C LEU A 319 -17.70 33.28 -6.80
N LYS A 320 -17.19 33.17 -8.02
CA LYS A 320 -16.28 32.08 -8.37
C LYS A 320 -14.87 32.21 -7.80
N ALA A 321 -14.40 33.44 -7.59
CA ALA A 321 -13.02 33.66 -7.18
C ALA A 321 -12.74 34.99 -6.46
N GLY A 322 -13.29 36.09 -6.98
CA GLY A 322 -12.98 37.40 -6.41
C GLY A 322 -13.27 37.54 -4.93
N ASN A 323 -14.45 37.11 -4.50
CA ASN A 323 -14.81 37.17 -3.10
C ASN A 323 -13.90 36.33 -2.21
N ALA A 324 -13.54 35.14 -2.68
CA ALA A 324 -12.59 34.28 -1.98
C ALA A 324 -11.28 35.02 -1.73
N LEU A 325 -10.79 35.70 -2.76
CA LEU A 325 -9.50 36.39 -2.67
C LEU A 325 -9.58 37.52 -1.65
N ALA A 326 -10.64 38.32 -1.74
CA ALA A 326 -10.90 39.38 -0.78
C ALA A 326 -10.95 38.84 0.65
N PHE A 327 -11.68 37.74 0.85
CA PHE A 327 -11.82 37.14 2.19
C PHE A 327 -10.49 36.60 2.72
N LEU A 328 -9.68 36.03 1.85
CA LEU A 328 -8.39 35.48 2.25
C LEU A 328 -7.28 36.55 2.28
N GLY A 329 -7.56 37.71 1.71
CA GLY A 329 -6.54 38.74 1.61
C GLY A 329 -5.40 38.30 0.71
N LEU A 330 -5.72 37.47 -0.28
CA LEU A 330 -4.76 37.03 -1.28
C LEU A 330 -4.98 37.79 -2.58
N GLU A 331 -4.11 37.55 -3.56
CA GLU A 331 -4.19 38.26 -4.83
C GLU A 331 -4.27 37.33 -6.03
N ARG A 332 -5.09 37.71 -7.01
CA ARG A 332 -5.27 36.96 -8.25
C ARG A 332 -3.97 36.47 -8.85
N LYS A 333 -2.94 37.32 -8.79
CA LYS A 333 -1.67 37.06 -9.43
C LYS A 333 -1.00 35.75 -9.04
N GLN A 334 -0.99 35.42 -7.75
CA GLN A 334 -0.28 34.21 -7.27
C GLN A 334 -0.91 32.90 -7.75
N PHE A 335 -2.02 33.01 -8.48
CA PHE A 335 -2.65 31.87 -9.11
C PHE A 335 -3.02 32.25 -10.54
N MET B 1 30.21 18.75 15.14
CA MET B 1 29.12 18.55 16.07
C MET B 1 28.22 19.78 16.13
N LYS B 2 27.91 20.35 14.96
CA LYS B 2 26.89 21.38 14.90
C LYS B 2 26.07 21.06 13.67
N ILE B 3 26.67 21.18 12.50
CA ILE B 3 25.93 20.95 11.24
C ILE B 3 26.49 19.79 10.42
N ASP B 4 25.62 18.93 9.92
CA ASP B 4 26.03 17.78 9.11
C ASP B 4 25.56 17.98 7.68
N ILE B 5 26.47 18.31 6.77
CA ILE B 5 26.10 18.68 5.40
C ILE B 5 25.85 17.45 4.53
N HIS B 6 26.19 16.27 5.06
CA HIS B 6 26.19 15.04 4.27
C HIS B 6 25.39 13.97 4.99
N SER B 7 24.08 13.95 4.76
CA SER B 7 23.23 12.94 5.41
C SER B 7 22.11 12.56 4.45
N HIS B 8 21.71 11.30 4.48
CA HIS B 8 20.72 10.79 3.52
C HIS B 8 19.44 10.41 4.21
N ILE B 9 18.31 10.55 3.51
CA ILE B 9 17.02 10.13 4.05
C ILE B 9 16.13 9.61 2.92
N LEU B 10 15.20 8.72 3.27
CA LEU B 10 14.24 8.21 2.30
C LEU B 10 12.86 8.42 2.87
N PRO B 11 11.85 8.54 1.99
CA PRO B 11 10.46 8.50 2.51
C PRO B 11 10.21 7.09 3.06
N LYS B 12 9.29 6.93 3.99
CA LYS B 12 9.03 5.61 4.57
C LYS B 12 8.42 4.65 3.54
N GLU B 13 7.63 5.22 2.61
CA GLU B 13 7.03 4.41 1.55
C GLU B 13 6.93 5.24 0.30
N TRP B 14 6.88 4.58 -0.86
CA TRP B 14 6.63 5.26 -2.12
C TRP B 14 6.02 4.26 -3.11
N PRO B 15 5.33 4.74 -4.17
CA PRO B 15 4.63 3.79 -5.06
C PRO B 15 5.57 2.78 -5.73
N ASP B 16 5.01 1.66 -6.17
CA ASP B 16 5.73 0.74 -7.07
C ASP B 16 6.12 1.51 -8.34
N LEU B 17 7.42 1.71 -8.57
CA LEU B 17 7.85 2.57 -9.65
C LEU B 17 7.84 1.84 -10.99
N LYS B 18 8.05 0.53 -10.95
CA LYS B 18 8.04 -0.28 -12.16
C LYS B 18 6.64 -0.24 -12.78
N LYS B 19 5.62 -0.25 -11.93
CA LYS B 19 4.23 -0.13 -12.39
C LYS B 19 3.90 1.29 -12.85
N ARG B 20 4.29 2.27 -12.04
CA ARG B 20 4.04 3.68 -12.34
C ARG B 20 4.65 4.09 -13.68
N PHE B 21 5.83 3.56 -13.99
CA PHE B 21 6.61 4.02 -15.14
C PHE B 21 6.66 3.06 -16.32
N GLY B 22 6.42 1.78 -16.09
CA GLY B 22 6.32 0.84 -17.19
C GLY B 22 7.54 -0.02 -17.44
N TYR B 23 8.63 0.25 -16.72
CA TYR B 23 9.86 -0.50 -16.87
C TYR B 23 10.59 -0.63 -15.54
N GLY B 24 11.48 -1.61 -15.45
CA GLY B 24 12.18 -1.89 -14.20
C GLY B 24 13.45 -1.10 -14.04
N GLY B 25 14.21 -1.42 -13.01
CA GLY B 25 15.51 -0.81 -12.77
C GLY B 25 15.48 0.11 -11.57
N TRP B 26 14.29 0.31 -11.00
CA TRP B 26 14.07 1.23 -9.90
C TRP B 26 14.29 0.59 -8.51
N VAL B 27 14.29 1.42 -7.48
CA VAL B 27 14.46 0.87 -6.14
C VAL B 27 13.21 1.08 -5.28
N GLN B 28 12.95 0.11 -4.41
CA GLN B 28 11.84 0.20 -3.49
C GLN B 28 12.38 -0.08 -2.11
N LEU B 29 11.64 0.36 -1.09
CA LEU B 29 11.98 0.08 0.29
C LEU B 29 11.03 -0.98 0.82
N GLN B 30 11.58 -2.10 1.26
CA GLN B 30 10.76 -3.21 1.77
C GLN B 30 10.91 -3.30 3.29
N HIS B 31 9.82 -3.08 4.03
CA HIS B 31 9.81 -3.26 5.49
C HIS B 31 9.52 -4.72 5.86
N HIS B 32 10.55 -5.41 6.34
CA HIS B 32 10.53 -6.86 6.42
C HIS B 32 10.74 -7.29 7.87
N SER B 33 11.12 -6.33 8.71
CA SER B 33 11.49 -6.64 10.08
C SER B 33 11.11 -5.54 11.05
N LYS B 34 11.55 -5.72 12.29
CA LYS B 34 11.32 -4.75 13.37
C LYS B 34 12.35 -3.63 13.32
N GLY B 35 11.91 -2.45 12.88
CA GLY B 35 12.77 -1.28 12.77
C GLY B 35 13.84 -1.41 11.70
N GLU B 36 13.61 -2.35 10.78
CA GLU B 36 14.60 -2.66 9.76
C GLU B 36 13.92 -2.74 8.37
N ALA B 37 14.64 -2.34 7.33
CA ALA B 37 14.11 -2.40 5.98
C ALA B 37 15.21 -2.66 4.98
N LYS B 38 14.82 -3.09 3.79
CA LYS B 38 15.80 -3.33 2.75
C LYS B 38 15.50 -2.51 1.51
N LEU B 39 16.55 -1.94 0.93
CA LEU B 39 16.46 -1.29 -0.37
C LEU B 39 16.61 -2.36 -1.42
N LEU B 40 15.60 -2.52 -2.25
CA LEU B 40 15.62 -3.59 -3.27
C LEU B 40 15.74 -2.95 -4.63
N LYS B 41 16.54 -3.57 -5.48
CA LYS B 41 16.73 -3.07 -6.83
C LYS B 41 16.27 -4.16 -7.79
N ASP B 42 15.02 -4.03 -8.21
CA ASP B 42 14.27 -5.08 -8.90
C ASP B 42 14.32 -6.39 -8.13
N GLY B 43 13.87 -6.35 -6.88
CA GLY B 43 13.78 -7.56 -6.08
C GLY B 43 15.08 -8.01 -5.43
N LYS B 44 16.20 -7.39 -5.80
CA LYS B 44 17.52 -7.75 -5.26
C LYS B 44 18.00 -6.80 -4.14
N VAL B 45 18.36 -7.34 -2.98
CA VAL B 45 18.81 -6.52 -1.85
C VAL B 45 20.13 -5.87 -2.22
N PHE B 46 20.22 -4.55 -2.05
CA PHE B 46 21.53 -3.92 -2.22
C PHE B 46 21.95 -3.10 -1.01
N ARG B 47 21.03 -2.83 -0.09
CA ARG B 47 21.38 -2.19 1.17
C ARG B 47 20.31 -2.52 2.22
N VAL B 48 20.76 -2.75 3.45
CA VAL B 48 19.85 -2.94 4.58
C VAL B 48 19.93 -1.69 5.45
N VAL B 49 18.77 -1.15 5.80
CA VAL B 49 18.73 0.08 6.58
C VAL B 49 17.82 -0.06 7.80
N ARG B 50 17.92 0.91 8.70
CA ARG B 50 17.13 0.95 9.92
C ARG B 50 16.26 2.19 9.90
N GLU B 51 15.38 2.31 10.90
CA GLU B 51 14.36 3.34 10.91
C GLU B 51 14.94 4.74 10.86
N ASN B 52 16.19 4.92 11.30
CA ASN B 52 16.79 6.25 11.22
C ASN B 52 16.95 6.73 9.77
N CYS B 53 16.77 5.82 8.80
CA CYS B 53 16.87 6.18 7.39
C CYS B 53 15.62 6.90 6.86
N TRP B 54 14.51 6.79 7.60
CA TRP B 54 13.23 7.38 7.16
C TRP B 54 12.44 8.11 8.23
N ASP B 55 12.75 7.88 9.50
CA ASP B 55 11.94 8.45 10.59
C ASP B 55 12.61 9.68 11.20
N PRO B 56 12.02 10.86 10.94
CA PRO B 56 12.63 12.11 11.41
C PRO B 56 12.74 12.14 12.92
N GLU B 57 11.75 11.60 13.63
CA GLU B 57 11.79 11.60 15.09
C GLU B 57 12.94 10.76 15.67
N VAL B 58 13.24 9.63 15.02
CA VAL B 58 14.39 8.80 15.39
C VAL B 58 15.69 9.54 15.12
N ARG B 59 15.76 10.23 13.97
CA ARG B 59 16.94 11.00 13.61
C ARG B 59 17.24 12.11 14.62
N ILE B 60 16.20 12.84 15.01
CA ILE B 60 16.31 13.95 15.95
C ILE B 60 16.87 13.46 17.28
N ARG B 61 16.42 12.26 17.66
CA ARG B 61 16.85 11.65 18.91
C ARG B 61 18.35 11.31 18.86
N GLU B 62 18.81 10.77 17.72
CA GLU B 62 20.23 10.44 17.57
C GLU B 62 21.07 11.70 17.45
N MET B 63 20.54 12.70 16.75
CA MET B 63 21.21 13.99 16.64
C MET B 63 21.41 14.59 18.04
N ASP B 64 20.36 14.49 18.85
CA ASP B 64 20.36 15.09 20.20
C ASP B 64 21.51 14.47 21.02
N GLN B 65 21.60 13.14 20.96
CA GLN B 65 22.64 12.38 21.64
C GLN B 65 24.03 12.72 21.10
N LYS B 66 24.13 12.96 19.79
CA LYS B 66 25.43 13.22 19.17
C LYS B 66 25.77 14.70 19.16
N GLY B 67 24.82 15.54 19.57
CA GLY B 67 25.06 16.97 19.61
C GLY B 67 25.02 17.63 18.24
N VAL B 68 24.29 17.02 17.31
CA VAL B 68 24.13 17.61 15.99
C VAL B 68 22.94 18.57 15.97
N THR B 69 23.20 19.82 15.62
CA THR B 69 22.16 20.84 15.59
C THR B 69 21.30 20.75 14.35
N VAL B 70 21.92 20.54 13.19
CA VAL B 70 21.17 20.44 11.95
C VAL B 70 21.74 19.46 10.93
N GLN B 71 20.87 18.72 10.25
CA GLN B 71 21.29 17.89 9.12
C GLN B 71 20.78 18.50 7.84
N ALA B 72 21.66 18.60 6.86
CA ALA B 72 21.23 18.84 5.49
C ALA B 72 20.77 17.51 4.92
N LEU B 73 19.48 17.41 4.60
CA LEU B 73 18.88 16.16 4.15
C LEU B 73 18.94 16.07 2.63
N SER B 74 19.58 15.01 2.13
CA SER B 74 19.51 14.71 0.71
C SER B 74 18.99 13.27 0.50
N THR B 75 18.57 12.95 -0.71
CA THR B 75 18.15 11.58 -0.96
C THR B 75 19.36 10.64 -1.05
N VAL B 76 19.09 9.33 -1.02
CA VAL B 76 20.15 8.34 -1.24
C VAL B 76 20.51 8.34 -2.72
N PRO B 77 21.80 8.46 -3.04
CA PRO B 77 22.30 8.62 -4.41
C PRO B 77 21.78 7.59 -5.41
N VAL B 78 21.51 6.36 -4.98
CA VAL B 78 20.92 5.35 -5.89
C VAL B 78 19.55 5.81 -6.45
N MET B 79 18.89 6.70 -5.74
CA MET B 79 17.63 7.28 -6.22
C MET B 79 17.79 8.31 -7.37
N PHE B 80 19.01 8.75 -7.69
CA PHE B 80 19.23 9.76 -8.74
C PHE B 80 18.51 9.41 -10.04
N SER B 81 18.61 8.16 -10.46
CA SER B 81 17.87 7.68 -11.64
C SER B 81 18.13 8.47 -12.93
N TYR B 82 19.38 8.85 -13.19
CA TYR B 82 19.70 9.60 -14.41
C TYR B 82 19.55 8.75 -15.67
N TRP B 83 19.47 7.42 -15.50
CA TRP B 83 19.45 6.45 -16.60
C TRP B 83 18.05 6.32 -17.22
N ALA B 84 17.04 6.82 -16.50
CA ALA B 84 15.63 6.60 -16.87
C ALA B 84 15.10 7.62 -17.89
N LYS B 85 13.85 7.45 -18.30
CA LYS B 85 13.22 8.45 -19.15
C LYS B 85 13.10 9.76 -18.35
N PRO B 86 13.46 10.88 -18.98
CA PRO B 86 13.50 12.21 -18.35
C PRO B 86 12.25 12.57 -17.55
N GLU B 87 11.06 12.42 -18.10
CA GLU B 87 9.86 12.77 -17.34
C GLU B 87 9.61 11.80 -16.17
N ASP B 88 10.09 10.58 -16.29
CA ASP B 88 9.93 9.63 -15.20
C ASP B 88 10.87 10.04 -14.05
N THR B 89 12.14 10.27 -14.36
CA THR B 89 13.09 10.81 -13.36
C THR B 89 12.52 12.09 -12.74
N LEU B 90 12.00 12.99 -13.58
CA LEU B 90 11.43 14.23 -13.05
C LEU B 90 10.30 13.93 -12.07
N ASN B 91 9.44 12.97 -12.41
CA ASN B 91 8.30 12.64 -11.55
C ASN B 91 8.77 12.09 -10.18
N LEU B 92 9.82 11.27 -10.21
CA LEU B 92 10.40 10.75 -8.96
C LEU B 92 11.07 11.87 -8.15
N CYS B 93 11.84 12.75 -8.82
CA CYS B 93 12.40 13.93 -8.13
C CYS B 93 11.33 14.74 -7.38
N GLN B 94 10.21 15.04 -8.04
CA GLN B 94 9.18 15.85 -7.42
C GLN B 94 8.66 15.18 -6.16
N LEU B 95 8.45 13.87 -6.25
CA LEU B 95 8.02 13.08 -5.09
C LEU B 95 9.05 13.13 -3.94
N LEU B 96 10.33 12.91 -4.26
CA LEU B 96 11.38 12.91 -3.22
C LEU B 96 11.58 14.31 -2.65
N ASN B 97 11.57 15.31 -3.51
CA ASN B 97 11.74 16.68 -3.10
C ASN B 97 10.60 17.17 -2.20
N ASN B 98 9.36 16.85 -2.59
CA ASN B 98 8.20 17.20 -1.75
C ASN B 98 8.27 16.56 -0.38
N ASP B 99 8.73 15.31 -0.35
CA ASP B 99 8.91 14.62 0.92
C ASP B 99 9.95 15.29 1.81
N LEU B 100 11.12 15.62 1.24
CA LEU B 100 12.14 16.37 1.98
C LEU B 100 11.55 17.64 2.54
N ALA B 101 10.81 18.37 1.71
CA ALA B 101 10.22 19.62 2.18
C ALA B 101 9.27 19.40 3.38
N SER B 102 8.51 18.30 3.38
CA SER B 102 7.57 18.06 4.48
C SER B 102 8.31 17.75 5.77
N THR B 103 9.41 17.04 5.68
CA THR B 103 10.26 16.79 6.85
C THR B 103 10.84 18.10 7.43
N VAL B 104 11.33 19.00 6.58
CA VAL B 104 11.81 20.30 7.04
C VAL B 104 10.69 21.11 7.72
N VAL B 105 9.49 21.08 7.14
CA VAL B 105 8.35 21.75 7.78
C VAL B 105 8.14 21.25 9.21
N SER B 106 8.31 19.94 9.44
CA SER B 106 8.12 19.42 10.79
C SER B 106 9.21 19.94 11.74
N TYR B 107 10.45 20.03 11.25
CA TYR B 107 11.54 20.49 12.11
C TYR B 107 12.36 21.58 11.46
N PRO B 108 11.80 22.79 11.32
CA PRO B 108 12.52 23.80 10.54
C PRO B 108 13.83 24.28 11.20
N ARG B 109 14.01 24.00 12.48
CA ARG B 109 15.24 24.39 13.14
C ARG B 109 16.25 23.24 13.23
N ARG B 110 15.88 22.06 12.71
CA ARG B 110 16.80 20.93 12.76
C ARG B 110 17.23 20.42 11.38
N PHE B 111 16.47 20.74 10.33
CA PHE B 111 16.78 20.25 8.99
C PHE B 111 16.75 21.33 7.92
N VAL B 112 17.59 21.17 6.91
CA VAL B 112 17.40 21.83 5.62
C VAL B 112 17.39 20.74 4.54
N GLY B 113 16.85 21.07 3.37
CA GLY B 113 16.77 20.11 2.29
C GLY B 113 17.75 20.40 1.16
N LEU B 114 18.32 19.35 0.60
CA LEU B 114 19.08 19.48 -0.63
C LEU B 114 18.35 18.61 -1.66
N GLY B 115 17.81 19.24 -2.70
CA GLY B 115 16.91 18.56 -3.62
C GLY B 115 17.63 17.71 -4.64
N THR B 116 16.86 16.90 -5.36
CA THR B 116 17.40 16.08 -6.44
C THR B 116 16.80 16.53 -7.80
N LEU B 117 17.55 16.38 -8.88
CA LEU B 117 17.15 16.90 -10.19
C LEU B 117 17.21 15.83 -11.29
N PRO B 118 16.39 15.98 -12.34
CA PRO B 118 16.51 15.11 -13.52
C PRO B 118 17.66 15.55 -14.42
N MET B 119 18.90 15.28 -13.99
CA MET B 119 20.09 15.87 -14.63
C MET B 119 20.32 15.51 -16.11
N GLN B 120 19.68 14.45 -16.60
CA GLN B 120 19.82 14.03 -17.99
C GLN B 120 18.95 14.85 -18.93
N ALA B 121 18.05 15.63 -18.35
CA ALA B 121 17.19 16.52 -19.13
C ALA B 121 17.35 17.91 -18.56
N PRO B 122 18.38 18.63 -19.02
CA PRO B 122 18.80 19.89 -18.39
C PRO B 122 17.69 20.94 -18.27
N GLU B 123 16.75 20.97 -19.23
CA GLU B 123 15.69 21.98 -19.14
C GLU B 123 14.69 21.63 -18.03
N LEU B 124 14.42 20.34 -17.85
CA LEU B 124 13.54 19.90 -16.77
C LEU B 124 14.25 20.13 -15.44
N ALA B 125 15.57 19.99 -15.47
CA ALA B 125 16.40 20.15 -14.28
C ALA B 125 16.39 21.60 -13.83
N VAL B 126 16.49 22.52 -14.79
CA VAL B 126 16.43 23.94 -14.46
C VAL B 126 15.08 24.28 -13.84
N LYS B 127 14.02 23.70 -14.38
CA LYS B 127 12.67 24.01 -13.90
C LYS B 127 12.42 23.45 -12.50
N GLU B 128 12.91 22.23 -12.25
CA GLU B 128 12.76 21.63 -10.92
C GLU B 128 13.69 22.28 -9.88
N MET B 129 14.84 22.79 -10.32
CA MET B 129 15.70 23.53 -9.40
C MET B 129 15.04 24.85 -9.00
N GLU B 130 14.41 25.53 -9.94
CA GLU B 130 13.65 26.73 -9.61
C GLU B 130 12.55 26.42 -8.60
N ARG B 131 11.89 25.28 -8.75
CA ARG B 131 10.85 24.93 -7.80
C ARG B 131 11.43 24.67 -6.42
N CYS B 132 12.51 23.90 -6.37
CA CYS B 132 13.16 23.59 -5.08
C CYS B 132 13.55 24.84 -4.29
N VAL B 133 14.12 25.82 -4.97
CA VAL B 133 14.59 27.03 -4.31
C VAL B 133 13.44 27.98 -4.04
N LYS B 134 12.69 28.33 -5.09
CA LYS B 134 11.66 29.37 -4.98
C LYS B 134 10.41 28.95 -4.18
N GLU B 135 9.99 27.70 -4.34
CA GLU B 135 8.76 27.25 -3.68
C GLU B 135 9.04 26.39 -2.45
N LEU B 136 10.03 25.50 -2.52
CA LEU B 136 10.29 24.56 -1.42
C LEU B 136 11.26 25.17 -0.40
N GLY B 137 11.99 26.20 -0.83
CA GLY B 137 12.94 26.87 0.05
C GLY B 137 14.23 26.11 0.34
N PHE B 138 14.64 25.22 -0.55
CA PHE B 138 15.93 24.55 -0.35
C PHE B 138 17.10 25.49 -0.67
N PRO B 139 18.17 25.41 0.12
CA PRO B 139 19.39 26.20 -0.11
C PRO B 139 20.26 25.60 -1.22
N GLY B 140 19.94 24.37 -1.61
CA GLY B 140 20.76 23.70 -2.61
C GLY B 140 20.21 22.35 -3.08
N VAL B 141 21.01 21.70 -3.92
CA VAL B 141 20.67 20.37 -4.42
C VAL B 141 21.87 19.45 -4.38
N GLN B 142 21.58 18.16 -4.30
CA GLN B 142 22.61 17.16 -4.44
C GLN B 142 22.54 16.55 -5.84
N ILE B 143 23.69 16.46 -6.52
CA ILE B 143 23.74 15.83 -7.83
C ILE B 143 24.90 14.83 -7.88
N GLY B 144 24.89 13.97 -8.90
CA GLY B 144 25.92 12.96 -9.05
C GLY B 144 27.18 13.52 -9.66
N THR B 145 28.23 12.70 -9.65
CA THR B 145 29.52 13.11 -10.19
C THR B 145 29.52 13.03 -11.70
N HIS B 146 28.56 12.29 -12.27
CA HIS B 146 28.39 12.28 -13.72
C HIS B 146 26.97 11.90 -14.09
N VAL B 147 26.60 12.18 -15.33
CA VAL B 147 25.22 11.99 -15.77
C VAL B 147 25.27 11.15 -17.05
N ASN B 148 25.19 9.83 -16.87
CA ASN B 148 25.33 8.91 -18.00
C ASN B 148 26.68 9.10 -18.69
N GLU B 149 26.69 9.48 -19.97
CA GLU B 149 27.94 9.76 -20.66
C GLU B 149 28.55 11.14 -20.40
N TRP B 150 27.79 12.03 -19.77
CA TRP B 150 28.26 13.39 -19.47
C TRP B 150 29.03 13.44 -18.16
N ASP B 151 30.27 13.91 -18.21
CA ASP B 151 30.91 14.39 -16.98
C ASP B 151 30.48 15.82 -16.77
N LEU B 152 30.92 16.43 -15.68
CA LEU B 152 30.36 17.70 -15.24
C LEU B 152 30.88 18.88 -16.06
N ASN B 153 31.78 18.61 -17.00
CA ASN B 153 32.23 19.58 -17.98
C ASN B 153 31.25 19.75 -19.14
N ALA B 154 30.34 18.79 -19.32
CA ALA B 154 29.44 18.77 -20.47
C ALA B 154 28.70 20.12 -20.69
N GLN B 155 28.79 20.67 -21.89
CA GLN B 155 28.12 21.95 -22.16
C GLN B 155 26.61 21.85 -22.08
N GLU B 156 26.07 20.66 -22.30
CA GLU B 156 24.64 20.42 -22.09
C GLU B 156 24.20 20.80 -20.67
N LEU B 157 25.11 20.69 -19.71
CA LEU B 157 24.73 20.98 -18.33
C LEU B 157 24.90 22.47 -17.97
N PHE B 158 25.45 23.25 -18.88
CA PHE B 158 25.65 24.68 -18.59
C PHE B 158 24.38 25.47 -18.18
N PRO B 159 23.21 25.16 -18.78
CA PRO B 159 22.01 25.87 -18.29
C PRO B 159 21.68 25.56 -16.83
N VAL B 160 22.03 24.37 -16.36
CA VAL B 160 21.80 24.01 -14.96
C VAL B 160 22.71 24.86 -14.07
N TYR B 161 23.98 24.95 -14.44
CA TYR B 161 24.92 25.79 -13.69
C TYR B 161 24.48 27.25 -13.71
N ALA B 162 24.05 27.73 -14.87
CA ALA B 162 23.60 29.11 -14.99
C ALA B 162 22.42 29.37 -14.05
N ALA B 163 21.45 28.47 -14.03
CA ALA B 163 20.31 28.62 -13.13
C ALA B 163 20.75 28.56 -11.67
N ALA B 164 21.65 27.65 -11.34
CA ALA B 164 22.11 27.53 -9.96
C ALA B 164 22.74 28.83 -9.47
N GLU B 165 23.55 29.42 -10.33
CA GLU B 165 24.17 30.70 -10.00
C GLU B 165 23.12 31.80 -9.77
N ARG B 166 22.12 31.89 -10.64
CA ARG B 166 21.04 32.87 -10.48
C ARG B 166 20.32 32.67 -9.17
N LEU B 167 19.95 31.41 -8.92
CA LEU B 167 19.08 31.08 -7.79
C LEU B 167 19.84 31.02 -6.46
N LYS B 168 21.15 31.18 -6.52
CA LYS B 168 22.03 31.02 -5.36
C LYS B 168 21.82 29.65 -4.72
N CYS B 169 21.75 28.66 -5.60
CA CYS B 169 21.49 27.29 -5.23
C CYS B 169 22.84 26.58 -5.13
N SER B 170 23.20 26.18 -3.90
CA SER B 170 24.43 25.40 -3.70
C SER B 170 24.34 24.01 -4.31
N LEU B 171 25.47 23.48 -4.80
CA LEU B 171 25.52 22.15 -5.39
C LEU B 171 26.36 21.23 -4.50
N PHE B 172 25.74 20.19 -3.96
CA PHE B 172 26.49 19.14 -3.27
C PHE B 172 26.66 17.97 -4.23
N VAL B 173 27.90 17.67 -4.60
CA VAL B 173 28.18 16.69 -5.63
C VAL B 173 28.56 15.37 -4.97
N HIS B 174 27.78 14.33 -5.24
CA HIS B 174 27.98 13.02 -4.62
C HIS B 174 28.36 11.93 -5.64
N PRO B 175 29.44 11.18 -5.36
CA PRO B 175 29.82 10.15 -6.33
C PRO B 175 28.78 9.07 -6.42
N TRP B 176 28.52 8.62 -7.63
CA TRP B 176 27.56 7.56 -7.82
C TRP B 176 27.80 6.91 -9.15
N ASP B 177 27.12 5.79 -9.39
CA ASP B 177 27.26 5.06 -10.64
C ASP B 177 28.71 4.68 -10.96
N MET B 178 29.46 4.23 -9.95
CA MET B 178 30.80 3.68 -10.20
C MET B 178 30.60 2.33 -10.88
N GLN B 179 31.65 1.81 -11.51
CA GLN B 179 31.60 0.43 -11.99
C GLN B 179 31.40 -0.49 -10.79
N MET B 180 30.37 -1.35 -10.84
CA MET B 180 30.07 -2.27 -9.75
C MET B 180 30.56 -3.68 -10.02
N ASP B 181 30.83 -3.99 -11.29
CA ASP B 181 31.05 -5.37 -11.70
C ASP B 181 32.49 -5.61 -12.12
N GLY B 182 32.74 -6.79 -12.69
CA GLY B 182 34.08 -7.14 -13.17
C GLY B 182 35.09 -7.13 -12.03
N ARG B 183 36.22 -6.47 -12.25
CA ARG B 183 37.27 -6.41 -11.25
C ARG B 183 36.79 -5.68 -9.99
N MET B 184 35.81 -4.80 -10.14
CA MET B 184 35.34 -4.02 -9.01
C MET B 184 34.34 -4.74 -8.07
N ALA B 185 33.92 -5.95 -8.43
CA ALA B 185 32.92 -6.66 -7.63
C ALA B 185 33.39 -7.12 -6.25
N LYS B 186 34.71 -7.20 -6.04
CA LYS B 186 35.28 -7.70 -4.78
C LYS B 186 35.65 -6.60 -3.80
N TYR B 187 35.76 -6.96 -2.52
CA TYR B 187 36.38 -6.11 -1.50
C TYR B 187 35.74 -4.71 -1.31
N TRP B 188 34.46 -4.57 -1.64
CA TRP B 188 33.76 -3.27 -1.54
C TRP B 188 34.49 -2.18 -2.32
N LEU B 189 35.22 -2.56 -3.36
CA LEU B 189 35.97 -1.59 -4.14
C LEU B 189 35.18 -0.38 -4.70
N PRO B 190 33.91 -0.58 -5.14
CA PRO B 190 33.25 0.60 -5.70
C PRO B 190 33.06 1.70 -4.66
N TRP B 191 32.90 1.31 -3.40
CA TRP B 191 32.75 2.28 -2.31
C TRP B 191 34.08 2.78 -1.77
N LEU B 192 35.04 1.87 -1.62
CA LEU B 192 36.31 2.25 -0.99
C LEU B 192 37.23 2.99 -1.95
N VAL B 193 37.15 2.65 -3.23
CA VAL B 193 38.08 3.21 -4.21
C VAL B 193 37.33 3.88 -5.34
N GLY B 194 36.28 3.22 -5.82
CA GLY B 194 35.51 3.74 -6.94
C GLY B 194 34.93 5.11 -6.65
N MET B 195 34.34 5.30 -5.47
CA MET B 195 33.75 6.59 -5.11
C MET B 195 34.76 7.73 -5.05
N PRO B 196 35.89 7.54 -4.33
CA PRO B 196 36.87 8.64 -4.35
C PRO B 196 37.33 9.00 -5.75
N ALA B 197 37.51 7.99 -6.62
CA ALA B 197 37.91 8.29 -7.99
C ALA B 197 36.83 9.02 -8.80
N GLU B 198 35.55 8.68 -8.60
CA GLU B 198 34.47 9.42 -9.25
C GLU B 198 34.53 10.92 -8.91
N THR B 199 34.79 11.22 -7.65
CA THR B 199 34.82 12.62 -7.18
C THR B 199 36.02 13.38 -7.75
N THR B 200 37.18 12.72 -7.78
CA THR B 200 38.35 13.29 -8.45
C THR B 200 38.06 13.64 -9.91
N ILE B 201 37.40 12.73 -10.63
CA ILE B 201 37.02 12.98 -12.03
C ILE B 201 36.09 14.18 -12.14
N ALA B 202 35.10 14.25 -11.24
CA ALA B 202 34.15 15.35 -11.21
C ALA B 202 34.86 16.70 -10.99
N ILE B 203 35.76 16.76 -10.02
CA ILE B 203 36.52 17.98 -9.76
C ILE B 203 37.39 18.37 -10.96
N CYS B 204 38.16 17.43 -11.50
CA CYS B 204 38.91 17.64 -12.73
C CYS B 204 38.04 18.13 -13.89
N SER B 205 36.83 17.56 -14.00
CA SER B 205 35.95 17.93 -15.10
C SER B 205 35.35 19.33 -14.94
N MET B 206 35.01 19.70 -13.72
CA MET B 206 34.51 21.07 -13.53
C MET B 206 35.61 22.12 -13.72
N ILE B 207 36.84 21.78 -13.35
CA ILE B 207 37.96 22.71 -13.48
C ILE B 207 38.34 22.88 -14.95
N MET B 208 38.77 21.79 -15.59
CA MET B 208 39.25 21.85 -16.96
C MET B 208 38.12 22.09 -17.94
N GLY B 209 36.89 21.84 -17.50
CA GLY B 209 35.71 22.10 -18.32
C GLY B 209 35.36 23.57 -18.31
N GLY B 210 36.07 24.34 -17.48
CA GLY B 210 35.84 25.77 -17.38
C GLY B 210 34.59 26.14 -16.60
N VAL B 211 34.00 25.18 -15.90
CA VAL B 211 32.76 25.45 -15.16
C VAL B 211 32.94 26.55 -14.09
N PHE B 212 33.99 26.44 -13.26
CA PHE B 212 34.24 27.46 -12.24
C PHE B 212 34.59 28.83 -12.85
N GLU B 213 35.18 28.83 -14.04
CA GLU B 213 35.51 30.08 -14.74
C GLU B 213 34.29 30.76 -15.37
N LYS B 214 33.38 29.96 -15.92
CA LYS B 214 32.16 30.48 -16.53
C LYS B 214 31.15 30.91 -15.47
N PHE B 215 31.21 30.28 -14.31
CA PHE B 215 30.21 30.54 -13.27
C PHE B 215 30.88 30.83 -11.93
N PRO B 216 31.51 32.01 -11.82
CA PRO B 216 32.36 32.37 -10.67
C PRO B 216 31.62 32.41 -9.34
N LYS B 217 30.31 32.56 -9.38
CA LYS B 217 29.52 32.63 -8.14
C LYS B 217 28.94 31.27 -7.73
N LEU B 218 29.14 30.25 -8.56
CA LEU B 218 28.61 28.92 -8.28
C LEU B 218 29.31 28.33 -7.05
N LYS B 219 28.51 27.85 -6.09
CA LYS B 219 29.04 27.22 -4.88
C LYS B 219 28.91 25.70 -4.92
N VAL B 220 30.04 25.03 -4.96
CA VAL B 220 30.06 23.58 -5.12
C VAL B 220 30.78 22.93 -3.96
N CYS B 221 30.17 21.90 -3.38
CA CYS B 221 30.83 21.08 -2.36
C CYS B 221 30.93 19.63 -2.84
N PHE B 222 32.13 19.05 -2.74
CA PHE B 222 32.34 17.66 -3.15
C PHE B 222 32.39 16.74 -1.91
N ALA B 223 31.93 15.50 -2.06
CA ALA B 223 31.83 14.55 -0.94
C ALA B 223 33.15 13.84 -0.63
N HIS B 224 33.28 13.33 0.59
CA HIS B 224 34.46 12.60 1.06
C HIS B 224 35.77 13.36 0.84
N GLY B 225 35.79 14.61 1.27
CA GLY B 225 36.99 15.41 1.21
C GLY B 225 37.55 15.51 -0.19
N GLY B 226 36.67 15.40 -1.18
CA GLY B 226 37.09 15.54 -2.56
C GLY B 226 37.80 14.35 -3.18
N GLY B 227 37.56 13.16 -2.62
CA GLY B 227 38.05 11.94 -3.25
C GLY B 227 39.56 11.82 -3.09
N ALA B 228 40.28 11.67 -4.19
CA ALA B 228 41.74 11.57 -4.12
C ALA B 228 42.36 12.94 -4.37
N PHE B 229 41.52 13.89 -4.80
CA PHE B 229 42.02 15.18 -5.28
C PHE B 229 43.02 15.91 -4.39
N PRO B 230 42.74 16.02 -3.07
CA PRO B 230 43.71 16.77 -2.26
C PRO B 230 45.10 16.16 -2.26
N PHE B 231 45.21 14.86 -2.50
CA PHE B 231 46.51 14.21 -2.52
C PHE B 231 47.12 14.25 -3.90
N THR B 232 46.30 14.04 -4.91
CA THR B 232 46.79 13.91 -6.27
C THR B 232 46.79 15.23 -7.05
N VAL B 233 46.36 16.33 -6.44
CA VAL B 233 46.35 17.63 -7.13
C VAL B 233 47.72 18.00 -7.72
N GLY B 234 48.79 17.63 -7.04
CA GLY B 234 50.14 17.86 -7.56
C GLY B 234 50.34 17.21 -8.92
N ARG B 235 49.88 15.97 -9.03
CA ARG B 235 49.99 15.22 -10.28
C ARG B 235 49.11 15.84 -11.36
N ILE B 236 47.87 16.17 -11.00
CA ILE B 236 46.91 16.76 -11.95
C ILE B 236 47.41 18.11 -12.44
N SER B 237 47.92 18.91 -11.50
CA SER B 237 48.44 20.24 -11.84
C SER B 237 49.67 20.17 -12.74
N HIS B 238 50.58 19.25 -12.42
CA HIS B 238 51.79 19.11 -13.23
C HIS B 238 51.41 18.61 -14.62
N GLY B 239 50.50 17.66 -14.70
CA GLY B 239 50.08 17.11 -15.98
C GLY B 239 49.48 18.18 -16.88
N PHE B 240 48.64 19.00 -16.29
CA PHE B 240 47.97 20.08 -16.99
C PHE B 240 49.03 21.03 -17.57
N SER B 241 50.04 21.32 -16.76
CA SER B 241 51.17 22.14 -17.23
C SER B 241 51.93 21.48 -18.40
N MET B 242 52.07 20.16 -18.39
CA MET B 242 52.87 19.52 -19.44
C MET B 242 52.15 19.24 -20.75
N ARG B 243 50.84 19.02 -20.71
CA ARG B 243 50.09 18.72 -21.93
C ARG B 243 48.84 19.59 -22.06
N PRO B 244 49.03 20.91 -22.25
CA PRO B 244 47.89 21.80 -22.50
C PRO B 244 47.05 21.39 -23.72
N ASP B 245 47.64 20.60 -24.62
CA ASP B 245 46.89 20.11 -25.78
C ASP B 245 45.81 19.14 -25.34
N LEU B 246 46.09 18.37 -24.28
CA LEU B 246 45.12 17.41 -23.77
C LEU B 246 44.20 17.99 -22.70
N CYS B 247 44.71 18.94 -21.93
CA CYS B 247 44.03 19.36 -20.71
C CYS B 247 43.45 20.79 -20.73
N ALA B 248 43.91 21.64 -21.64
CA ALA B 248 43.56 23.06 -21.52
C ALA B 248 42.77 23.66 -22.69
N GLN B 249 42.21 22.84 -23.57
CA GLN B 249 41.50 23.40 -24.72
C GLN B 249 40.13 24.01 -24.34
N ASP B 250 39.65 23.71 -23.13
CA ASP B 250 38.37 24.27 -22.66
C ASP B 250 38.58 25.34 -21.59
N ASN B 251 39.69 25.25 -20.87
CA ASN B 251 39.99 26.17 -19.78
C ASN B 251 41.48 26.25 -19.49
N PRO B 252 42.06 27.46 -19.58
CA PRO B 252 43.52 27.64 -19.55
C PRO B 252 44.13 27.79 -18.16
N MET B 253 43.33 28.00 -17.12
CA MET B 253 43.89 28.17 -15.78
C MET B 253 44.31 26.85 -15.17
N ASN B 254 45.52 26.80 -14.61
CA ASN B 254 45.97 25.60 -13.92
C ASN B 254 45.06 25.25 -12.76
N PRO B 255 44.70 23.96 -12.64
CA PRO B 255 43.79 23.49 -11.59
C PRO B 255 44.21 23.97 -10.20
N LYS B 256 45.51 24.08 -9.96
CA LYS B 256 45.96 24.53 -8.65
C LYS B 256 45.45 25.94 -8.29
N LYS B 257 45.14 26.76 -9.30
CA LYS B 257 44.60 28.09 -9.02
C LYS B 257 43.18 28.04 -8.47
N TYR B 258 42.53 26.87 -8.55
CA TYR B 258 41.15 26.75 -8.09
C TYR B 258 41.03 26.25 -6.65
N LEU B 259 42.15 25.91 -6.02
CA LEU B 259 42.10 25.59 -4.60
C LEU B 259 41.63 26.83 -3.85
N GLY B 260 40.55 26.68 -3.10
CA GLY B 260 39.95 27.81 -2.42
C GLY B 260 38.69 28.26 -3.14
N SER B 261 38.42 27.68 -4.31
CA SER B 261 37.25 28.08 -5.09
C SER B 261 36.05 27.12 -4.97
N PHE B 262 36.19 26.05 -4.20
CA PHE B 262 35.08 25.13 -3.96
C PHE B 262 35.26 24.48 -2.60
N TYR B 263 34.22 23.81 -2.13
CA TYR B 263 34.20 23.20 -0.80
C TYR B 263 34.35 21.68 -0.91
N THR B 264 34.74 21.01 0.17
CA THR B 264 34.57 19.57 0.29
C THR B 264 33.97 19.29 1.64
N ASP B 265 33.33 18.13 1.80
CA ASP B 265 32.99 17.74 3.16
C ASP B 265 34.25 17.25 3.89
N ALA B 266 34.15 17.02 5.19
CA ALA B 266 35.35 16.68 5.98
C ALA B 266 35.48 15.19 6.23
N LEU B 267 34.78 14.39 5.43
CA LEU B 267 34.65 12.94 5.72
C LEU B 267 35.81 12.14 5.13
N VAL B 268 36.94 12.13 5.86
CA VAL B 268 38.13 11.41 5.42
C VAL B 268 38.68 10.47 6.51
N HIS B 269 38.00 10.44 7.66
CA HIS B 269 38.23 9.44 8.72
C HIS B 269 39.53 9.60 9.55
N ASP B 270 40.64 9.90 8.88
CA ASP B 270 41.94 9.98 9.52
C ASP B 270 42.44 11.40 9.73
N PRO B 271 43.10 11.66 10.88
CA PRO B 271 43.63 13.01 11.15
C PRO B 271 44.65 13.47 10.11
N LEU B 272 45.57 12.59 9.69
CA LEU B 272 46.56 13.01 8.69
C LEU B 272 45.85 13.45 7.40
N SER B 273 44.78 12.75 7.06
CA SER B 273 44.01 13.14 5.89
C SER B 273 43.22 14.44 6.11
N LEU B 274 42.62 14.59 7.28
CA LEU B 274 41.90 15.82 7.58
C LEU B 274 42.83 17.02 7.53
N LYS B 275 44.03 16.85 8.11
CA LYS B 275 45.03 17.93 8.12
C LYS B 275 45.44 18.32 6.69
N LEU B 276 45.73 17.32 5.86
CA LEU B 276 46.07 17.61 4.46
C LEU B 276 44.90 18.29 3.76
N LEU B 277 43.69 17.81 4.03
CA LEU B 277 42.50 18.36 3.40
C LEU B 277 42.39 19.84 3.71
N THR B 278 42.57 20.22 4.98
CA THR B 278 42.50 21.65 5.32
C THR B 278 43.69 22.46 4.79
N ASP B 279 44.90 21.89 4.79
CA ASP B 279 46.05 22.54 4.16
C ASP B 279 45.83 22.85 2.67
N VAL B 280 45.17 21.96 1.95
CA VAL B 280 45.02 22.08 0.48
C VAL B 280 43.77 22.85 0.09
N ILE B 281 42.64 22.46 0.68
CA ILE B 281 41.34 23.04 0.32
C ILE B 281 41.15 24.38 1.04
N GLY B 282 41.61 24.45 2.30
CA GLY B 282 41.49 25.68 3.06
C GLY B 282 40.56 25.53 4.24
N LYS B 283 40.93 26.18 5.34
CA LYS B 283 40.14 26.13 6.58
C LYS B 283 38.73 26.72 6.44
N ASP B 284 38.50 27.59 5.45
CA ASP B 284 37.16 28.15 5.21
C ASP B 284 36.34 27.33 4.19
N LYS B 285 36.90 26.24 3.70
CA LYS B 285 36.26 25.45 2.63
C LYS B 285 35.95 24.00 2.98
N VAL B 286 36.19 23.62 4.23
CA VAL B 286 35.96 22.23 4.66
C VAL B 286 34.77 22.16 5.63
N ILE B 287 33.81 21.30 5.30
CA ILE B 287 32.51 21.25 5.98
C ILE B 287 32.26 19.88 6.60
N LEU B 288 31.93 19.85 7.89
CA LEU B 288 31.58 18.61 8.57
C LEU B 288 30.42 17.91 7.87
N GLY B 289 30.61 16.62 7.58
CA GLY B 289 29.59 15.84 6.90
C GLY B 289 29.85 14.41 7.32
N THR B 290 28.80 13.63 7.40
CA THR B 290 28.92 12.41 8.15
C THR B 290 28.49 11.13 7.38
N ASP B 291 27.80 11.29 6.25
CA ASP B 291 27.18 10.16 5.53
C ASP B 291 26.18 9.39 6.41
N TYR B 292 25.59 10.06 7.40
CA TYR B 292 24.55 9.47 8.23
C TYR B 292 23.39 9.03 7.33
N PRO B 293 22.79 7.85 7.61
CA PRO B 293 23.04 6.93 8.71
C PRO B 293 23.86 5.72 8.29
N PHE B 294 24.65 5.85 7.23
CA PHE B 294 25.39 4.72 6.69
C PHE B 294 26.69 4.43 7.45
N PRO B 295 27.04 3.14 7.60
CA PRO B 295 28.18 2.76 8.44
C PRO B 295 29.52 3.21 7.90
N LEU B 296 29.65 3.47 6.60
CA LEU B 296 30.93 3.95 6.07
C LEU B 296 31.18 5.42 6.46
N GLY B 297 30.21 6.04 7.10
CA GLY B 297 30.37 7.42 7.51
C GLY B 297 31.00 7.55 8.90
N GLU B 298 30.92 8.74 9.47
CA GLU B 298 31.53 9.00 10.79
C GLU B 298 30.54 8.66 11.88
N LEU B 299 30.88 7.67 12.70
CA LEU B 299 29.95 7.13 13.70
C LEU B 299 29.73 8.13 14.85
N GLU B 300 30.74 8.94 15.16
CA GLU B 300 30.58 10.03 16.12
C GLU B 300 30.80 11.36 15.41
N PRO B 301 29.70 12.06 15.05
CA PRO B 301 29.81 13.28 14.24
C PRO B 301 30.69 14.36 14.88
N GLY B 302 31.72 14.79 14.15
CA GLY B 302 32.55 15.91 14.59
C GLY B 302 33.70 15.48 15.48
N LYS B 303 33.73 14.19 15.81
CA LYS B 303 34.71 13.70 16.76
C LYS B 303 36.14 13.81 16.20
N LEU B 304 36.31 13.56 14.91
CA LEU B 304 37.65 13.65 14.34
C LEU B 304 38.13 15.09 14.39
N ILE B 305 37.27 16.02 14.00
CA ILE B 305 37.59 17.45 14.06
C ILE B 305 37.99 17.85 15.49
N GLU B 306 37.15 17.51 16.46
CA GLU B 306 37.41 17.82 17.87
C GLU B 306 38.74 17.27 18.40
N SER B 307 39.24 16.20 17.78
CA SER B 307 40.44 15.51 18.27
C SER B 307 41.74 16.08 17.70
N MET B 308 41.62 17.11 16.86
CA MET B 308 42.79 17.60 16.12
C MET B 308 43.56 18.61 16.96
N GLU B 309 44.71 18.23 17.49
CA GLU B 309 45.45 19.20 18.29
C GLU B 309 46.01 20.33 17.43
N GLU B 310 46.06 20.09 16.12
CA GLU B 310 46.56 21.07 15.15
C GLU B 310 45.63 22.27 14.99
N PHE B 311 44.34 22.04 15.20
CA PHE B 311 43.34 23.07 14.97
C PHE B 311 43.05 23.86 16.24
N ASP B 312 42.96 25.19 16.11
CA ASP B 312 42.52 25.98 17.24
C ASP B 312 41.00 25.92 17.31
N GLU B 313 40.43 26.56 18.33
CA GLU B 313 39.00 26.44 18.54
C GLU B 313 38.20 27.17 17.46
N GLU B 314 38.76 28.25 16.92
CA GLU B 314 38.04 28.97 15.87
C GLU B 314 37.94 28.09 14.63
N THR B 315 39.03 27.39 14.32
CA THR B 315 39.09 26.52 13.15
C THR B 315 38.12 25.36 13.28
N LYS B 316 38.09 24.75 14.47
CA LYS B 316 37.14 23.67 14.71
C LYS B 316 35.71 24.13 14.51
N ASN B 317 35.39 25.36 14.93
CA ASN B 317 34.03 25.88 14.75
C ASN B 317 33.67 26.22 13.30
N LYS B 318 34.68 26.54 12.49
CA LYS B 318 34.44 26.72 11.06
C LYS B 318 34.05 25.39 10.43
N LEU B 319 34.85 24.37 10.72
CA LEU B 319 34.62 23.03 10.17
C LEU B 319 33.31 22.45 10.68
N LYS B 320 32.96 22.74 11.93
CA LYS B 320 31.75 22.18 12.54
C LYS B 320 30.42 22.80 12.08
N ALA B 321 30.45 24.09 11.69
CA ALA B 321 29.20 24.81 11.42
C ALA B 321 29.37 26.03 10.53
N GLY B 322 30.37 26.84 10.84
CA GLY B 322 30.58 28.09 10.13
C GLY B 322 30.66 27.93 8.63
N ASN B 323 31.47 26.99 8.17
CA ASN B 323 31.64 26.82 6.73
C ASN B 323 30.35 26.34 6.06
N ALA B 324 29.60 25.49 6.76
CA ALA B 324 28.32 24.99 6.22
C ALA B 324 27.32 26.12 6.04
N LEU B 325 27.31 27.06 6.98
CA LEU B 325 26.38 28.18 6.89
C LEU B 325 26.74 29.10 5.72
N ALA B 326 28.03 29.27 5.51
CA ALA B 326 28.53 30.07 4.40
C ALA B 326 28.25 29.37 3.04
N PHE B 327 28.52 28.08 2.96
CA PHE B 327 28.20 27.32 1.75
C PHE B 327 26.70 27.42 1.38
N LEU B 328 25.83 27.25 2.36
CA LEU B 328 24.39 27.19 2.14
C LEU B 328 23.73 28.58 2.12
N GLY B 329 24.45 29.60 2.57
CA GLY B 329 23.94 30.96 2.56
C GLY B 329 22.88 31.16 3.61
N LEU B 330 23.08 30.56 4.78
CA LEU B 330 22.11 30.69 5.86
C LEU B 330 22.70 31.41 7.06
N GLU B 331 21.82 31.96 7.89
CA GLU B 331 22.27 32.63 9.12
C GLU B 331 22.11 31.69 10.30
N ARG B 332 23.10 31.73 11.20
CA ARG B 332 23.11 30.92 12.42
C ARG B 332 21.87 31.15 13.28
N LYS B 333 21.36 32.37 13.21
CA LYS B 333 20.22 32.83 14.01
C LYS B 333 19.04 31.87 13.97
N GLN B 334 18.74 31.34 12.78
CA GLN B 334 17.57 30.48 12.60
C GLN B 334 17.78 29.04 13.10
N PHE B 335 18.97 28.74 13.62
CA PHE B 335 19.21 27.43 14.24
C PHE B 335 19.70 27.57 15.68
N MET C 1 68.20 12.24 -7.13
CA MET C 1 69.52 12.83 -7.06
C MET C 1 70.49 11.89 -6.36
N LYS C 2 70.03 10.66 -6.12
CA LYS C 2 70.95 9.57 -5.83
C LYS C 2 70.49 8.37 -6.67
N ILE C 3 69.37 7.77 -6.27
CA ILE C 3 68.85 6.62 -7.02
C ILE C 3 67.42 6.84 -7.53
N ASP C 4 67.22 6.59 -8.81
CA ASP C 4 65.90 6.73 -9.42
C ASP C 4 65.31 5.33 -9.56
N ILE C 5 64.32 4.98 -8.74
CA ILE C 5 63.76 3.63 -8.82
C ILE C 5 62.80 3.48 -10.00
N HIS C 6 62.40 4.61 -10.58
CA HIS C 6 61.29 4.61 -11.53
C HIS C 6 61.70 5.32 -12.82
N SER C 7 62.22 4.57 -13.79
CA SER C 7 62.59 5.17 -15.08
C SER C 7 62.41 4.14 -16.17
N HIS C 8 62.05 4.61 -17.36
CA HIS C 8 61.77 3.68 -18.44
C HIS C 8 62.75 3.77 -19.60
N ILE C 9 62.92 2.65 -20.31
CA ILE C 9 63.84 2.59 -21.44
C ILE C 9 63.33 1.57 -22.46
N LEU C 10 63.72 1.74 -23.73
CA LEU C 10 63.31 0.84 -24.81
C LEU C 10 64.56 0.46 -25.58
N PRO C 11 64.55 -0.71 -26.24
CA PRO C 11 65.61 -0.96 -27.24
C PRO C 11 65.50 0.10 -28.33
N LYS C 12 66.58 0.44 -29.01
CA LYS C 12 66.44 1.39 -30.11
C LYS C 12 65.72 0.73 -31.30
N GLU C 13 65.85 -0.59 -31.40
CA GLU C 13 65.22 -1.36 -32.47
C GLU C 13 64.66 -2.66 -31.95
N TRP C 14 63.52 -3.08 -32.50
CA TRP C 14 63.06 -4.47 -32.32
C TRP C 14 62.22 -4.87 -33.53
N PRO C 15 62.20 -6.19 -33.85
CA PRO C 15 61.52 -6.72 -35.05
C PRO C 15 60.04 -6.36 -35.12
N ASP C 16 59.47 -6.43 -36.32
CA ASP C 16 58.03 -6.30 -36.47
C ASP C 16 57.37 -7.45 -35.72
N LEU C 17 56.68 -7.13 -34.64
CA LEU C 17 56.09 -8.14 -33.76
C LEU C 17 54.85 -8.80 -34.38
N LYS C 18 54.13 -8.06 -35.21
CA LYS C 18 52.97 -8.62 -35.90
C LYS C 18 53.43 -9.76 -36.83
N LYS C 19 54.44 -9.48 -37.64
CA LYS C 19 55.00 -10.51 -38.52
C LYS C 19 55.62 -11.65 -37.70
N ARG C 20 56.19 -11.33 -36.54
CA ARG C 20 56.87 -12.32 -35.72
C ARG C 20 55.92 -13.32 -35.06
N PHE C 21 54.74 -12.85 -34.65
CA PHE C 21 53.84 -13.65 -33.84
C PHE C 21 52.55 -14.09 -34.55
N GLY C 22 52.19 -13.38 -35.62
CA GLY C 22 51.02 -13.72 -36.40
C GLY C 22 49.79 -12.84 -36.22
N TYR C 23 49.87 -11.84 -35.34
CA TYR C 23 48.71 -10.97 -35.07
C TYR C 23 49.15 -9.56 -34.63
N GLY C 24 48.29 -8.57 -34.84
CA GLY C 24 48.62 -7.18 -34.52
C GLY C 24 48.34 -6.78 -33.08
N GLY C 25 48.42 -5.49 -32.79
CA GLY C 25 48.19 -4.99 -31.44
C GLY C 25 49.48 -4.69 -30.69
N TRP C 26 50.61 -4.93 -31.33
CA TRP C 26 51.90 -4.70 -30.72
C TRP C 26 52.37 -3.27 -30.95
N VAL C 27 53.39 -2.85 -30.20
CA VAL C 27 53.93 -1.51 -30.41
C VAL C 27 55.29 -1.58 -31.08
N GLN C 28 55.57 -0.58 -31.91
CA GLN C 28 56.85 -0.50 -32.60
C GLN C 28 57.37 0.90 -32.42
N LEU C 29 58.70 1.03 -32.45
CA LEU C 29 59.36 2.32 -32.33
C LEU C 29 59.93 2.71 -33.69
N GLN C 30 59.50 3.85 -34.22
CA GLN C 30 59.97 4.29 -35.53
C GLN C 30 60.68 5.64 -35.44
N HIS C 31 61.96 5.64 -35.76
CA HIS C 31 62.75 6.87 -35.72
C HIS C 31 62.42 7.75 -36.93
N HIS C 32 61.50 8.69 -36.72
CA HIS C 32 60.99 9.53 -37.79
C HIS C 32 61.97 10.65 -38.09
N SER C 33 62.87 10.93 -37.14
CA SER C 33 63.82 12.03 -37.33
C SER C 33 65.05 11.94 -36.43
N LYS C 34 65.51 13.11 -35.99
CA LYS C 34 66.83 13.27 -35.37
C LYS C 34 66.76 13.48 -33.86
N GLY C 35 66.93 12.39 -33.10
CA GLY C 35 66.80 12.45 -31.66
C GLY C 35 65.33 12.34 -31.28
N GLU C 36 64.49 12.08 -32.28
CA GLU C 36 63.06 11.86 -32.08
C GLU C 36 62.64 10.50 -32.63
N ALA C 37 61.56 9.97 -32.08
CA ALA C 37 61.04 8.68 -32.50
C ALA C 37 59.61 8.59 -32.03
N LYS C 38 58.85 7.68 -32.60
CA LYS C 38 57.45 7.54 -32.20
C LYS C 38 57.11 6.09 -31.86
N LEU C 39 56.29 5.92 -30.84
CA LEU C 39 55.70 4.61 -30.55
C LEU C 39 54.40 4.51 -31.33
N LEU C 40 54.28 3.47 -32.13
CA LEU C 40 53.06 3.25 -32.90
C LEU C 40 52.45 1.93 -32.45
N LYS C 41 51.12 1.88 -32.35
CA LYS C 41 50.43 0.63 -32.05
C LYS C 41 49.27 0.41 -33.04
N ASP C 42 49.62 0.06 -34.27
CA ASP C 42 48.66 -0.04 -35.38
C ASP C 42 47.88 1.27 -35.57
N GLY C 43 48.35 2.11 -36.49
CA GLY C 43 47.58 3.26 -36.94
C GLY C 43 47.81 4.59 -36.25
N LYS C 44 47.83 4.59 -34.92
CA LYS C 44 47.97 5.84 -34.18
C LYS C 44 49.39 6.00 -33.62
N VAL C 45 49.73 7.24 -33.25
CA VAL C 45 50.99 7.51 -32.56
C VAL C 45 50.74 7.56 -31.07
N PHE C 46 51.04 6.46 -30.40
CA PHE C 46 50.83 6.34 -28.96
C PHE C 46 51.62 7.41 -28.20
N ARG C 47 52.87 7.62 -28.60
CA ARG C 47 53.75 8.55 -27.88
C ARG C 47 54.92 9.05 -28.72
N VAL C 48 55.34 10.28 -28.47
CA VAL C 48 56.57 10.82 -29.05
C VAL C 48 57.68 10.76 -28.02
N VAL C 49 58.85 10.19 -28.38
CA VAL C 49 59.95 10.13 -27.43
C VAL C 49 61.23 10.72 -28.01
N ARG C 50 62.22 10.93 -27.14
CA ARG C 50 63.52 11.41 -27.58
C ARG C 50 64.57 10.33 -27.43
N GLU C 51 65.79 10.67 -27.80
CA GLU C 51 66.92 9.76 -27.73
C GLU C 51 67.17 9.27 -26.30
N ASN C 52 66.81 10.07 -25.30
CA ASN C 52 67.02 9.67 -23.91
C ASN C 52 66.19 8.42 -23.53
N CYS C 53 65.23 8.07 -24.40
CA CYS C 53 64.40 6.89 -24.18
C CYS C 53 65.09 5.56 -24.56
N TRP C 54 66.17 5.63 -25.35
CA TRP C 54 66.84 4.41 -25.78
C TRP C 54 68.35 4.44 -25.68
N ASP C 55 68.94 5.63 -25.71
CA ASP C 55 70.41 5.78 -25.75
C ASP C 55 71.04 6.02 -24.38
N PRO C 56 71.72 4.99 -23.87
CA PRO C 56 72.32 5.00 -22.53
C PRO C 56 73.31 6.15 -22.30
N GLU C 57 74.18 6.41 -23.28
CA GLU C 57 75.15 7.49 -23.14
C GLU C 57 74.46 8.82 -22.93
N VAL C 58 73.40 9.05 -23.71
CA VAL C 58 72.58 10.25 -23.57
C VAL C 58 71.96 10.33 -22.17
N ARG C 59 71.44 9.19 -21.72
CA ARG C 59 70.84 9.10 -20.40
C ARG C 59 71.87 9.47 -19.33
N ILE C 60 73.09 8.95 -19.46
CA ILE C 60 74.13 9.22 -18.48
C ILE C 60 74.53 10.69 -18.44
N ARG C 61 74.53 11.35 -19.60
CA ARG C 61 74.79 12.79 -19.68
C ARG C 61 73.76 13.55 -18.87
N GLU C 62 72.50 13.21 -19.04
CA GLU C 62 71.44 13.89 -18.29
C GLU C 62 71.50 13.51 -16.82
N MET C 63 71.86 12.26 -16.52
CA MET C 63 72.06 11.82 -15.13
C MET C 63 73.12 12.68 -14.43
N ASP C 64 74.28 12.83 -15.07
CA ASP C 64 75.36 13.66 -14.53
C ASP C 64 74.92 15.09 -14.25
N GLN C 65 74.19 15.67 -15.20
CA GLN C 65 73.67 17.04 -15.07
C GLN C 65 72.73 17.16 -13.88
N LYS C 66 71.98 16.09 -13.59
CA LYS C 66 70.95 16.18 -12.55
C LYS C 66 71.43 15.58 -11.25
N GLY C 67 72.66 15.09 -11.26
CA GLY C 67 73.22 14.47 -10.08
C GLY C 67 72.57 13.15 -9.71
N VAL C 68 72.02 12.43 -10.69
CA VAL C 68 71.51 11.09 -10.44
C VAL C 68 72.66 10.07 -10.57
N THR C 69 72.87 9.28 -9.52
CA THR C 69 73.92 8.27 -9.53
C THR C 69 73.48 7.03 -10.31
N VAL C 70 72.31 6.50 -9.96
CA VAL C 70 71.80 5.31 -10.64
C VAL C 70 70.32 5.32 -10.98
N GLN C 71 69.99 4.80 -12.16
CA GLN C 71 68.60 4.57 -12.55
C GLN C 71 68.30 3.07 -12.54
N ALA C 72 67.18 2.70 -11.94
CA ALA C 72 66.64 1.37 -12.15
C ALA C 72 65.84 1.39 -13.45
N LEU C 73 66.34 0.65 -14.44
CA LEU C 73 65.72 0.60 -15.76
C LEU C 73 64.60 -0.44 -15.85
N SER C 74 63.43 0.01 -16.30
CA SER C 74 62.34 -0.91 -16.62
C SER C 74 61.81 -0.58 -17.99
N THR C 75 61.13 -1.54 -18.63
CA THR C 75 60.51 -1.26 -19.92
C THR C 75 59.35 -0.27 -19.75
N VAL C 76 58.86 0.28 -20.86
CA VAL C 76 57.66 1.14 -20.83
C VAL C 76 56.48 0.21 -20.64
N PRO C 77 55.54 0.56 -19.74
CA PRO C 77 54.46 -0.38 -19.37
C PRO C 77 53.59 -0.87 -20.52
N VAL C 78 53.40 -0.06 -21.56
CA VAL C 78 52.65 -0.48 -22.75
C VAL C 78 53.21 -1.80 -23.35
N MET C 79 54.48 -2.09 -23.04
CA MET C 79 55.15 -3.28 -23.55
C MET C 79 54.82 -4.57 -22.78
N PHE C 80 54.10 -4.44 -21.66
CA PHE C 80 53.73 -5.59 -20.82
C PHE C 80 53.14 -6.74 -21.64
N SER C 81 52.19 -6.40 -22.51
CA SER C 81 51.58 -7.35 -23.46
C SER C 81 50.91 -8.57 -22.78
N TYR C 82 50.29 -8.37 -21.63
CA TYR C 82 49.64 -9.46 -20.91
C TYR C 82 48.44 -10.07 -21.68
N TRP C 83 47.95 -9.34 -22.67
CA TRP C 83 46.80 -9.74 -23.48
C TRP C 83 47.16 -10.72 -24.59
N ALA C 84 48.45 -10.87 -24.89
CA ALA C 84 48.86 -11.74 -25.98
C ALA C 84 48.98 -13.23 -25.59
N LYS C 85 49.35 -14.06 -26.56
CA LYS C 85 49.73 -15.45 -26.28
C LYS C 85 50.89 -15.52 -25.29
N PRO C 86 50.75 -16.36 -24.27
CA PRO C 86 51.76 -16.51 -23.20
C PRO C 86 53.16 -16.73 -23.76
N GLU C 87 53.31 -17.66 -24.71
CA GLU C 87 54.62 -17.93 -25.30
C GLU C 87 55.16 -16.76 -26.14
N ASP C 88 54.27 -15.96 -26.71
CA ASP C 88 54.74 -14.80 -27.46
C ASP C 88 55.19 -13.68 -26.53
N THR C 89 54.39 -13.39 -25.49
CA THR C 89 54.75 -12.41 -24.48
C THR C 89 56.12 -12.76 -23.91
N LEU C 90 56.32 -14.03 -23.55
CA LEU C 90 57.60 -14.49 -23.01
C LEU C 90 58.74 -14.21 -23.98
N ASN C 91 58.55 -14.54 -25.26
CA ASN C 91 59.53 -14.21 -26.29
C ASN C 91 59.87 -12.71 -26.29
N LEU C 92 58.85 -11.85 -26.22
CA LEU C 92 59.11 -10.41 -26.15
C LEU C 92 59.84 -10.05 -24.84
N CYS C 93 59.37 -10.58 -23.71
CA CYS C 93 60.05 -10.37 -22.44
C CYS C 93 61.56 -10.70 -22.54
N GLN C 94 61.88 -11.84 -23.16
CA GLN C 94 63.28 -12.30 -23.22
C GLN C 94 64.11 -11.30 -24.00
N LEU C 95 63.58 -10.88 -25.13
CA LEU C 95 64.16 -9.82 -25.95
C LEU C 95 64.38 -8.52 -25.15
N LEU C 96 63.34 -8.05 -24.46
CA LEU C 96 63.43 -6.83 -23.66
C LEU C 96 64.34 -7.01 -22.45
N ASN C 97 64.26 -8.17 -21.81
CA ASN C 97 65.10 -8.42 -20.64
C ASN C 97 66.58 -8.51 -21.04
N ASN C 98 66.87 -9.24 -22.12
CA ASN C 98 68.24 -9.29 -22.65
C ASN C 98 68.78 -7.92 -22.97
N ASP C 99 67.93 -7.08 -23.57
CA ASP C 99 68.36 -5.73 -23.92
C ASP C 99 68.72 -4.94 -22.66
N LEU C 100 67.85 -5.01 -21.65
CA LEU C 100 68.08 -4.36 -20.35
C LEU C 100 69.43 -4.78 -19.77
N ALA C 101 69.65 -6.08 -19.70
CA ALA C 101 70.91 -6.62 -19.21
C ALA C 101 72.12 -6.01 -19.95
N SER C 102 72.04 -5.91 -21.27
CA SER C 102 73.15 -5.35 -22.07
C SER C 102 73.45 -3.92 -21.68
N THR C 103 72.40 -3.16 -21.40
CA THR C 103 72.56 -1.77 -21.00
C THR C 103 73.21 -1.67 -19.63
N VAL C 104 72.76 -2.49 -18.67
CA VAL C 104 73.36 -2.53 -17.34
C VAL C 104 74.84 -2.92 -17.45
N VAL C 105 75.12 -3.95 -18.25
CA VAL C 105 76.50 -4.39 -18.49
C VAL C 105 77.39 -3.23 -18.94
N SER C 106 76.87 -2.35 -19.79
CA SER C 106 77.65 -1.20 -20.24
C SER C 106 77.99 -0.21 -19.12
N TYR C 107 77.08 -0.03 -18.18
CA TYR C 107 77.34 0.87 -17.07
C TYR C 107 76.83 0.29 -15.78
N PRO C 108 77.54 -0.72 -15.25
CA PRO C 108 77.04 -1.39 -14.04
C PRO C 108 77.07 -0.49 -12.80
N ARG C 109 77.71 0.67 -12.89
CA ARG C 109 77.73 1.60 -11.75
C ARG C 109 76.62 2.64 -11.85
N ARG C 110 75.90 2.67 -12.96
CA ARG C 110 74.89 3.71 -13.16
C ARG C 110 73.49 3.12 -13.37
N PHE C 111 73.41 1.82 -13.65
CA PHE C 111 72.12 1.19 -13.93
C PHE C 111 71.92 -0.11 -13.19
N VAL C 112 70.67 -0.40 -12.82
CA VAL C 112 70.26 -1.76 -12.51
C VAL C 112 69.01 -2.03 -13.33
N GLY C 113 68.68 -3.30 -13.55
CA GLY C 113 67.51 -3.62 -14.36
C GLY C 113 66.37 -4.23 -13.57
N LEU C 114 65.13 -3.83 -13.90
CA LEU C 114 63.96 -4.54 -13.42
C LEU C 114 63.31 -5.18 -14.62
N GLY C 115 63.26 -6.51 -14.65
CA GLY C 115 62.77 -7.23 -15.82
C GLY C 115 61.27 -7.19 -15.98
N THR C 116 60.79 -7.76 -17.08
CA THR C 116 59.36 -7.84 -17.35
C THR C 116 58.97 -9.31 -17.50
N LEU C 117 57.75 -9.67 -17.16
CA LEU C 117 57.36 -11.08 -17.10
C LEU C 117 56.08 -11.37 -17.87
N PRO C 118 55.93 -12.61 -18.39
CA PRO C 118 54.66 -13.01 -19.02
C PRO C 118 53.65 -13.40 -17.93
N MET C 119 53.16 -12.39 -17.20
CA MET C 119 52.32 -12.58 -16.03
C MET C 119 50.97 -13.30 -16.27
N GLN C 120 50.50 -13.33 -17.52
CA GLN C 120 49.26 -14.06 -17.81
C GLN C 120 49.51 -15.58 -17.80
N ALA C 121 50.77 -15.99 -17.69
CA ALA C 121 51.14 -17.40 -17.60
C ALA C 121 52.10 -17.66 -16.45
N PRO C 122 51.57 -17.87 -15.23
CA PRO C 122 52.39 -17.94 -14.03
C PRO C 122 53.57 -18.92 -14.10
N GLU C 123 53.45 -20.04 -14.82
CA GLU C 123 54.56 -20.99 -14.89
C GLU C 123 55.70 -20.36 -15.68
N LEU C 124 55.35 -19.80 -16.83
CA LEU C 124 56.33 -19.12 -17.66
C LEU C 124 56.92 -17.89 -16.97
N ALA C 125 56.11 -17.23 -16.13
CA ALA C 125 56.57 -16.04 -15.41
C ALA C 125 57.62 -16.38 -14.38
N VAL C 126 57.38 -17.46 -13.63
CA VAL C 126 58.32 -17.94 -12.63
C VAL C 126 59.66 -18.30 -13.30
N LYS C 127 59.58 -18.95 -14.45
CA LYS C 127 60.77 -19.36 -15.21
C LYS C 127 61.62 -18.16 -15.66
N GLU C 128 60.97 -17.14 -16.20
CA GLU C 128 61.68 -15.96 -16.71
C GLU C 128 62.21 -15.08 -15.58
N MET C 129 61.50 -15.10 -14.44
CA MET C 129 61.98 -14.44 -13.24
C MET C 129 63.28 -15.07 -12.73
N GLU C 130 63.29 -16.39 -12.66
CA GLU C 130 64.47 -17.17 -12.26
C GLU C 130 65.65 -16.78 -13.16
N ARG C 131 65.34 -16.63 -14.45
CA ARG C 131 66.34 -16.29 -15.46
C ARG C 131 66.87 -14.88 -15.25
N CYS C 132 65.96 -13.91 -15.23
CA CYS C 132 66.30 -12.52 -14.89
C CYS C 132 67.17 -12.43 -13.65
N VAL C 133 66.80 -13.19 -12.62
CA VAL C 133 67.55 -13.14 -11.37
C VAL C 133 68.89 -13.91 -11.49
N LYS C 134 68.82 -15.17 -11.90
CA LYS C 134 70.01 -16.03 -11.84
C LYS C 134 71.01 -15.80 -12.97
N GLU C 135 70.54 -15.38 -14.13
CA GLU C 135 71.42 -15.19 -15.28
C GLU C 135 71.67 -13.73 -15.66
N LEU C 136 70.65 -12.89 -15.55
CA LEU C 136 70.83 -11.51 -15.98
C LEU C 136 71.21 -10.62 -14.78
N GLY C 137 71.10 -11.21 -13.60
CA GLY C 137 71.48 -10.51 -12.38
C GLY C 137 70.60 -9.33 -11.98
N PHE C 138 69.34 -9.35 -12.40
CA PHE C 138 68.40 -8.28 -12.00
C PHE C 138 68.01 -8.40 -10.52
N PRO C 139 67.95 -7.26 -9.80
CA PRO C 139 67.49 -7.25 -8.40
C PRO C 139 65.98 -7.36 -8.26
N GLY C 140 65.24 -7.24 -9.36
CA GLY C 140 63.78 -7.25 -9.27
C GLY C 140 63.10 -7.23 -10.63
N VAL C 141 61.77 -7.16 -10.64
CA VAL C 141 60.99 -7.04 -11.87
C VAL C 141 59.92 -5.95 -11.74
N GLN C 142 59.42 -5.48 -12.87
CA GLN C 142 58.32 -4.54 -12.87
C GLN C 142 57.11 -5.24 -13.47
N ILE C 143 55.97 -5.18 -12.79
CA ILE C 143 54.73 -5.80 -13.28
C ILE C 143 53.59 -4.79 -13.18
N GLY C 144 52.48 -5.10 -13.86
CA GLY C 144 51.34 -4.21 -13.90
C GLY C 144 50.46 -4.33 -12.67
N THR C 145 49.56 -3.38 -12.49
CA THR C 145 48.68 -3.39 -11.34
C THR C 145 47.64 -4.50 -11.41
N HIS C 146 47.43 -5.03 -12.61
CA HIS C 146 46.51 -6.16 -12.77
C HIS C 146 46.87 -6.92 -14.04
N VAL C 147 46.38 -8.14 -14.17
CA VAL C 147 46.76 -8.99 -15.30
C VAL C 147 45.50 -9.51 -15.99
N ASN C 148 45.08 -8.80 -17.04
CA ASN C 148 43.79 -9.04 -17.65
C ASN C 148 42.70 -8.99 -16.59
N GLU C 149 41.91 -10.05 -16.45
CA GLU C 149 40.87 -10.01 -15.43
C GLU C 149 41.40 -10.26 -14.01
N TRP C 150 42.68 -10.65 -13.90
CA TRP C 150 43.26 -10.87 -12.57
C TRP C 150 43.76 -9.60 -11.90
N ASP C 151 43.24 -9.33 -10.71
CA ASP C 151 43.89 -8.38 -9.82
C ASP C 151 44.97 -9.10 -9.02
N LEU C 152 45.78 -8.33 -8.28
CA LEU C 152 46.98 -8.88 -7.66
C LEU C 152 46.66 -9.81 -6.46
N ASN C 153 45.37 -9.94 -6.14
CA ASN C 153 44.94 -10.90 -5.14
C ASN C 153 44.76 -12.28 -5.73
N ALA C 154 44.79 -12.37 -7.06
CA ALA C 154 44.43 -13.60 -7.76
C ALA C 154 45.33 -14.78 -7.36
N GLN C 155 44.69 -15.84 -6.88
CA GLN C 155 45.33 -17.08 -6.46
C GLN C 155 46.29 -17.61 -7.52
N GLU C 156 45.92 -17.39 -8.77
CA GLU C 156 46.73 -17.82 -9.90
C GLU C 156 48.15 -17.26 -9.87
N LEU C 157 48.34 -16.11 -9.23
CA LEU C 157 49.63 -15.42 -9.26
C LEU C 157 50.46 -15.78 -8.04
N PHE C 158 49.89 -16.57 -7.14
CA PHE C 158 50.65 -16.97 -5.95
C PHE C 158 51.99 -17.69 -6.23
N PRO C 159 52.06 -18.59 -7.25
CA PRO C 159 53.36 -19.17 -7.61
C PRO C 159 54.42 -18.12 -7.95
N VAL C 160 53.98 -17.00 -8.52
CA VAL C 160 54.89 -15.91 -8.90
C VAL C 160 55.43 -15.23 -7.66
N TYR C 161 54.52 -14.89 -6.73
CA TYR C 161 54.89 -14.31 -5.44
C TYR C 161 55.84 -15.23 -4.66
N ALA C 162 55.57 -16.54 -4.68
CA ALA C 162 56.39 -17.49 -3.93
C ALA C 162 57.81 -17.51 -4.47
N ALA C 163 57.95 -17.57 -5.79
CA ALA C 163 59.25 -17.53 -6.43
C ALA C 163 60.00 -16.22 -6.15
N ALA C 164 59.29 -15.10 -6.15
CA ALA C 164 59.95 -13.81 -5.94
C ALA C 164 60.50 -13.71 -4.52
N GLU C 165 59.72 -14.21 -3.55
CA GLU C 165 60.16 -14.23 -2.15
C GLU C 165 61.38 -15.14 -2.00
N ARG C 166 61.34 -16.28 -2.67
CA ARG C 166 62.40 -17.29 -2.64
C ARG C 166 63.67 -16.80 -3.34
N LEU C 167 63.50 -16.11 -4.46
CA LEU C 167 64.65 -15.58 -5.21
C LEU C 167 65.13 -14.23 -4.67
N LYS C 168 64.40 -13.69 -3.70
CA LYS C 168 64.59 -12.31 -3.24
C LYS C 168 64.52 -11.31 -4.39
N CYS C 169 63.56 -11.54 -5.28
CA CYS C 169 63.31 -10.64 -6.40
C CYS C 169 62.27 -9.61 -5.98
N SER C 170 62.67 -8.34 -5.92
CA SER C 170 61.72 -7.28 -5.58
C SER C 170 60.72 -7.02 -6.70
N LEU C 171 59.50 -6.60 -6.34
CA LEU C 171 58.46 -6.27 -7.31
C LEU C 171 58.18 -4.75 -7.37
N PHE C 172 58.32 -4.16 -8.55
CA PHE C 172 57.85 -2.78 -8.76
C PHE C 172 56.51 -2.84 -9.49
N VAL C 173 55.45 -2.35 -8.87
CA VAL C 173 54.13 -2.46 -9.45
C VAL C 173 53.75 -1.15 -10.16
N HIS C 174 53.59 -1.20 -11.47
CA HIS C 174 53.30 0.00 -12.24
C HIS C 174 51.90 -0.03 -12.83
N PRO C 175 51.12 1.03 -12.61
CA PRO C 175 49.77 0.98 -13.17
C PRO C 175 49.80 0.95 -14.69
N TRP C 176 48.91 0.15 -15.26
CA TRP C 176 48.75 0.11 -16.70
C TRP C 176 47.39 -0.47 -17.02
N ASP C 177 46.97 -0.36 -18.28
CA ASP C 177 45.70 -0.90 -18.73
C ASP C 177 44.50 -0.28 -18.00
N MET C 178 44.57 1.00 -17.64
CA MET C 178 43.40 1.75 -17.14
C MET C 178 42.47 1.99 -18.32
N GLN C 179 41.22 2.36 -18.03
CA GLN C 179 40.27 2.68 -19.09
C GLN C 179 40.77 3.86 -19.93
N MET C 180 40.72 3.73 -21.26
CA MET C 180 41.30 4.76 -22.14
C MET C 180 40.25 5.56 -22.90
N ASP C 181 39.05 5.02 -22.99
CA ASP C 181 38.01 5.60 -23.83
C ASP C 181 36.78 6.00 -23.02
N GLY C 182 35.67 6.21 -23.70
CA GLY C 182 34.47 6.69 -23.03
C GLY C 182 34.74 8.01 -22.32
N ARG C 183 34.22 8.13 -21.10
CA ARG C 183 34.42 9.32 -20.27
C ARG C 183 35.88 9.64 -20.01
N MET C 184 36.76 8.62 -20.04
CA MET C 184 38.18 8.80 -19.75
C MET C 184 38.99 9.30 -20.96
N ALA C 185 38.35 9.39 -22.13
CA ALA C 185 39.06 9.83 -23.33
C ALA C 185 39.52 11.31 -23.30
N LYS C 186 39.07 12.07 -22.30
CA LYS C 186 39.35 13.51 -22.24
C LYS C 186 40.31 13.92 -21.12
N TYR C 187 40.86 15.13 -21.22
CA TYR C 187 41.66 15.77 -20.16
C TYR C 187 42.80 14.92 -19.57
N TRP C 188 43.34 13.98 -20.35
CA TRP C 188 44.44 13.11 -19.92
C TRP C 188 44.06 12.28 -18.69
N LEU C 189 42.75 12.09 -18.49
CA LEU C 189 42.26 11.37 -17.32
C LEU C 189 42.88 10.00 -17.02
N PRO C 190 43.18 9.20 -18.05
CA PRO C 190 43.80 7.90 -17.72
C PRO C 190 45.12 8.05 -16.97
N TRP C 191 45.92 9.05 -17.31
CA TRP C 191 47.19 9.22 -16.62
C TRP C 191 47.03 9.95 -15.30
N LEU C 192 46.19 10.97 -15.28
CA LEU C 192 46.11 11.87 -14.11
C LEU C 192 45.22 11.29 -13.01
N VAL C 193 44.23 10.48 -13.39
CA VAL C 193 43.31 9.92 -12.41
C VAL C 193 43.26 8.40 -12.46
N GLY C 194 43.20 7.84 -13.66
CA GLY C 194 43.16 6.40 -13.84
C GLY C 194 44.33 5.65 -13.22
N MET C 195 45.55 6.15 -13.44
CA MET C 195 46.74 5.48 -12.92
C MET C 195 46.80 5.45 -11.39
N PRO C 196 46.57 6.60 -10.72
CA PRO C 196 46.57 6.53 -9.25
C PRO C 196 45.46 5.60 -8.76
N ALA C 197 44.32 5.57 -9.46
CA ALA C 197 43.25 4.66 -9.08
C ALA C 197 43.62 3.18 -9.22
N GLU C 198 44.29 2.82 -10.32
CA GLU C 198 44.79 1.46 -10.54
C GLU C 198 45.73 1.00 -9.44
N THR C 199 46.62 1.91 -9.05
CA THR C 199 47.55 1.61 -7.97
C THR C 199 46.84 1.41 -6.63
N THR C 200 45.79 2.20 -6.39
CA THR C 200 45.05 2.06 -5.14
C THR C 200 44.35 0.68 -5.10
N ILE C 201 43.80 0.28 -6.24
CA ILE C 201 43.18 -1.03 -6.37
C ILE C 201 44.21 -2.17 -6.13
N ALA C 202 45.40 -2.02 -6.69
CA ALA C 202 46.45 -3.03 -6.55
C ALA C 202 46.85 -3.21 -5.09
N ILE C 203 47.05 -2.09 -4.40
CA ILE C 203 47.43 -2.14 -2.99
C ILE C 203 46.32 -2.84 -2.18
N CYS C 204 45.08 -2.44 -2.41
CA CYS C 204 43.95 -3.03 -1.68
C CYS C 204 43.84 -4.54 -1.98
N SER C 205 44.11 -4.92 -3.23
CA SER C 205 43.99 -6.31 -3.65
C SER C 205 45.04 -7.17 -2.97
N MET C 206 46.27 -6.70 -2.96
CA MET C 206 47.34 -7.44 -2.30
C MET C 206 47.11 -7.56 -0.79
N ILE C 207 46.67 -6.47 -0.17
CA ILE C 207 46.38 -6.50 1.27
C ILE C 207 45.23 -7.45 1.61
N MET C 208 44.06 -7.18 1.02
CA MET C 208 42.85 -7.95 1.32
C MET C 208 42.89 -9.32 0.65
N GLY C 209 43.78 -9.50 -0.32
CA GLY C 209 43.98 -10.82 -0.90
C GLY C 209 44.89 -11.65 -0.01
N GLY C 210 45.49 -10.99 0.98
CA GLY C 210 46.34 -11.70 1.93
C GLY C 210 47.76 -11.92 1.42
N VAL C 211 48.08 -11.36 0.26
CA VAL C 211 49.42 -11.50 -0.31
C VAL C 211 50.55 -11.22 0.70
N PHE C 212 50.55 -10.06 1.35
CA PHE C 212 51.60 -9.71 2.29
C PHE C 212 51.62 -10.62 3.52
N GLU C 213 50.46 -11.20 3.85
CA GLU C 213 50.37 -12.12 4.97
C GLU C 213 51.02 -13.45 4.64
N LYS C 214 50.77 -13.95 3.44
CA LYS C 214 51.30 -15.24 3.01
C LYS C 214 52.75 -15.18 2.52
N PHE C 215 53.19 -14.01 2.09
CA PHE C 215 54.56 -13.84 1.63
C PHE C 215 55.20 -12.68 2.39
N PRO C 216 55.47 -12.88 3.70
CA PRO C 216 55.92 -11.79 4.57
C PRO C 216 57.28 -11.21 4.20
N LYS C 217 58.07 -11.91 3.39
CA LYS C 217 59.36 -11.37 2.97
C LYS C 217 59.34 -10.85 1.52
N LEU C 218 58.18 -10.90 0.86
CA LEU C 218 58.03 -10.26 -0.45
C LEU C 218 58.27 -8.75 -0.38
N LYS C 219 59.14 -8.25 -1.23
CA LYS C 219 59.43 -6.81 -1.29
C LYS C 219 58.66 -6.19 -2.45
N VAL C 220 57.73 -5.29 -2.13
CA VAL C 220 56.88 -4.68 -3.16
C VAL C 220 56.95 -3.15 -3.10
N CYS C 221 57.08 -2.51 -4.26
CA CYS C 221 57.02 -1.04 -4.33
C CYS C 221 55.95 -0.62 -5.32
N PHE C 222 55.08 0.30 -4.93
CA PHE C 222 54.03 0.78 -5.84
C PHE C 222 54.43 2.15 -6.39
N ALA C 223 54.01 2.46 -7.61
CA ALA C 223 54.40 3.69 -8.28
C ALA C 223 53.54 4.88 -7.88
N HIS C 224 54.04 6.08 -8.19
CA HIS C 224 53.35 7.35 -7.89
C HIS C 224 52.81 7.48 -6.48
N GLY C 225 53.65 7.19 -5.49
CA GLY C 225 53.29 7.40 -4.11
C GLY C 225 52.09 6.58 -3.69
N GLY C 226 51.87 5.46 -4.35
CA GLY C 226 50.78 4.58 -3.97
C GLY C 226 49.41 5.07 -4.42
N GLY C 227 49.37 5.92 -5.45
CA GLY C 227 48.09 6.36 -5.99
C GLY C 227 47.32 7.29 -5.07
N ALA C 228 46.15 6.85 -4.58
CA ALA C 228 45.35 7.67 -3.66
C ALA C 228 45.48 7.16 -2.24
N PHE C 229 45.98 5.93 -2.13
CA PHE C 229 46.02 5.17 -0.87
C PHE C 229 46.46 5.94 0.39
N PRO C 230 47.58 6.68 0.31
CA PRO C 230 47.98 7.37 1.55
C PRO C 230 46.93 8.37 2.06
N PHE C 231 46.04 8.83 1.19
CA PHE C 231 45.00 9.77 1.62
C PHE C 231 43.71 9.05 1.96
N THR C 232 43.42 7.97 1.24
CA THR C 232 42.15 7.26 1.38
C THR C 232 42.23 6.04 2.30
N VAL C 233 43.41 5.74 2.81
CA VAL C 233 43.60 4.58 3.68
C VAL C 233 42.63 4.62 4.87
N GLY C 234 42.32 5.84 5.33
CA GLY C 234 41.34 6.05 6.38
C GLY C 234 39.98 5.48 6.02
N ARG C 235 39.48 5.86 4.85
CA ARG C 235 38.24 5.31 4.31
C ARG C 235 38.32 3.79 4.13
N ILE C 236 39.42 3.31 3.56
CA ILE C 236 39.57 1.88 3.28
C ILE C 236 39.57 1.09 4.60
N SER C 237 40.32 1.59 5.58
CA SER C 237 40.47 0.89 6.84
C SER C 237 39.14 0.88 7.61
N HIS C 238 38.42 1.99 7.57
CA HIS C 238 37.11 2.08 8.22
C HIS C 238 36.10 1.17 7.53
N GLY C 239 36.08 1.16 6.21
CA GLY C 239 35.14 0.29 5.52
C GLY C 239 35.39 -1.20 5.78
N PHE C 240 36.66 -1.58 5.78
CA PHE C 240 37.05 -2.94 6.10
C PHE C 240 36.41 -3.36 7.41
N SER C 241 36.62 -2.55 8.45
CA SER C 241 36.06 -2.82 9.77
C SER C 241 34.52 -2.87 9.77
N MET C 242 33.87 -2.05 8.94
CA MET C 242 32.40 -1.98 8.94
C MET C 242 31.73 -3.08 8.12
N ARG C 243 32.40 -3.54 7.09
CA ARG C 243 31.84 -4.61 6.25
C ARG C 243 32.83 -5.75 6.04
N PRO C 244 33.18 -6.46 7.12
CA PRO C 244 34.10 -7.59 6.97
C PRO C 244 33.51 -8.64 6.04
N ASP C 245 32.18 -8.69 5.92
CA ASP C 245 31.55 -9.66 5.02
C ASP C 245 31.97 -9.44 3.57
N LEU C 246 32.29 -8.19 3.23
CA LEU C 246 32.74 -7.89 1.86
C LEU C 246 34.26 -7.92 1.74
N CYS C 247 34.95 -7.49 2.79
CA CYS C 247 36.37 -7.16 2.68
C CYS C 247 37.30 -8.20 3.29
N ALA C 248 36.78 -9.04 4.18
CA ALA C 248 37.68 -9.88 4.99
C ALA C 248 37.68 -11.38 4.70
N GLN C 249 37.00 -11.84 3.65
CA GLN C 249 36.88 -13.29 3.41
C GLN C 249 38.17 -13.98 2.92
N ASP C 250 39.20 -13.19 2.59
CA ASP C 250 40.48 -13.77 2.15
C ASP C 250 41.59 -13.51 3.16
N ASN C 251 41.45 -12.40 3.89
CA ASN C 251 42.45 -11.98 4.87
C ASN C 251 41.74 -11.13 5.93
N PRO C 252 41.66 -11.62 7.17
CA PRO C 252 40.87 -10.87 8.15
C PRO C 252 41.56 -9.67 8.81
N MET C 253 42.85 -9.47 8.56
CA MET C 253 43.56 -8.37 9.21
C MET C 253 43.26 -7.00 8.58
N ASN C 254 43.08 -5.97 9.42
CA ASN C 254 42.80 -4.63 8.90
C ASN C 254 43.96 -4.08 8.07
N PRO C 255 43.64 -3.49 6.91
CA PRO C 255 44.61 -2.87 5.99
C PRO C 255 45.63 -1.97 6.68
N LYS C 256 45.22 -1.21 7.70
CA LYS C 256 46.13 -0.38 8.47
C LYS C 256 47.33 -1.12 9.08
N LYS C 257 47.17 -2.41 9.33
CA LYS C 257 48.24 -3.22 9.92
C LYS C 257 49.39 -3.38 8.94
N TYR C 258 49.11 -3.20 7.65
CA TYR C 258 50.13 -3.42 6.63
C TYR C 258 50.91 -2.16 6.23
N LEU C 259 50.63 -1.03 6.89
CA LEU C 259 51.43 0.17 6.64
C LEU C 259 52.82 -0.12 7.17
N GLY C 260 53.82 -0.02 6.29
CA GLY C 260 55.18 -0.40 6.65
C GLY C 260 55.52 -1.76 6.08
N SER C 261 54.54 -2.45 5.52
CA SER C 261 54.80 -3.74 4.89
C SER C 261 55.22 -3.63 3.43
N PHE C 262 55.22 -2.41 2.89
CA PHE C 262 55.56 -2.22 1.47
C PHE C 262 56.08 -0.82 1.21
N TYR C 263 56.68 -0.62 0.04
CA TYR C 263 57.25 0.66 -0.36
C TYR C 263 56.38 1.36 -1.39
N THR C 264 56.60 2.65 -1.60
CA THR C 264 56.06 3.36 -2.77
C THR C 264 57.14 4.31 -3.29
N ASP C 265 57.08 4.70 -4.56
CA ASP C 265 57.98 5.77 -4.99
C ASP C 265 57.51 7.12 -4.45
N ALA C 266 58.37 8.12 -4.55
CA ALA C 266 58.09 9.44 -3.98
C ALA C 266 57.47 10.39 -5.01
N LEU C 267 57.05 9.84 -6.14
CA LEU C 267 56.59 10.70 -7.25
C LEU C 267 55.17 11.25 -7.03
N VAL C 268 55.07 12.30 -6.20
CA VAL C 268 53.77 12.93 -5.91
C VAL C 268 53.74 14.44 -6.14
N HIS C 269 54.88 15.00 -6.57
CA HIS C 269 54.93 16.37 -7.11
C HIS C 269 54.86 17.53 -6.11
N ASP C 270 54.07 17.38 -5.05
CA ASP C 270 53.83 18.45 -4.09
C ASP C 270 54.32 18.11 -2.69
N PRO C 271 54.86 19.11 -1.96
CA PRO C 271 55.43 18.87 -0.62
C PRO C 271 54.40 18.39 0.42
N LEU C 272 53.18 18.91 0.36
CA LEU C 272 52.15 18.48 1.30
C LEU C 272 51.87 16.99 1.10
N SER C 273 51.84 16.58 -0.16
CA SER C 273 51.64 15.18 -0.52
C SER C 273 52.81 14.30 -0.13
N LEU C 274 54.03 14.77 -0.37
CA LEU C 274 55.22 14.01 0.02
C LEU C 274 55.28 13.79 1.53
N LYS C 275 54.98 14.84 2.30
CA LYS C 275 54.95 14.69 3.76
C LYS C 275 53.91 13.66 4.23
N LEU C 276 52.68 13.76 3.72
CA LEU C 276 51.65 12.78 4.07
C LEU C 276 52.11 11.38 3.74
N LEU C 277 52.66 11.23 2.54
CA LEU C 277 53.19 9.94 2.06
C LEU C 277 54.15 9.31 3.05
N THR C 278 55.12 10.09 3.53
CA THR C 278 56.07 9.54 4.50
C THR C 278 55.44 9.38 5.88
N ASP C 279 54.51 10.25 6.25
CA ASP C 279 53.80 10.08 7.52
C ASP C 279 53.03 8.76 7.55
N VAL C 280 52.52 8.31 6.40
CA VAL C 280 51.64 7.14 6.34
C VAL C 280 52.40 5.86 5.99
N ILE C 281 53.28 5.96 5.00
CA ILE C 281 54.01 4.82 4.47
C ILE C 281 55.29 4.58 5.28
N GLY C 282 55.86 5.68 5.80
CA GLY C 282 57.02 5.56 6.67
C GLY C 282 58.28 6.05 5.98
N LYS C 283 59.17 6.70 6.73
CA LYS C 283 60.35 7.32 6.17
C LYS C 283 61.33 6.31 5.58
N ASP C 284 61.26 5.05 6.02
CA ASP C 284 62.14 3.99 5.53
C ASP C 284 61.54 3.34 4.29
N LYS C 285 60.30 3.70 3.97
CA LYS C 285 59.55 3.02 2.91
C LYS C 285 59.23 3.84 1.67
N VAL C 286 59.74 5.07 1.59
CA VAL C 286 59.46 5.92 0.44
C VAL C 286 60.74 6.07 -0.41
N ILE C 287 60.63 5.81 -1.71
CA ILE C 287 61.80 5.77 -2.61
C ILE C 287 61.71 6.81 -3.76
N LEU C 288 62.75 7.62 -3.89
CA LEU C 288 62.84 8.52 -5.03
C LEU C 288 62.64 7.77 -6.35
N GLY C 289 61.76 8.29 -7.18
CA GLY C 289 61.46 7.73 -8.48
C GLY C 289 60.94 8.89 -9.28
N THR C 290 61.20 8.87 -10.58
CA THR C 290 61.07 10.09 -11.37
C THR C 290 60.20 9.96 -12.64
N ASP C 291 59.97 8.73 -13.09
CA ASP C 291 59.26 8.48 -14.38
C ASP C 291 60.06 9.04 -15.58
N TYR C 292 61.36 9.20 -15.41
CA TYR C 292 62.25 9.56 -16.53
C TYR C 292 62.02 8.55 -17.65
N PRO C 293 61.93 9.03 -18.90
CA PRO C 293 62.09 10.41 -19.38
C PRO C 293 60.77 11.08 -19.74
N PHE C 294 59.67 10.62 -19.17
CA PHE C 294 58.35 11.12 -19.52
C PHE C 294 58.01 12.45 -18.82
N PRO C 295 57.27 13.33 -19.53
CA PRO C 295 57.00 14.69 -19.03
C PRO C 295 56.15 14.72 -17.76
N LEU C 296 55.31 13.70 -17.57
CA LEU C 296 54.47 13.71 -16.39
C LEU C 296 55.28 13.42 -15.10
N GLY C 297 56.55 13.07 -15.26
CA GLY C 297 57.43 12.78 -14.14
C GLY C 297 58.10 13.99 -13.50
N GLU C 298 59.00 13.75 -12.54
CA GLU C 298 59.73 14.85 -11.89
C GLU C 298 60.85 15.33 -12.80
N LEU C 299 60.80 16.60 -13.20
CA LEU C 299 61.71 17.11 -14.20
C LEU C 299 63.10 17.36 -13.63
N GLU C 300 63.16 17.72 -12.35
CA GLU C 300 64.43 17.88 -11.64
C GLU C 300 64.53 16.84 -10.52
N PRO C 301 65.20 15.69 -10.79
CA PRO C 301 65.17 14.54 -9.88
C PRO C 301 65.64 14.87 -8.47
N GLY C 302 64.81 14.53 -7.48
CA GLY C 302 65.16 14.76 -6.08
C GLY C 302 64.95 16.17 -5.57
N LYS C 303 64.60 17.09 -6.46
CA LYS C 303 64.46 18.49 -6.05
C LYS C 303 63.39 18.67 -4.98
N LEU C 304 62.28 17.95 -5.13
CA LEU C 304 61.19 18.05 -4.16
C LEU C 304 61.67 17.61 -2.76
N ILE C 305 62.26 16.42 -2.68
CA ILE C 305 62.84 15.92 -1.43
C ILE C 305 63.84 16.94 -0.83
N GLU C 306 64.72 17.49 -1.67
CA GLU C 306 65.74 18.42 -1.18
C GLU C 306 65.19 19.73 -0.65
N SER C 307 64.01 20.11 -1.12
CA SER C 307 63.40 21.37 -0.69
C SER C 307 62.54 21.18 0.56
N MET C 308 62.51 19.96 1.10
CA MET C 308 61.58 19.68 2.19
C MET C 308 62.09 20.20 3.53
N GLU C 309 61.62 21.40 3.86
CA GLU C 309 61.70 22.00 5.19
C GLU C 309 61.56 21.00 6.37
N GLU C 310 60.54 20.15 6.32
CA GLU C 310 60.19 19.27 7.44
C GLU C 310 61.11 18.05 7.61
N PHE C 311 61.94 17.77 6.59
CA PHE C 311 62.83 16.62 6.62
C PHE C 311 64.25 16.96 7.09
N ASP C 312 64.81 16.16 8.01
CA ASP C 312 66.23 16.29 8.32
C ASP C 312 67.03 15.54 7.26
N GLU C 313 68.35 15.75 7.26
CA GLU C 313 69.22 15.21 6.21
C GLU C 313 69.26 13.69 6.14
N GLU C 314 69.23 13.03 7.28
CA GLU C 314 69.23 11.57 7.27
C GLU C 314 67.97 10.99 6.60
N THR C 315 66.84 11.67 6.78
CA THR C 315 65.59 11.29 6.13
C THR C 315 65.66 11.51 4.63
N LYS C 316 66.20 12.65 4.22
CA LYS C 316 66.39 12.94 2.79
C LYS C 316 67.27 11.89 2.13
N ASN C 317 68.39 11.55 2.76
CA ASN C 317 69.28 10.52 2.22
C ASN C 317 68.59 9.16 2.09
N LYS C 318 67.63 8.89 2.95
CA LYS C 318 66.84 7.67 2.85
C LYS C 318 65.96 7.70 1.60
N LEU C 319 65.20 8.77 1.44
CA LEU C 319 64.33 8.97 0.28
C LEU C 319 65.14 9.00 -1.02
N LYS C 320 66.33 9.61 -0.99
CA LYS C 320 67.15 9.73 -2.21
C LYS C 320 67.85 8.44 -2.65
N ALA C 321 68.25 7.58 -1.70
CA ALA C 321 69.04 6.39 -2.05
C ALA C 321 68.92 5.24 -1.07
N GLY C 322 68.93 5.55 0.23
CA GLY C 322 68.94 4.51 1.25
C GLY C 322 67.83 3.49 1.12
N ASN C 323 66.61 3.99 0.95
CA ASN C 323 65.45 3.14 0.81
C ASN C 323 65.47 2.29 -0.48
N ALA C 324 65.97 2.86 -1.57
CA ALA C 324 66.12 2.09 -2.81
C ALA C 324 67.06 0.90 -2.61
N LEU C 325 68.18 1.13 -1.93
CA LEU C 325 69.16 0.06 -1.71
C LEU C 325 68.55 -1.07 -0.89
N ALA C 326 67.83 -0.70 0.16
CA ALA C 326 67.12 -1.67 0.99
C ALA C 326 66.08 -2.45 0.17
N PHE C 327 65.29 -1.73 -0.63
CA PHE C 327 64.26 -2.38 -1.45
C PHE C 327 64.85 -3.37 -2.44
N LEU C 328 66.00 -3.02 -3.02
CA LEU C 328 66.59 -3.82 -4.07
C LEU C 328 67.53 -4.87 -3.54
N GLY C 329 67.88 -4.78 -2.24
CA GLY C 329 68.82 -5.70 -1.64
C GLY C 329 70.24 -5.50 -2.15
N LEU C 330 70.58 -4.24 -2.44
CA LEU C 330 71.88 -3.93 -3.00
C LEU C 330 72.73 -3.12 -2.04
N GLU C 331 74.01 -2.97 -2.37
CA GLU C 331 74.97 -2.30 -1.50
C GLU C 331 75.61 -1.08 -2.15
N ARG C 332 75.79 -0.04 -1.34
CA ARG C 332 76.25 1.28 -1.78
C ARG C 332 77.57 1.28 -2.58
N LYS C 333 78.32 0.19 -2.53
CA LYS C 333 79.58 0.09 -3.28
C LYS C 333 79.44 -0.70 -4.57
N GLN C 334 78.21 -0.98 -4.96
CA GLN C 334 77.94 -1.42 -6.31
C GLN C 334 78.09 -0.17 -7.17
N PHE C 335 78.06 0.98 -6.49
CA PHE C 335 77.89 2.27 -7.13
C PHE C 335 78.85 3.32 -6.57
N MET D 1 -23.56 -12.03 7.25
CA MET D 1 -24.36 -13.12 7.78
C MET D 1 -25.78 -13.06 7.29
N LYS D 2 -26.03 -12.40 6.16
CA LYS D 2 -27.40 -12.22 5.67
C LYS D 2 -28.10 -13.53 5.24
N ILE D 3 -27.58 -14.21 4.21
CA ILE D 3 -28.24 -15.41 3.68
C ILE D 3 -27.32 -16.65 3.71
N ASP D 4 -27.86 -17.78 4.17
CA ASP D 4 -27.08 -19.03 4.25
C ASP D 4 -27.56 -20.02 3.18
N ILE D 5 -26.79 -20.20 2.11
CA ILE D 5 -27.24 -21.05 1.01
C ILE D 5 -27.15 -22.54 1.35
N HIS D 6 -26.39 -22.83 2.39
CA HIS D 6 -25.97 -24.20 2.67
C HIS D 6 -26.37 -24.63 4.08
N SER D 7 -27.59 -25.15 4.22
CA SER D 7 -28.08 -25.56 5.55
C SER D 7 -28.98 -26.78 5.40
N HIS D 8 -28.98 -27.63 6.41
CA HIS D 8 -29.69 -28.91 6.31
C HIS D 8 -30.75 -29.03 7.38
N ILE D 9 -31.84 -29.69 7.04
CA ILE D 9 -32.91 -29.88 8.00
C ILE D 9 -33.56 -31.23 7.74
N LEU D 10 -34.24 -31.78 8.76
CA LEU D 10 -34.96 -33.03 8.63
C LEU D 10 -36.35 -32.88 9.26
N PRO D 11 -37.31 -33.70 8.82
CA PRO D 11 -38.56 -33.79 9.57
C PRO D 11 -38.25 -34.36 10.95
N LYS D 12 -39.03 -34.00 11.96
CA LYS D 12 -38.80 -34.52 13.31
C LYS D 12 -39.05 -36.02 13.39
N GLU D 13 -39.90 -36.54 12.49
CA GLU D 13 -40.20 -37.96 12.39
C GLU D 13 -40.63 -38.37 10.97
N TRP D 14 -40.51 -39.65 10.68
CA TRP D 14 -40.98 -40.23 9.41
C TRP D 14 -41.12 -41.73 9.58
N PRO D 15 -41.94 -42.38 8.74
CA PRO D 15 -42.22 -43.82 8.92
C PRO D 15 -40.99 -44.72 8.80
N ASP D 16 -41.11 -45.93 9.35
CA ASP D 16 -40.12 -46.98 9.16
C ASP D 16 -40.05 -47.27 7.67
N LEU D 17 -38.95 -46.87 7.03
CA LEU D 17 -38.83 -47.03 5.59
C LEU D 17 -38.64 -48.48 5.16
N LYS D 18 -37.90 -49.23 5.99
CA LYS D 18 -37.70 -50.66 5.77
C LYS D 18 -39.05 -51.38 5.66
N LYS D 19 -39.96 -51.06 6.58
CA LYS D 19 -41.32 -51.60 6.52
C LYS D 19 -42.09 -51.03 5.34
N ARG D 20 -41.90 -49.75 5.05
CA ARG D 20 -42.66 -49.12 3.98
C ARG D 20 -42.31 -49.66 2.59
N PHE D 21 -41.01 -49.76 2.29
CA PHE D 21 -40.57 -50.14 0.94
C PHE D 21 -40.22 -51.62 0.79
N GLY D 22 -39.87 -52.29 1.89
CA GLY D 22 -39.63 -53.72 1.83
C GLY D 22 -38.18 -54.18 1.93
N TYR D 23 -37.25 -53.23 1.94
CA TYR D 23 -35.84 -53.58 2.07
C TYR D 23 -35.13 -52.58 2.98
N GLY D 24 -33.96 -52.98 3.48
CA GLY D 24 -33.23 -52.16 4.43
C GLY D 24 -32.31 -51.17 3.76
N GLY D 25 -31.46 -50.54 4.57
CA GLY D 25 -30.48 -49.58 4.07
C GLY D 25 -30.90 -48.12 4.22
N TRP D 26 -32.07 -47.86 4.81
CA TRP D 26 -32.54 -46.48 4.95
C TRP D 26 -32.08 -45.88 6.28
N VAL D 27 -32.29 -44.57 6.47
CA VAL D 27 -31.99 -43.97 7.77
C VAL D 27 -33.26 -43.55 8.52
N GLN D 28 -33.24 -43.76 9.84
CA GLN D 28 -34.35 -43.32 10.67
C GLN D 28 -33.84 -42.30 11.69
N LEU D 29 -34.72 -41.43 12.16
CA LEU D 29 -34.37 -40.44 13.19
C LEU D 29 -34.98 -40.84 14.52
N GLN D 30 -34.14 -41.06 15.53
CA GLN D 30 -34.69 -41.50 16.80
C GLN D 30 -34.42 -40.55 17.97
N HIS D 31 -35.51 -40.19 18.65
CA HIS D 31 -35.45 -39.22 19.73
C HIS D 31 -35.14 -39.94 21.05
N HIS D 32 -33.84 -40.04 21.35
CA HIS D 32 -33.36 -40.83 22.49
C HIS D 32 -33.33 -40.05 23.80
N SER D 33 -33.12 -38.74 23.70
CA SER D 33 -33.09 -37.86 24.87
C SER D 33 -33.62 -36.48 24.47
N LYS D 34 -33.93 -35.64 25.45
CA LYS D 34 -34.61 -34.39 25.15
C LYS D 34 -33.74 -33.40 24.37
N GLY D 35 -34.30 -32.87 23.29
CA GLY D 35 -33.58 -31.92 22.44
C GLY D 35 -32.46 -32.52 21.61
N GLU D 36 -32.33 -33.85 21.66
CA GLU D 36 -31.30 -34.54 20.89
C GLU D 36 -31.94 -35.73 20.18
N ALA D 37 -31.27 -36.20 19.12
CA ALA D 37 -31.74 -37.37 18.37
C ALA D 37 -30.59 -38.08 17.65
N LYS D 38 -30.76 -39.37 17.39
CA LYS D 38 -29.73 -40.11 16.65
C LYS D 38 -30.22 -40.47 15.28
N LEU D 39 -29.35 -40.32 14.28
CA LEU D 39 -29.61 -40.85 12.95
C LEU D 39 -29.10 -42.28 12.90
N LEU D 40 -30.00 -43.23 12.66
CA LEU D 40 -29.65 -44.65 12.59
C LEU D 40 -29.63 -45.08 11.13
N LYS D 41 -28.61 -45.84 10.75
CA LYS D 41 -28.45 -46.30 9.37
C LYS D 41 -28.23 -47.82 9.40
N ASP D 42 -29.33 -48.57 9.55
CA ASP D 42 -29.30 -50.00 9.91
C ASP D 42 -28.18 -50.39 10.88
N GLY D 43 -28.52 -50.38 12.17
CA GLY D 43 -27.64 -50.88 13.20
C GLY D 43 -26.74 -49.87 13.91
N LYS D 44 -26.39 -48.78 13.24
CA LYS D 44 -25.39 -47.88 13.82
C LYS D 44 -25.83 -46.43 13.90
N VAL D 45 -25.20 -45.69 14.81
CA VAL D 45 -25.43 -44.24 14.88
C VAL D 45 -24.57 -43.54 13.84
N PHE D 46 -25.24 -43.10 12.77
CA PHE D 46 -24.59 -42.36 11.70
C PHE D 46 -24.17 -41.00 12.25
N ARG D 47 -25.06 -40.39 13.03
CA ARG D 47 -24.81 -39.03 13.53
C ARG D 47 -25.75 -38.70 14.68
N VAL D 48 -25.27 -37.84 15.59
CA VAL D 48 -26.11 -37.30 16.65
C VAL D 48 -26.37 -35.83 16.38
N VAL D 49 -27.64 -35.43 16.46
CA VAL D 49 -28.07 -34.07 16.14
C VAL D 49 -28.93 -33.49 17.25
N ARG D 50 -29.02 -32.17 17.29
CA ARG D 50 -29.88 -31.48 18.25
C ARG D 50 -31.16 -30.99 17.58
N GLU D 51 -32.03 -30.37 18.36
CA GLU D 51 -33.34 -29.97 17.85
C GLU D 51 -33.26 -28.90 16.76
N ASN D 52 -32.16 -28.16 16.68
CA ASN D 52 -32.03 -27.22 15.58
C ASN D 52 -32.01 -27.92 14.22
N CYS D 53 -31.83 -29.24 14.21
CA CYS D 53 -31.84 -30.01 12.96
C CYS D 53 -33.25 -30.26 12.43
N TRP D 54 -34.26 -30.12 13.30
CA TRP D 54 -35.65 -30.38 12.92
C TRP D 54 -36.68 -29.31 13.30
N ASP D 55 -36.32 -28.42 14.23
CA ASP D 55 -37.29 -27.44 14.74
C ASP D 55 -37.06 -26.03 14.19
N PRO D 56 -37.98 -25.57 13.33
CA PRO D 56 -37.83 -24.26 12.67
C PRO D 56 -37.75 -23.11 13.66
N GLU D 57 -38.52 -23.14 14.74
CA GLU D 57 -38.44 -22.06 15.73
C GLU D 57 -37.08 -21.97 16.39
N VAL D 58 -36.51 -23.12 16.76
CA VAL D 58 -35.17 -23.16 17.33
C VAL D 58 -34.20 -22.58 16.32
N ARG D 59 -34.36 -22.98 15.07
CA ARG D 59 -33.49 -22.45 14.01
C ARG D 59 -33.59 -20.93 13.94
N ILE D 60 -34.82 -20.41 13.98
CA ILE D 60 -35.04 -18.97 13.83
C ILE D 60 -34.46 -18.19 15.00
N ARG D 61 -34.54 -18.76 16.20
CA ARG D 61 -33.87 -18.15 17.35
C ARG D 61 -32.38 -18.06 17.06
N GLU D 62 -31.79 -19.18 16.65
CA GLU D 62 -30.34 -19.22 16.39
C GLU D 62 -29.98 -18.31 15.21
N MET D 63 -30.85 -18.26 14.20
CA MET D 63 -30.68 -17.32 13.09
C MET D 63 -30.63 -15.87 13.59
N ASP D 64 -31.61 -15.46 14.41
CA ASP D 64 -31.65 -14.10 14.95
C ASP D 64 -30.38 -13.78 15.74
N GLN D 65 -29.97 -14.72 16.59
CA GLN D 65 -28.78 -14.56 17.43
C GLN D 65 -27.51 -14.36 16.60
N LYS D 66 -27.53 -14.84 15.36
CA LYS D 66 -26.33 -14.79 14.50
C LYS D 66 -26.48 -13.80 13.35
N GLY D 67 -27.62 -13.12 13.29
CA GLY D 67 -27.85 -12.16 12.24
C GLY D 67 -28.06 -12.79 10.87
N VAL D 68 -28.50 -14.04 10.84
CA VAL D 68 -28.87 -14.66 9.57
C VAL D 68 -30.30 -14.31 9.20
N THR D 69 -30.48 -13.67 8.05
CA THR D 69 -31.83 -13.30 7.57
C THR D 69 -32.63 -14.47 6.98
N VAL D 70 -32.04 -15.19 6.02
CA VAL D 70 -32.71 -16.37 5.45
C VAL D 70 -31.79 -17.58 5.29
N GLN D 71 -32.34 -18.78 5.57
CA GLN D 71 -31.69 -20.05 5.25
C GLN D 71 -32.37 -20.75 4.08
N ALA D 72 -31.58 -21.14 3.09
CA ALA D 72 -32.04 -22.10 2.09
C ALA D 72 -31.96 -23.48 2.74
N LEU D 73 -33.12 -24.12 2.91
CA LEU D 73 -33.17 -25.41 3.58
C LEU D 73 -33.05 -26.53 2.53
N SER D 74 -32.09 -27.43 2.74
CA SER D 74 -32.01 -28.66 1.96
C SER D 74 -32.01 -29.87 2.90
N THR D 75 -32.32 -31.06 2.38
CA THR D 75 -32.26 -32.25 3.25
C THR D 75 -30.80 -32.61 3.60
N VAL D 76 -30.61 -33.51 4.56
CA VAL D 76 -29.25 -34.04 4.86
C VAL D 76 -28.89 -35.01 3.74
N PRO D 77 -27.70 -34.86 3.13
CA PRO D 77 -27.32 -35.59 1.92
C PRO D 77 -27.49 -37.10 2.03
N VAL D 78 -27.29 -37.66 3.23
CA VAL D 78 -27.48 -39.09 3.44
C VAL D 78 -28.90 -39.55 3.03
N MET D 79 -29.84 -38.61 2.95
CA MET D 79 -31.20 -38.91 2.50
C MET D 79 -31.39 -39.03 0.98
N PHE D 80 -30.36 -38.70 0.20
CA PHE D 80 -30.48 -38.76 -1.26
C PHE D 80 -31.07 -40.09 -1.73
N SER D 81 -30.57 -41.21 -1.19
CA SER D 81 -31.14 -42.53 -1.48
C SER D 81 -31.10 -42.93 -2.96
N TYR D 82 -30.06 -42.52 -3.68
CA TYR D 82 -30.01 -42.77 -5.12
C TYR D 82 -29.87 -44.27 -5.42
N TRP D 83 -29.47 -45.04 -4.40
CA TRP D 83 -29.21 -46.47 -4.54
C TRP D 83 -30.49 -47.30 -4.53
N ALA D 84 -31.57 -46.72 -4.03
CA ALA D 84 -32.81 -47.48 -3.88
C ALA D 84 -33.57 -47.64 -5.19
N LYS D 85 -34.73 -48.30 -5.11
CA LYS D 85 -35.63 -48.38 -6.24
C LYS D 85 -36.22 -47.00 -6.50
N PRO D 86 -36.36 -46.62 -7.78
CA PRO D 86 -36.70 -45.26 -8.20
C PRO D 86 -38.03 -44.78 -7.61
N GLU D 87 -39.07 -45.60 -7.66
CA GLU D 87 -40.35 -45.22 -7.08
C GLU D 87 -40.28 -45.02 -5.57
N ASP D 88 -39.44 -45.80 -4.91
CA ASP D 88 -39.24 -45.65 -3.47
C ASP D 88 -38.49 -44.36 -3.14
N THR D 89 -37.37 -44.11 -3.83
CA THR D 89 -36.65 -42.85 -3.67
C THR D 89 -37.62 -41.68 -3.94
N LEU D 90 -38.38 -41.77 -5.03
CA LEU D 90 -39.37 -40.73 -5.33
C LEU D 90 -40.37 -40.54 -4.19
N ASN D 91 -40.88 -41.64 -3.63
CA ASN D 91 -41.83 -41.51 -2.52
C ASN D 91 -41.21 -40.81 -1.31
N LEU D 92 -39.93 -41.09 -1.03
CA LEU D 92 -39.24 -40.38 0.06
C LEU D 92 -38.98 -38.91 -0.29
N CYS D 93 -38.56 -38.64 -1.52
CA CYS D 93 -38.37 -37.25 -1.94
C CYS D 93 -39.65 -36.44 -1.69
N GLN D 94 -40.79 -37.03 -2.02
CA GLN D 94 -42.05 -36.31 -1.89
C GLN D 94 -42.34 -35.98 -0.44
N LEU D 95 -42.08 -36.94 0.44
CA LEU D 95 -42.27 -36.76 1.86
C LEU D 95 -41.35 -35.64 2.36
N LEU D 96 -40.07 -35.67 1.96
CA LEU D 96 -39.09 -34.67 2.38
C LEU D 96 -39.35 -33.28 1.78
N ASN D 97 -39.68 -33.24 0.49
CA ASN D 97 -39.98 -31.97 -0.18
C ASN D 97 -41.28 -31.34 0.36
N ASN D 98 -42.27 -32.16 0.63
CA ASN D 98 -43.50 -31.63 1.23
C ASN D 98 -43.26 -31.04 2.61
N ASP D 99 -42.45 -31.72 3.41
CA ASP D 99 -42.15 -31.22 4.75
C ASP D 99 -41.36 -29.90 4.69
N LEU D 100 -40.40 -29.80 3.78
CA LEU D 100 -39.65 -28.56 3.55
C LEU D 100 -40.60 -27.42 3.19
N ALA D 101 -41.56 -27.72 2.32
CA ALA D 101 -42.52 -26.74 1.85
C ALA D 101 -43.39 -26.19 2.98
N SER D 102 -43.79 -27.06 3.91
CA SER D 102 -44.57 -26.63 5.08
C SER D 102 -43.78 -25.66 5.93
N THR D 103 -42.50 -25.95 6.09
CA THR D 103 -41.62 -25.09 6.87
C THR D 103 -41.52 -23.71 6.21
N VAL D 104 -41.37 -23.66 4.90
CA VAL D 104 -41.26 -22.39 4.21
C VAL D 104 -42.56 -21.57 4.30
N VAL D 105 -43.71 -22.23 4.13
CA VAL D 105 -45.00 -21.56 4.29
C VAL D 105 -45.15 -20.90 5.66
N SER D 106 -44.75 -21.59 6.72
CA SER D 106 -44.83 -21.03 8.07
C SER D 106 -43.90 -19.84 8.32
N TYR D 107 -42.79 -19.75 7.60
CA TYR D 107 -41.84 -18.65 7.76
C TYR D 107 -41.26 -18.20 6.43
N PRO D 108 -42.08 -17.55 5.60
CA PRO D 108 -41.69 -17.27 4.21
C PRO D 108 -40.62 -16.20 4.06
N ARG D 109 -40.39 -15.38 5.07
CA ARG D 109 -39.33 -14.39 4.91
C ARG D 109 -38.01 -14.82 5.56
N ARG D 110 -37.96 -16.07 6.03
CA ARG D 110 -36.79 -16.59 6.72
C ARG D 110 -36.22 -17.84 6.05
N PHE D 111 -37.05 -18.53 5.26
CA PHE D 111 -36.67 -19.78 4.61
C PHE D 111 -37.06 -19.83 3.14
N VAL D 112 -36.17 -20.44 2.34
CA VAL D 112 -36.54 -20.95 1.03
C VAL D 112 -36.14 -22.43 0.96
N GLY D 113 -36.79 -23.18 0.09
CA GLY D 113 -36.52 -24.61 0.00
C GLY D 113 -35.74 -25.03 -1.25
N LEU D 114 -34.83 -25.99 -1.06
CA LEU D 114 -34.17 -26.65 -2.17
C LEU D 114 -34.55 -28.13 -2.09
N GLY D 115 -35.34 -28.62 -3.06
CA GLY D 115 -35.85 -29.98 -3.01
C GLY D 115 -34.84 -31.08 -3.30
N THR D 116 -35.27 -32.33 -3.12
CA THR D 116 -34.43 -33.49 -3.45
C THR D 116 -35.12 -34.32 -4.51
N LEU D 117 -34.34 -34.90 -5.43
CA LEU D 117 -34.89 -35.61 -6.58
C LEU D 117 -34.40 -37.07 -6.64
N PRO D 118 -35.23 -37.97 -7.18
CA PRO D 118 -34.80 -39.35 -7.48
C PRO D 118 -33.92 -39.38 -8.73
N MET D 119 -32.67 -38.95 -8.55
CA MET D 119 -31.77 -38.71 -9.68
C MET D 119 -31.42 -39.96 -10.50
N GLN D 120 -31.57 -41.13 -9.90
CA GLN D 120 -31.24 -42.37 -10.61
C GLN D 120 -32.31 -42.69 -11.66
N ALA D 121 -33.42 -41.95 -11.59
CA ALA D 121 -34.54 -42.12 -12.53
C ALA D 121 -34.90 -40.79 -13.17
N PRO D 122 -34.15 -40.38 -14.20
CA PRO D 122 -34.24 -39.05 -14.80
C PRO D 122 -35.66 -38.59 -15.12
N GLU D 123 -36.49 -39.48 -15.66
CA GLU D 123 -37.87 -39.12 -15.98
C GLU D 123 -38.69 -38.79 -14.72
N LEU D 124 -38.49 -39.57 -13.66
CA LEU D 124 -39.17 -39.30 -12.39
C LEU D 124 -38.61 -38.02 -11.78
N ALA D 125 -37.32 -37.80 -11.97
CA ALA D 125 -36.66 -36.63 -11.40
C ALA D 125 -37.21 -35.33 -11.99
N VAL D 126 -37.35 -35.30 -13.33
CA VAL D 126 -37.93 -34.14 -14.03
C VAL D 126 -39.32 -33.86 -13.51
N LYS D 127 -40.09 -34.91 -13.25
CA LYS D 127 -41.46 -34.71 -12.81
C LYS D 127 -41.51 -34.14 -11.39
N GLU D 128 -40.68 -34.66 -10.49
CA GLU D 128 -40.65 -34.10 -9.13
C GLU D 128 -40.07 -32.68 -9.09
N MET D 129 -39.08 -32.41 -9.96
CA MET D 129 -38.54 -31.06 -10.09
C MET D 129 -39.64 -30.10 -10.53
N GLU D 130 -40.45 -30.55 -11.49
CA GLU D 130 -41.58 -29.77 -12.00
C GLU D 130 -42.51 -29.45 -10.83
N ARG D 131 -42.74 -30.46 -10.00
CA ARG D 131 -43.58 -30.34 -8.82
C ARG D 131 -43.02 -29.34 -7.80
N CYS D 132 -41.73 -29.46 -7.48
CA CYS D 132 -41.08 -28.55 -6.53
C CYS D 132 -41.15 -27.08 -6.94
N VAL D 133 -40.92 -26.84 -8.23
CA VAL D 133 -40.91 -25.49 -8.75
C VAL D 133 -42.33 -24.95 -8.90
N LYS D 134 -43.20 -25.71 -9.56
CA LYS D 134 -44.57 -25.24 -9.83
C LYS D 134 -45.50 -25.26 -8.64
N GLU D 135 -45.56 -26.40 -7.95
CA GLU D 135 -46.50 -26.58 -6.85
C GLU D 135 -45.94 -26.14 -5.50
N LEU D 136 -44.67 -26.47 -5.23
CA LEU D 136 -44.06 -26.17 -3.94
C LEU D 136 -43.40 -24.78 -3.91
N GLY D 137 -43.10 -24.24 -5.08
CA GLY D 137 -42.51 -22.90 -5.18
C GLY D 137 -41.03 -22.80 -4.85
N PHE D 138 -40.30 -23.91 -4.91
CA PHE D 138 -38.87 -23.91 -4.65
C PHE D 138 -38.09 -23.26 -5.78
N PRO D 139 -37.10 -22.42 -5.44
CA PRO D 139 -36.24 -21.79 -6.45
C PRO D 139 -35.14 -22.74 -6.96
N GLY D 140 -35.00 -23.91 -6.35
CA GLY D 140 -33.99 -24.88 -6.77
C GLY D 140 -34.06 -26.25 -6.10
N VAL D 141 -33.06 -27.10 -6.37
CA VAL D 141 -32.95 -28.41 -5.72
C VAL D 141 -31.49 -28.67 -5.31
N GLN D 142 -31.30 -29.58 -4.35
CA GLN D 142 -29.95 -30.03 -4.00
C GLN D 142 -29.80 -31.42 -4.56
N ILE D 143 -28.70 -31.70 -5.27
CA ILE D 143 -28.45 -33.03 -5.81
C ILE D 143 -27.03 -33.42 -5.40
N GLY D 144 -26.70 -34.72 -5.47
CA GLY D 144 -25.36 -35.17 -5.13
C GLY D 144 -24.34 -34.95 -6.24
N THR D 145 -23.08 -35.23 -5.95
CA THR D 145 -22.00 -35.06 -6.91
C THR D 145 -21.91 -36.17 -7.93
N HIS D 146 -22.61 -37.27 -7.65
CA HIS D 146 -22.73 -38.37 -8.61
C HIS D 146 -23.96 -39.23 -8.28
N VAL D 147 -24.45 -39.96 -9.27
CA VAL D 147 -25.65 -40.77 -9.08
C VAL D 147 -25.29 -42.22 -9.36
N ASN D 148 -24.97 -42.96 -8.31
CA ASN D 148 -24.49 -44.32 -8.45
C ASN D 148 -23.26 -44.39 -9.34
N GLU D 149 -23.39 -44.98 -10.52
CA GLU D 149 -22.23 -45.06 -11.42
C GLU D 149 -22.18 -43.88 -12.38
N TRP D 150 -23.20 -43.03 -12.36
CA TRP D 150 -23.19 -41.84 -13.22
C TRP D 150 -22.49 -40.66 -12.56
N ASP D 151 -21.48 -40.09 -13.23
CA ASP D 151 -21.04 -38.75 -12.86
C ASP D 151 -21.92 -37.74 -13.57
N LEU D 152 -21.74 -36.47 -13.24
CA LEU D 152 -22.66 -35.41 -13.67
C LEU D 152 -22.57 -35.11 -15.18
N ASN D 153 -21.60 -35.73 -15.86
CA ASN D 153 -21.54 -35.65 -17.33
C ASN D 153 -22.51 -36.59 -18.03
N ALA D 154 -23.07 -37.55 -17.29
CA ALA D 154 -23.90 -38.59 -17.91
C ALA D 154 -25.01 -38.07 -18.81
N GLN D 155 -25.04 -38.55 -20.05
CA GLN D 155 -26.08 -38.12 -21.00
C GLN D 155 -27.49 -38.46 -20.49
N GLU D 156 -27.59 -39.53 -19.69
CA GLU D 156 -28.83 -39.91 -19.03
C GLU D 156 -29.42 -38.78 -18.18
N LEU D 157 -28.56 -37.94 -17.63
CA LEU D 157 -29.03 -36.89 -16.74
C LEU D 157 -29.37 -35.63 -17.52
N PHE D 158 -29.06 -35.61 -18.82
CA PHE D 158 -29.36 -34.43 -19.63
C PHE D 158 -30.82 -33.91 -19.61
N PRO D 159 -31.84 -34.82 -19.60
CA PRO D 159 -33.22 -34.33 -19.42
C PRO D 159 -33.43 -33.60 -18.11
N VAL D 160 -32.66 -33.96 -17.08
CA VAL D 160 -32.81 -33.28 -15.80
C VAL D 160 -32.29 -31.86 -15.92
N TYR D 161 -31.16 -31.70 -16.63
CA TYR D 161 -30.57 -30.38 -16.82
C TYR D 161 -31.42 -29.49 -17.72
N ALA D 162 -31.98 -30.08 -18.79
CA ALA D 162 -32.82 -29.33 -19.70
C ALA D 162 -34.06 -28.80 -18.99
N ALA D 163 -34.68 -29.64 -18.17
CA ALA D 163 -35.83 -29.21 -17.37
C ALA D 163 -35.44 -28.12 -16.36
N ALA D 164 -34.28 -28.24 -15.72
CA ALA D 164 -33.90 -27.23 -14.74
C ALA D 164 -33.70 -25.87 -15.43
N GLU D 165 -33.06 -25.90 -16.60
CA GLU D 165 -32.85 -24.69 -17.36
C GLU D 165 -34.21 -24.06 -17.71
N ARG D 166 -35.09 -24.87 -18.31
CA ARG D 166 -36.49 -24.51 -18.59
C ARG D 166 -37.19 -23.86 -17.39
N LEU D 167 -37.22 -24.62 -16.29
CA LEU D 167 -37.98 -24.23 -15.10
C LEU D 167 -37.32 -23.11 -14.31
N LYS D 168 -36.11 -22.72 -14.72
CA LYS D 168 -35.32 -21.73 -13.99
C LYS D 168 -35.08 -22.21 -12.55
N CYS D 169 -34.84 -23.51 -12.45
CA CYS D 169 -34.53 -24.18 -11.18
C CYS D 169 -33.02 -24.21 -10.98
N SER D 170 -32.53 -23.58 -9.93
CA SER D 170 -31.09 -23.63 -9.63
C SER D 170 -30.69 -25.00 -9.07
N LEU D 171 -29.43 -25.40 -9.26
CA LEU D 171 -28.95 -26.66 -8.71
C LEU D 171 -27.87 -26.43 -7.66
N PHE D 172 -28.06 -27.01 -6.47
CA PHE D 172 -27.01 -27.00 -5.44
C PHE D 172 -26.43 -28.40 -5.38
N VAL D 173 -25.14 -28.50 -5.75
CA VAL D 173 -24.49 -29.79 -5.85
C VAL D 173 -23.71 -30.03 -4.56
N HIS D 174 -24.02 -31.13 -3.89
CA HIS D 174 -23.41 -31.42 -2.59
C HIS D 174 -22.69 -32.77 -2.64
N PRO D 175 -21.39 -32.79 -2.25
CA PRO D 175 -20.67 -34.07 -2.28
C PRO D 175 -21.35 -35.10 -1.37
N TRP D 176 -21.54 -36.30 -1.92
CA TRP D 176 -22.02 -37.39 -1.08
C TRP D 176 -21.54 -38.71 -1.67
N ASP D 177 -21.71 -39.80 -0.93
CA ASP D 177 -21.36 -41.12 -1.42
C ASP D 177 -19.86 -41.23 -1.69
N MET D 178 -19.02 -40.64 -0.83
CA MET D 178 -17.57 -40.84 -0.94
C MET D 178 -17.22 -42.24 -0.48
N GLN D 179 -15.97 -42.63 -0.69
CA GLN D 179 -15.50 -43.87 -0.11
C GLN D 179 -15.51 -43.75 1.41
N MET D 180 -16.27 -44.62 2.08
CA MET D 180 -16.40 -44.57 3.53
C MET D 180 -15.48 -45.57 4.23
N ASP D 181 -14.92 -46.51 3.46
CA ASP D 181 -14.18 -47.64 4.03
C ASP D 181 -12.75 -47.79 3.49
N GLY D 182 -12.15 -48.95 3.77
CA GLY D 182 -10.78 -49.22 3.32
C GLY D 182 -9.87 -48.17 3.92
N ARG D 183 -8.96 -47.63 3.10
CA ARG D 183 -8.08 -46.55 3.53
C ARG D 183 -8.82 -45.31 4.03
N MET D 184 -10.04 -45.09 3.56
CA MET D 184 -10.77 -43.86 3.92
C MET D 184 -11.49 -43.95 5.27
N ALA D 185 -11.42 -45.10 5.92
CA ALA D 185 -12.17 -45.29 7.17
C ALA D 185 -11.60 -44.53 8.38
N LYS D 186 -10.36 -44.06 8.25
CA LYS D 186 -9.67 -43.43 9.38
C LYS D 186 -9.64 -41.90 9.27
N TYR D 187 -9.37 -41.25 10.40
CA TYR D 187 -9.15 -39.79 10.46
C TYR D 187 -10.24 -38.92 9.82
N TRP D 188 -11.48 -39.42 9.73
CA TRP D 188 -12.59 -38.64 9.15
C TRP D 188 -12.28 -38.22 7.71
N LEU D 189 -11.37 -38.94 7.05
CA LEU D 189 -11.05 -38.70 5.65
C LEU D 189 -12.23 -38.52 4.68
N PRO D 190 -13.33 -39.29 4.85
CA PRO D 190 -14.36 -39.07 3.84
C PRO D 190 -14.96 -37.66 3.85
N TRP D 191 -15.01 -37.03 5.03
CA TRP D 191 -15.49 -35.65 5.15
C TRP D 191 -14.41 -34.61 4.85
N LEU D 192 -13.20 -34.88 5.34
CA LEU D 192 -12.14 -33.90 5.25
C LEU D 192 -11.51 -33.90 3.86
N VAL D 193 -11.38 -35.09 3.26
CA VAL D 193 -10.74 -35.21 1.94
C VAL D 193 -11.67 -35.71 0.85
N GLY D 194 -12.49 -36.73 1.18
CA GLY D 194 -13.34 -37.37 0.19
C GLY D 194 -14.35 -36.40 -0.39
N MET D 195 -14.88 -35.53 0.47
CA MET D 195 -15.93 -34.60 0.04
C MET D 195 -15.42 -33.54 -0.97
N PRO D 196 -14.34 -32.81 -0.64
CA PRO D 196 -13.83 -31.89 -1.65
C PRO D 196 -13.38 -32.57 -2.94
N ALA D 197 -12.85 -33.79 -2.87
CA ALA D 197 -12.50 -34.51 -4.11
C ALA D 197 -13.73 -34.84 -4.96
N GLU D 198 -14.80 -35.34 -4.32
CA GLU D 198 -16.07 -35.52 -5.01
C GLU D 198 -16.54 -34.26 -5.73
N THR D 199 -16.44 -33.09 -5.08
CA THR D 199 -16.86 -31.84 -5.69
C THR D 199 -15.98 -31.44 -6.88
N THR D 200 -14.68 -31.67 -6.75
CA THR D 200 -13.76 -31.43 -7.86
C THR D 200 -14.13 -32.28 -9.08
N ILE D 201 -14.39 -33.57 -8.84
CA ILE D 201 -14.79 -34.47 -9.93
C ILE D 201 -16.06 -33.95 -10.61
N ALA D 202 -17.05 -33.57 -9.79
CA ALA D 202 -18.33 -33.12 -10.30
C ALA D 202 -18.20 -31.87 -11.17
N ILE D 203 -17.35 -30.93 -10.76
CA ILE D 203 -17.09 -29.74 -11.57
C ILE D 203 -16.42 -30.16 -12.88
N CYS D 204 -15.40 -31.02 -12.78
CA CYS D 204 -14.73 -31.51 -13.98
C CYS D 204 -15.68 -32.22 -14.93
N SER D 205 -16.60 -33.00 -14.37
CA SER D 205 -17.49 -33.80 -15.20
C SER D 205 -18.54 -32.92 -15.89
N MET D 206 -19.02 -31.91 -15.19
CA MET D 206 -19.98 -30.98 -15.82
C MET D 206 -19.30 -30.12 -16.90
N ILE D 207 -18.07 -29.72 -16.65
CA ILE D 207 -17.32 -28.97 -17.66
C ILE D 207 -17.01 -29.84 -18.87
N MET D 208 -16.33 -30.96 -18.63
CA MET D 208 -15.84 -31.79 -19.73
C MET D 208 -16.96 -32.63 -20.35
N GLY D 209 -18.05 -32.79 -19.61
CA GLY D 209 -19.21 -33.48 -20.14
C GLY D 209 -20.04 -32.57 -21.03
N GLY D 210 -19.71 -31.28 -21.00
CA GLY D 210 -20.34 -30.30 -21.85
C GLY D 210 -21.69 -29.84 -21.31
N VAL D 211 -21.91 -30.01 -20.01
CA VAL D 211 -23.16 -29.58 -19.43
C VAL D 211 -23.38 -28.07 -19.49
N PHE D 212 -22.38 -27.29 -19.07
CA PHE D 212 -22.49 -25.84 -19.08
C PHE D 212 -22.61 -25.26 -20.49
N GLU D 213 -22.01 -25.92 -21.47
CA GLU D 213 -22.08 -25.47 -22.86
C GLU D 213 -23.47 -25.74 -23.44
N LYS D 214 -24.02 -26.91 -23.14
CA LYS D 214 -25.32 -27.31 -23.66
C LYS D 214 -26.45 -26.54 -22.98
N PHE D 215 -26.22 -26.11 -21.74
CA PHE D 215 -27.25 -25.46 -20.94
C PHE D 215 -26.70 -24.19 -20.29
N PRO D 216 -26.46 -23.14 -21.11
CA PRO D 216 -25.72 -21.96 -20.63
C PRO D 216 -26.53 -21.08 -19.71
N LYS D 217 -27.83 -21.32 -19.58
CA LYS D 217 -28.63 -20.57 -18.63
C LYS D 217 -28.88 -21.35 -17.34
N LEU D 218 -28.35 -22.58 -17.28
CA LEU D 218 -28.49 -23.40 -16.07
C LEU D 218 -27.61 -22.82 -14.95
N LYS D 219 -28.22 -22.60 -13.79
CA LYS D 219 -27.51 -22.05 -12.63
C LYS D 219 -27.10 -23.15 -11.65
N VAL D 220 -25.80 -23.26 -11.42
CA VAL D 220 -25.25 -24.32 -10.57
C VAL D 220 -24.35 -23.72 -9.48
N CYS D 221 -24.53 -24.15 -8.25
CA CYS D 221 -23.62 -23.82 -7.15
C CYS D 221 -23.01 -25.07 -6.53
N PHE D 222 -21.70 -25.09 -6.39
CA PHE D 222 -21.02 -26.22 -5.75
C PHE D 222 -20.66 -25.97 -4.27
N ALA D 223 -20.70 -27.03 -3.47
CA ALA D 223 -20.44 -26.92 -2.03
C ALA D 223 -18.95 -26.78 -1.69
N HIS D 224 -18.68 -26.25 -0.49
CA HIS D 224 -17.32 -26.15 0.06
C HIS D 224 -16.31 -25.48 -0.83
N GLY D 225 -16.68 -24.32 -1.37
CA GLY D 225 -15.82 -23.58 -2.27
C GLY D 225 -15.33 -24.39 -3.46
N GLY D 226 -16.18 -25.30 -3.94
CA GLY D 226 -15.81 -26.07 -5.11
C GLY D 226 -14.70 -27.08 -4.85
N GLY D 227 -14.53 -27.48 -3.59
CA GLY D 227 -13.62 -28.57 -3.28
C GLY D 227 -12.16 -28.18 -3.41
N ALA D 228 -11.46 -28.80 -4.34
CA ALA D 228 -10.08 -28.43 -4.62
C ALA D 228 -9.97 -27.59 -5.89
N PHE D 229 -11.06 -27.50 -6.65
CA PHE D 229 -11.03 -26.89 -7.98
C PHE D 229 -10.33 -25.51 -8.10
N PRO D 230 -10.57 -24.58 -7.16
CA PRO D 230 -9.93 -23.27 -7.37
C PRO D 230 -8.41 -23.36 -7.29
N PHE D 231 -7.91 -24.33 -6.54
CA PHE D 231 -6.46 -24.51 -6.40
C PHE D 231 -5.88 -25.34 -7.54
N THR D 232 -6.61 -26.38 -7.94
CA THR D 232 -6.11 -27.31 -8.95
C THR D 232 -6.57 -26.98 -10.37
N VAL D 233 -7.34 -25.91 -10.54
CA VAL D 233 -7.83 -25.55 -11.88
C VAL D 233 -6.67 -25.41 -12.88
N GLY D 234 -5.52 -24.92 -12.41
CA GLY D 234 -4.37 -24.77 -13.30
C GLY D 234 -3.96 -26.10 -13.92
N ARG D 235 -3.85 -27.12 -13.07
CA ARG D 235 -3.52 -28.49 -13.48
C ARG D 235 -4.56 -29.03 -14.46
N ILE D 236 -5.83 -28.95 -14.05
CA ILE D 236 -6.94 -29.46 -14.87
C ILE D 236 -6.96 -28.78 -16.23
N SER D 237 -6.78 -27.46 -16.25
CA SER D 237 -6.77 -26.71 -17.50
C SER D 237 -5.53 -27.05 -18.37
N HIS D 238 -4.37 -27.21 -17.72
CA HIS D 238 -3.18 -27.59 -18.48
C HIS D 238 -3.36 -28.98 -19.05
N GLY D 239 -3.84 -29.92 -18.22
CA GLY D 239 -4.05 -31.29 -18.66
C GLY D 239 -4.99 -31.38 -19.84
N PHE D 240 -6.05 -30.57 -19.80
CA PHE D 240 -7.03 -30.56 -20.88
C PHE D 240 -6.36 -30.20 -22.19
N SER D 241 -5.41 -29.26 -22.14
CA SER D 241 -4.73 -28.79 -23.35
C SER D 241 -3.80 -29.85 -23.89
N MET D 242 -3.23 -30.64 -22.99
CA MET D 242 -2.19 -31.59 -23.39
C MET D 242 -2.77 -32.92 -23.89
N ARG D 243 -3.98 -33.26 -23.45
CA ARG D 243 -4.55 -34.55 -23.87
C ARG D 243 -6.01 -34.40 -24.30
N PRO D 244 -6.23 -33.75 -25.45
CA PRO D 244 -7.59 -33.57 -25.96
C PRO D 244 -8.20 -34.93 -26.28
N ASP D 245 -7.37 -35.91 -26.61
CA ASP D 245 -7.88 -37.26 -26.84
C ASP D 245 -8.60 -37.84 -25.61
N LEU D 246 -8.15 -37.46 -24.40
CA LEU D 246 -8.79 -37.94 -23.16
C LEU D 246 -9.85 -36.98 -22.59
N CYS D 247 -9.63 -35.68 -22.79
CA CYS D 247 -10.41 -34.66 -22.09
C CYS D 247 -11.41 -33.87 -22.93
N ALA D 248 -11.24 -33.86 -24.25
CA ALA D 248 -12.02 -32.95 -25.09
C ALA D 248 -13.00 -33.61 -26.09
N GLN D 249 -13.31 -34.90 -25.88
CA GLN D 249 -14.17 -35.60 -26.83
C GLN D 249 -15.65 -35.21 -26.72
N ASP D 250 -16.09 -34.77 -25.54
CA ASP D 250 -17.50 -34.39 -25.34
C ASP D 250 -17.70 -32.88 -25.38
N ASN D 251 -16.64 -32.13 -25.11
CA ASN D 251 -16.71 -30.68 -25.06
C ASN D 251 -15.33 -30.09 -25.36
N PRO D 252 -15.22 -29.29 -26.44
CA PRO D 252 -13.93 -28.79 -26.92
C PRO D 252 -13.35 -27.61 -26.10
N MET D 253 -14.18 -26.97 -25.27
CA MET D 253 -13.76 -25.79 -24.50
C MET D 253 -12.85 -26.08 -23.30
N ASN D 254 -11.74 -25.35 -23.17
CA ASN D 254 -10.91 -25.42 -21.97
C ASN D 254 -11.67 -25.03 -20.71
N PRO D 255 -11.50 -25.82 -19.63
CA PRO D 255 -12.18 -25.65 -18.34
C PRO D 255 -12.10 -24.23 -17.79
N LYS D 256 -11.01 -23.54 -18.10
CA LYS D 256 -10.85 -22.18 -17.61
C LYS D 256 -11.91 -21.24 -18.13
N LYS D 257 -12.47 -21.54 -19.30
CA LYS D 257 -13.47 -20.63 -19.85
C LYS D 257 -14.83 -20.69 -19.18
N TYR D 258 -14.94 -21.55 -18.16
CA TYR D 258 -16.16 -21.65 -17.36
C TYR D 258 -15.97 -21.04 -15.98
N LEU D 259 -14.81 -20.42 -15.78
CA LEU D 259 -14.62 -19.60 -14.58
C LEU D 259 -15.51 -18.38 -14.74
N GLY D 260 -16.48 -18.24 -13.85
CA GLY D 260 -17.50 -17.21 -14.00
C GLY D 260 -18.82 -17.77 -14.52
N SER D 261 -18.83 -19.06 -14.87
CA SER D 261 -20.04 -19.71 -15.39
C SER D 261 -20.87 -20.41 -14.31
N PHE D 262 -20.34 -20.48 -13.09
CA PHE D 262 -21.03 -21.19 -12.01
C PHE D 262 -20.62 -20.64 -10.64
N TYR D 263 -21.35 -21.06 -9.62
CA TYR D 263 -21.18 -20.54 -8.26
C TYR D 263 -20.56 -21.60 -7.37
N THR D 264 -20.01 -21.18 -6.23
CA THR D 264 -19.58 -22.07 -5.15
C THR D 264 -20.03 -21.44 -3.85
N ASP D 265 -20.24 -22.23 -2.80
CA ASP D 265 -20.44 -21.59 -1.51
C ASP D 265 -19.11 -21.07 -0.97
N ALA D 266 -19.15 -20.30 0.11
CA ALA D 266 -17.93 -19.66 0.62
C ALA D 266 -17.28 -20.47 1.76
N LEU D 267 -17.72 -21.71 1.94
CA LEU D 267 -17.33 -22.49 3.11
C LEU D 267 -15.95 -23.15 2.96
N VAL D 268 -14.89 -22.36 3.14
CA VAL D 268 -13.51 -22.84 3.02
C VAL D 268 -12.67 -22.57 4.29
N HIS D 269 -13.30 -21.93 5.28
CA HIS D 269 -12.75 -21.79 6.64
C HIS D 269 -11.62 -20.77 6.87
N ASP D 270 -10.66 -20.70 5.95
CA ASP D 270 -9.51 -19.82 6.12
C ASP D 270 -9.54 -18.65 5.16
N PRO D 271 -9.01 -17.48 5.60
CA PRO D 271 -9.01 -16.30 4.72
C PRO D 271 -8.20 -16.46 3.45
N LEU D 272 -7.02 -17.08 3.50
CA LEU D 272 -6.26 -17.30 2.27
C LEU D 272 -7.07 -18.08 1.23
N SER D 273 -7.78 -19.11 1.67
CA SER D 273 -8.62 -19.93 0.79
C SER D 273 -9.80 -19.12 0.28
N LEU D 274 -10.41 -18.32 1.14
CA LEU D 274 -11.52 -17.47 0.70
C LEU D 274 -11.07 -16.44 -0.34
N LYS D 275 -9.91 -15.81 -0.14
CA LYS D 275 -9.36 -14.89 -1.13
C LYS D 275 -9.08 -15.54 -2.49
N LEU D 276 -8.39 -16.69 -2.47
CA LEU D 276 -8.15 -17.41 -3.72
C LEU D 276 -9.45 -17.79 -4.39
N LEU D 277 -10.39 -18.29 -3.60
CA LEU D 277 -11.73 -18.60 -4.12
C LEU D 277 -12.38 -17.43 -4.87
N THR D 278 -12.38 -16.24 -4.26
CA THR D 278 -12.96 -15.09 -4.93
C THR D 278 -12.12 -14.67 -6.12
N ASP D 279 -10.80 -14.79 -6.00
CA ASP D 279 -9.90 -14.51 -7.11
C ASP D 279 -10.16 -15.42 -8.33
N VAL D 280 -10.49 -16.68 -8.07
CA VAL D 280 -10.66 -17.65 -9.16
C VAL D 280 -12.10 -17.74 -9.69
N ILE D 281 -13.04 -18.00 -8.79
CA ILE D 281 -14.47 -18.13 -9.13
C ILE D 281 -15.14 -16.78 -9.42
N GLY D 282 -14.70 -15.73 -8.73
CA GLY D 282 -15.19 -14.38 -8.98
C GLY D 282 -16.03 -13.85 -7.85
N LYS D 283 -15.96 -12.54 -7.58
CA LYS D 283 -16.70 -11.96 -6.47
C LYS D 283 -18.22 -12.03 -6.65
N ASP D 284 -18.69 -12.15 -7.89
CA ASP D 284 -20.12 -12.24 -8.17
C ASP D 284 -20.66 -13.67 -8.03
N LYS D 285 -19.78 -14.61 -7.72
CA LYS D 285 -20.07 -16.03 -7.88
C LYS D 285 -19.85 -16.85 -6.60
N VAL D 286 -19.44 -16.20 -5.53
CA VAL D 286 -19.21 -16.88 -4.26
C VAL D 286 -20.31 -16.55 -3.26
N ILE D 287 -20.92 -17.58 -2.69
CA ILE D 287 -22.13 -17.43 -1.89
C ILE D 287 -21.93 -17.93 -0.46
N LEU D 288 -22.18 -17.07 0.53
CA LEU D 288 -22.10 -17.51 1.92
C LEU D 288 -22.97 -18.74 2.16
N GLY D 289 -22.34 -19.75 2.76
CA GLY D 289 -23.00 -21.00 3.08
C GLY D 289 -22.29 -21.56 4.30
N THR D 290 -23.01 -22.27 5.15
CA THR D 290 -22.52 -22.52 6.50
C THR D 290 -22.49 -24.00 6.93
N ASP D 291 -23.28 -24.83 6.26
CA ASP D 291 -23.42 -26.25 6.64
C ASP D 291 -24.13 -26.38 8.00
N TYR D 292 -24.92 -25.37 8.35
CA TYR D 292 -25.76 -25.42 9.54
C TYR D 292 -26.65 -26.67 9.48
N PRO D 293 -26.82 -27.36 10.63
CA PRO D 293 -26.23 -27.08 11.95
C PRO D 293 -25.05 -28.00 12.30
N PHE D 294 -24.30 -28.47 11.30
CA PHE D 294 -23.22 -29.44 11.50
C PHE D 294 -21.90 -28.80 11.96
N PRO D 295 -21.17 -29.44 12.88
CA PRO D 295 -19.97 -28.82 13.45
C PRO D 295 -18.83 -28.62 12.46
N LEU D 296 -18.87 -29.31 11.32
CA LEU D 296 -17.84 -29.12 10.30
C LEU D 296 -18.09 -27.85 9.48
N GLY D 297 -19.21 -27.18 9.74
CA GLY D 297 -19.49 -25.93 9.04
C GLY D 297 -18.97 -24.73 9.80
N GLU D 298 -19.42 -23.54 9.41
CA GLU D 298 -18.98 -22.28 10.05
C GLU D 298 -19.78 -21.99 11.31
N LEU D 299 -19.09 -21.96 12.46
CA LEU D 299 -19.75 -21.71 13.73
C LEU D 299 -20.40 -20.33 13.75
N GLU D 300 -19.72 -19.35 13.16
CA GLU D 300 -20.21 -17.98 13.14
C GLU D 300 -20.49 -17.48 11.72
N PRO D 301 -21.75 -17.57 11.28
CA PRO D 301 -22.09 -17.29 9.88
C PRO D 301 -21.60 -15.93 9.35
N GLY D 302 -20.78 -15.94 8.30
CA GLY D 302 -20.32 -14.71 7.68
C GLY D 302 -19.10 -14.05 8.32
N LYS D 303 -18.70 -14.58 9.48
CA LYS D 303 -17.57 -14.03 10.21
C LYS D 303 -16.30 -13.95 9.36
N LEU D 304 -15.99 -15.04 8.65
CA LEU D 304 -14.81 -15.07 7.80
C LEU D 304 -14.87 -13.95 6.77
N ILE D 305 -15.96 -13.89 6.01
CA ILE D 305 -16.16 -12.84 5.01
C ILE D 305 -16.01 -11.44 5.62
N GLU D 306 -16.58 -11.23 6.80
CA GLU D 306 -16.59 -9.91 7.43
C GLU D 306 -15.21 -9.51 7.93
N SER D 307 -14.35 -10.51 8.17
CA SER D 307 -13.01 -10.28 8.68
C SER D 307 -12.04 -9.97 7.55
N MET D 308 -12.50 -10.11 6.31
CA MET D 308 -11.63 -9.90 5.15
C MET D 308 -11.43 -8.42 4.88
N GLU D 309 -10.28 -7.88 5.30
CA GLU D 309 -9.96 -6.46 5.11
C GLU D 309 -9.87 -6.08 3.63
N GLU D 310 -9.51 -7.06 2.80
CA GLU D 310 -9.35 -6.85 1.38
C GLU D 310 -10.67 -6.59 0.65
N PHE D 311 -11.79 -6.98 1.26
CA PHE D 311 -13.11 -6.77 0.64
C PHE D 311 -13.74 -5.43 1.06
N ASP D 312 -14.26 -4.67 0.09
CA ASP D 312 -15.10 -3.51 0.44
C ASP D 312 -16.54 -3.91 0.83
N GLU D 313 -17.34 -2.93 1.26
CA GLU D 313 -18.68 -3.22 1.74
C GLU D 313 -19.56 -3.91 0.69
N GLU D 314 -19.52 -3.41 -0.54
CA GLU D 314 -20.38 -3.95 -1.60
C GLU D 314 -19.97 -5.38 -2.00
N THR D 315 -18.68 -5.69 -1.91
CA THR D 315 -18.20 -7.05 -2.13
C THR D 315 -18.71 -7.96 -1.02
N LYS D 316 -18.49 -7.55 0.23
CA LYS D 316 -19.01 -8.29 1.38
C LYS D 316 -20.51 -8.48 1.29
N ASN D 317 -21.24 -7.46 0.82
CA ASN D 317 -22.68 -7.58 0.66
C ASN D 317 -23.07 -8.61 -0.43
N LYS D 318 -22.31 -8.64 -1.52
CA LYS D 318 -22.48 -9.65 -2.54
C LYS D 318 -22.28 -11.04 -1.94
N LEU D 319 -21.18 -11.22 -1.22
CA LEU D 319 -20.84 -12.52 -0.64
C LEU D 319 -21.89 -12.98 0.37
N LYS D 320 -22.42 -12.05 1.15
CA LYS D 320 -23.37 -12.35 2.21
C LYS D 320 -24.82 -12.59 1.77
N ALA D 321 -25.24 -11.99 0.65
CA ALA D 321 -26.65 -12.09 0.24
C ALA D 321 -26.91 -11.87 -1.24
N GLY D 322 -26.22 -10.91 -1.84
CA GLY D 322 -26.52 -10.54 -3.22
C GLY D 322 -26.36 -11.67 -4.22
N ASN D 323 -25.26 -12.43 -4.09
CA ASN D 323 -24.99 -13.53 -5.00
C ASN D 323 -26.02 -14.66 -4.84
N ALA D 324 -26.37 -14.97 -3.59
CA ALA D 324 -27.38 -15.97 -3.28
C ALA D 324 -28.72 -15.62 -3.94
N LEU D 325 -29.08 -14.34 -3.85
CA LEU D 325 -30.32 -13.88 -4.47
C LEU D 325 -30.25 -14.00 -5.98
N ALA D 326 -29.09 -13.66 -6.54
CA ALA D 326 -28.89 -13.80 -7.98
C ALA D 326 -28.98 -15.27 -8.38
N PHE D 327 -28.25 -16.13 -7.66
CA PHE D 327 -28.26 -17.58 -7.88
C PHE D 327 -29.68 -18.16 -7.84
N LEU D 328 -30.44 -17.81 -6.81
CA LEU D 328 -31.76 -18.36 -6.60
C LEU D 328 -32.79 -17.62 -7.43
N GLY D 329 -32.40 -16.47 -7.95
CA GLY D 329 -33.27 -15.66 -8.80
C GLY D 329 -34.41 -15.07 -8.00
N LEU D 330 -34.12 -14.61 -6.78
CA LEU D 330 -35.12 -13.99 -5.94
C LEU D 330 -34.75 -12.53 -5.77
N GLU D 331 -35.65 -11.77 -5.16
CA GLU D 331 -35.37 -10.35 -4.90
C GLU D 331 -35.34 -10.03 -3.41
N ARG D 332 -34.54 -9.02 -3.05
CA ARG D 332 -34.40 -8.58 -1.66
C ARG D 332 -35.73 -8.33 -1.02
N LYS D 333 -36.57 -7.56 -1.73
CA LYS D 333 -37.93 -7.34 -1.31
C LYS D 333 -38.61 -8.70 -1.26
N GLN D 334 -39.10 -9.05 -0.07
CA GLN D 334 -39.70 -10.34 0.33
C GLN D 334 -38.94 -10.97 1.50
N PHE D 335 -37.75 -10.45 1.79
CA PHE D 335 -36.99 -10.91 2.95
C PHE D 335 -36.72 -9.79 3.96
N MET E 1 14.39 -22.85 -12.82
CA MET E 1 15.48 -22.63 -13.76
C MET E 1 16.83 -22.65 -13.04
N LYS E 2 16.96 -23.52 -12.03
CA LYS E 2 18.27 -23.93 -11.51
C LYS E 2 18.19 -25.42 -11.14
N ILE E 3 17.34 -25.76 -10.18
CA ILE E 3 17.20 -27.14 -9.75
C ILE E 3 15.78 -27.68 -9.96
N ASP E 4 15.69 -28.84 -10.61
CA ASP E 4 14.41 -29.53 -10.81
C ASP E 4 14.27 -30.77 -9.90
N ILE E 5 13.52 -30.65 -8.81
CA ILE E 5 13.44 -31.74 -7.83
C ILE E 5 12.60 -32.90 -8.35
N HIS E 6 11.81 -32.65 -9.39
CA HIS E 6 10.75 -33.57 -9.77
C HIS E 6 10.85 -33.90 -11.26
N SER E 7 11.63 -34.93 -11.58
CA SER E 7 11.80 -35.39 -12.95
C SER E 7 11.99 -36.91 -12.98
N HIS E 8 11.58 -37.52 -14.07
CA HIS E 8 11.54 -38.97 -14.16
C HIS E 8 12.41 -39.46 -15.30
N ILE E 9 13.03 -40.61 -15.10
CA ILE E 9 13.90 -41.20 -16.10
C ILE E 9 13.80 -42.73 -16.04
N LEU E 10 14.02 -43.40 -17.17
CA LEU E 10 14.03 -44.86 -17.24
C LEU E 10 15.35 -45.33 -17.86
N PRO E 11 15.77 -46.57 -17.55
CA PRO E 11 16.88 -47.15 -18.33
C PRO E 11 16.41 -47.28 -19.77
N LYS E 12 17.30 -47.19 -20.74
CA LYS E 12 16.89 -47.34 -22.14
C LYS E 12 16.31 -48.73 -22.41
N GLU E 13 16.76 -49.70 -21.62
CA GLU E 13 16.40 -51.10 -21.76
C GLU E 13 16.48 -51.77 -20.40
N TRP E 14 15.63 -52.77 -20.18
CA TRP E 14 15.78 -53.68 -19.04
C TRP E 14 15.24 -55.08 -19.37
N PRO E 15 15.62 -56.10 -18.60
CA PRO E 15 15.24 -57.46 -19.01
C PRO E 15 13.73 -57.70 -18.96
N ASP E 16 13.29 -58.76 -19.65
CA ASP E 16 11.88 -59.15 -19.59
C ASP E 16 11.52 -59.57 -18.16
N LEU E 17 10.73 -58.75 -17.48
CA LEU E 17 10.46 -58.97 -16.07
C LEU E 17 9.61 -60.22 -15.80
N LYS E 18 8.69 -60.54 -16.70
CA LYS E 18 7.88 -61.75 -16.54
C LYS E 18 8.75 -63.01 -16.65
N LYS E 19 9.70 -63.00 -17.57
CA LYS E 19 10.67 -64.09 -17.69
C LYS E 19 11.49 -64.18 -16.42
N ARG E 20 11.91 -63.02 -15.92
CA ARG E 20 12.82 -62.97 -14.79
C ARG E 20 12.18 -63.39 -13.47
N PHE E 21 10.95 -62.95 -13.23
CA PHE E 21 10.29 -63.22 -11.96
C PHE E 21 9.25 -64.33 -12.05
N GLY E 22 8.76 -64.62 -13.26
CA GLY E 22 7.82 -65.71 -13.47
C GLY E 22 6.35 -65.36 -13.47
N TYR E 23 6.02 -64.09 -13.19
CA TYR E 23 4.63 -63.62 -13.24
C TYR E 23 4.60 -62.25 -13.92
N GLY E 24 3.45 -61.91 -14.49
CA GLY E 24 3.30 -60.66 -15.23
C GLY E 24 2.81 -59.50 -14.38
N GLY E 25 2.31 -58.45 -15.03
CA GLY E 25 1.88 -57.24 -14.32
C GLY E 25 2.96 -56.17 -14.36
N TRP E 26 4.14 -56.53 -14.85
CA TRP E 26 5.25 -55.59 -14.86
C TRP E 26 5.19 -54.73 -16.13
N VAL E 27 6.02 -53.69 -16.18
CA VAL E 27 6.04 -52.83 -17.36
C VAL E 27 7.35 -53.02 -18.14
N GLN E 28 7.26 -52.91 -19.47
CA GLN E 28 8.45 -52.96 -20.33
C GLN E 28 8.49 -51.75 -21.27
N LEU E 29 9.69 -51.39 -21.71
CA LEU E 29 9.90 -50.24 -22.60
C LEU E 29 10.20 -50.73 -24.00
N GLN E 30 9.34 -50.36 -24.95
CA GLN E 30 9.45 -50.89 -26.30
C GLN E 30 9.76 -49.84 -27.37
N HIS E 31 11.00 -49.85 -27.86
CA HIS E 31 11.43 -48.95 -28.94
C HIS E 31 10.88 -49.44 -30.28
N HIS E 32 10.33 -48.54 -31.09
CA HIS E 32 9.63 -48.95 -32.31
C HIS E 32 9.86 -47.99 -33.49
N SER E 33 9.93 -46.70 -33.19
CA SER E 33 10.39 -45.67 -34.12
C SER E 33 11.67 -45.08 -33.57
N LYS E 34 12.27 -44.14 -34.30
CA LYS E 34 13.45 -43.43 -33.79
C LYS E 34 13.02 -42.26 -32.91
N GLY E 35 13.61 -42.18 -31.71
CA GLY E 35 13.31 -41.09 -30.80
C GLY E 35 12.09 -41.30 -29.94
N GLU E 36 11.36 -42.41 -30.16
CA GLU E 36 10.11 -42.69 -29.44
C GLU E 36 9.98 -44.14 -28.97
N ALA E 37 9.25 -44.33 -27.89
CA ALA E 37 9.10 -45.64 -27.27
C ALA E 37 7.75 -45.76 -26.56
N LYS E 38 7.31 -47.00 -26.34
CA LYS E 38 6.05 -47.23 -25.65
C LYS E 38 6.29 -48.03 -24.37
N LEU E 39 5.61 -47.65 -23.30
CA LEU E 39 5.60 -48.42 -22.06
C LEU E 39 4.42 -49.37 -22.15
N LEU E 40 4.67 -50.66 -21.91
CA LEU E 40 3.62 -51.65 -22.03
C LEU E 40 3.44 -52.39 -20.70
N LYS E 41 2.20 -52.75 -20.38
CA LYS E 41 1.96 -53.51 -19.16
C LYS E 41 1.16 -54.79 -19.44
N ASP E 42 1.87 -55.80 -19.97
CA ASP E 42 1.32 -57.13 -20.28
C ASP E 42 0.18 -57.06 -21.29
N GLY E 43 0.27 -56.09 -22.19
CA GLY E 43 -0.72 -55.93 -23.24
C GLY E 43 -0.82 -54.50 -23.75
N LYS E 44 -1.57 -53.68 -23.03
CA LYS E 44 -1.87 -52.33 -23.49
C LYS E 44 -0.69 -51.35 -23.40
N VAL E 45 -0.62 -50.44 -24.36
CA VAL E 45 0.34 -49.37 -24.31
C VAL E 45 -0.09 -48.41 -23.22
N PHE E 46 0.76 -48.23 -22.22
CA PHE E 46 0.43 -47.48 -21.01
C PHE E 46 0.75 -46.00 -21.22
N ARG E 47 1.80 -45.75 -21.99
CA ARG E 47 2.33 -44.41 -22.19
C ARG E 47 3.32 -44.41 -23.35
N VAL E 48 3.36 -43.29 -24.08
CA VAL E 48 4.35 -43.09 -25.13
C VAL E 48 5.35 -42.05 -24.63
N VAL E 49 6.64 -42.36 -24.72
CA VAL E 49 7.68 -41.42 -24.30
C VAL E 49 8.70 -41.18 -25.41
N ARG E 50 9.46 -40.09 -25.29
CA ARG E 50 10.52 -39.77 -26.24
C ARG E 50 11.87 -40.12 -25.63
N GLU E 51 12.93 -39.89 -26.39
CA GLU E 51 14.29 -40.21 -25.96
C GLU E 51 14.73 -39.47 -24.71
N ASN E 52 14.16 -38.28 -24.46
CA ASN E 52 14.52 -37.55 -23.25
C ASN E 52 14.14 -38.29 -21.97
N CYS E 53 13.33 -39.35 -22.12
CA CYS E 53 12.88 -40.12 -20.97
C CYS E 53 13.96 -41.10 -20.52
N TRP E 54 14.96 -41.33 -21.38
CA TRP E 54 16.05 -42.27 -21.06
C TRP E 54 17.46 -41.83 -21.42
N ASP E 55 17.61 -40.87 -22.32
CA ASP E 55 18.96 -40.52 -22.79
C ASP E 55 19.45 -39.25 -22.11
N PRO E 56 20.43 -39.40 -21.21
CA PRO E 56 20.95 -38.29 -20.40
C PRO E 56 21.52 -37.18 -21.27
N GLU E 57 22.13 -37.56 -22.39
CA GLU E 57 22.72 -36.60 -23.32
C GLU E 57 21.65 -35.69 -23.87
N VAL E 58 20.56 -36.29 -24.33
CA VAL E 58 19.37 -35.56 -24.77
C VAL E 58 18.85 -34.66 -23.65
N ARG E 59 18.88 -35.16 -22.42
CA ARG E 59 18.36 -34.40 -21.28
C ARG E 59 19.22 -33.16 -20.97
N ILE E 60 20.54 -33.33 -20.93
CA ILE E 60 21.43 -32.21 -20.58
C ILE E 60 21.30 -31.09 -21.62
N ARG E 61 21.05 -31.46 -22.86
CA ARG E 61 20.88 -30.49 -23.93
C ARG E 61 19.62 -29.66 -23.69
N GLU E 62 18.49 -30.32 -23.44
CA GLU E 62 17.27 -29.62 -23.09
C GLU E 62 17.45 -28.78 -21.83
N MET E 63 18.13 -29.35 -20.82
CA MET E 63 18.42 -28.65 -19.57
C MET E 63 19.22 -27.38 -19.82
N ASP E 64 20.20 -27.48 -20.72
CA ASP E 64 21.00 -26.32 -21.13
C ASP E 64 20.11 -25.21 -21.72
N GLN E 65 19.22 -25.59 -22.63
CA GLN E 65 18.33 -24.62 -23.25
C GLN E 65 17.32 -23.99 -22.30
N LYS E 66 17.00 -24.68 -21.20
CA LYS E 66 15.96 -24.21 -20.30
C LYS E 66 16.54 -23.64 -19.02
N GLY E 67 17.87 -23.61 -18.92
CA GLY E 67 18.52 -23.02 -17.76
C GLY E 67 18.51 -23.87 -16.51
N VAL E 68 18.18 -25.16 -16.67
CA VAL E 68 18.18 -26.07 -15.54
C VAL E 68 19.60 -26.51 -15.23
N THR E 69 20.07 -26.25 -14.02
CA THR E 69 21.41 -26.65 -13.61
C THR E 69 21.45 -28.15 -13.30
N VAL E 70 20.50 -28.58 -12.48
CA VAL E 70 20.48 -29.96 -11.99
C VAL E 70 19.07 -30.56 -11.87
N GLN E 71 18.91 -31.79 -12.34
CA GLN E 71 17.68 -32.55 -12.12
C GLN E 71 17.92 -33.63 -11.07
N ALA E 72 17.02 -33.72 -10.09
CA ALA E 72 16.97 -34.91 -9.23
C ALA E 72 16.24 -36.01 -10.02
N LEU E 73 16.97 -37.06 -10.38
CA LEU E 73 16.41 -38.13 -11.20
C LEU E 73 15.70 -39.19 -10.35
N SER E 74 14.40 -39.41 -10.58
CA SER E 74 13.70 -40.53 -9.96
C SER E 74 13.07 -41.44 -11.02
N THR E 75 12.73 -42.67 -10.66
CA THR E 75 12.09 -43.54 -11.64
C THR E 75 10.64 -43.08 -11.85
N VAL E 76 9.99 -43.62 -12.88
CA VAL E 76 8.58 -43.33 -13.13
C VAL E 76 7.75 -44.14 -12.14
N PRO E 77 6.77 -43.50 -11.47
CA PRO E 77 6.11 -44.13 -10.33
C PRO E 77 5.45 -45.48 -10.63
N VAL E 78 5.04 -45.70 -11.88
CA VAL E 78 4.48 -47.01 -12.27
C VAL E 78 5.48 -48.16 -11.97
N MET E 79 6.75 -47.80 -11.86
CA MET E 79 7.80 -48.77 -11.56
C MET E 79 7.83 -49.23 -10.09
N PHE E 80 7.12 -48.51 -9.21
CA PHE E 80 7.15 -48.81 -7.77
C PHE E 80 7.00 -50.30 -7.46
N SER E 81 6.03 -50.95 -8.10
CA SER E 81 5.86 -52.39 -7.99
C SER E 81 5.67 -52.87 -6.54
N TYR E 82 4.92 -52.11 -5.75
CA TYR E 82 4.72 -52.44 -4.33
C TYR E 82 3.84 -53.69 -4.19
N TRP E 83 3.17 -54.04 -5.28
CA TRP E 83 2.21 -55.16 -5.31
C TRP E 83 2.87 -56.53 -5.47
N ALA E 84 4.15 -56.55 -5.81
CA ALA E 84 4.83 -57.80 -6.20
C ALA E 84 5.49 -58.51 -5.02
N LYS E 85 6.09 -59.67 -5.27
CA LYS E 85 6.87 -60.36 -4.25
C LYS E 85 7.99 -59.42 -3.79
N PRO E 86 8.17 -59.27 -2.47
CA PRO E 86 9.18 -58.36 -1.89
C PRO E 86 10.61 -58.45 -2.45
N GLU E 87 11.17 -59.64 -2.67
CA GLU E 87 12.54 -59.73 -3.24
C GLU E 87 12.57 -59.40 -4.73
N ASP E 88 11.46 -59.61 -5.41
CA ASP E 88 11.42 -59.29 -6.83
C ASP E 88 11.37 -57.78 -7.02
N THR E 89 10.57 -57.12 -6.17
CA THR E 89 10.55 -55.66 -6.13
C THR E 89 11.93 -55.15 -5.75
N LEU E 90 12.55 -55.80 -4.76
CA LEU E 90 13.91 -55.43 -4.37
C LEU E 90 14.87 -55.58 -5.56
N ASN E 91 14.73 -56.68 -6.30
CA ASN E 91 15.58 -56.94 -7.47
C ASN E 91 15.40 -55.84 -8.53
N LEU E 92 14.15 -55.44 -8.79
CA LEU E 92 13.90 -54.33 -9.73
C LEU E 92 14.48 -53.02 -9.21
N CYS E 93 14.30 -52.76 -7.91
CA CYS E 93 14.85 -51.56 -7.28
C CYS E 93 16.36 -51.42 -7.48
N GLN E 94 17.09 -52.50 -7.20
CA GLN E 94 18.54 -52.47 -7.30
C GLN E 94 18.98 -52.20 -8.73
N LEU E 95 18.29 -52.81 -9.69
CA LEU E 95 18.51 -52.54 -11.11
C LEU E 95 18.26 -51.05 -11.41
N LEU E 96 17.11 -50.53 -10.96
CA LEU E 96 16.74 -49.14 -11.16
C LEU E 96 17.64 -48.15 -10.42
N ASN E 97 18.01 -48.45 -9.19
CA ASN E 97 18.87 -47.56 -8.44
C ASN E 97 20.29 -47.53 -9.03
N ASN E 98 20.78 -48.69 -9.48
CA ASN E 98 22.11 -48.75 -10.09
C ASN E 98 22.16 -47.96 -11.38
N ASP E 99 21.06 -48.04 -12.12
CA ASP E 99 20.97 -47.33 -13.38
C ASP E 99 20.97 -45.82 -13.14
N LEU E 100 20.20 -45.38 -12.16
CA LEU E 100 20.19 -43.99 -11.71
C LEU E 100 21.60 -43.53 -11.35
N ALA E 101 22.28 -44.31 -10.51
CA ALA E 101 23.59 -43.93 -10.02
C ALA E 101 24.61 -43.83 -11.15
N SER E 102 24.48 -44.70 -12.14
CA SER E 102 25.39 -44.74 -13.27
C SER E 102 25.24 -43.48 -14.13
N THR E 103 24.01 -43.02 -14.26
CA THR E 103 23.74 -41.76 -14.91
C THR E 103 24.34 -40.60 -14.10
N VAL E 104 24.18 -40.67 -12.78
CA VAL E 104 24.67 -39.59 -11.92
C VAL E 104 26.20 -39.54 -11.99
N VAL E 105 26.83 -40.71 -12.03
CA VAL E 105 28.29 -40.76 -12.08
C VAL E 105 28.83 -40.15 -13.39
N SER E 106 28.01 -40.17 -14.43
CA SER E 106 28.41 -39.63 -15.72
C SER E 106 28.29 -38.10 -15.79
N TYR E 107 27.52 -37.52 -14.88
CA TYR E 107 27.32 -36.07 -14.85
C TYR E 107 27.09 -35.60 -13.42
N PRO E 108 28.11 -35.76 -12.56
CA PRO E 108 27.92 -35.53 -11.12
C PRO E 108 27.48 -34.10 -10.78
N ARG E 109 27.61 -33.19 -11.74
CA ARG E 109 27.28 -31.79 -11.50
C ARG E 109 25.96 -31.38 -12.16
N ARG E 110 25.31 -32.32 -12.85
CA ARG E 110 24.00 -32.05 -13.45
C ARG E 110 22.85 -32.90 -12.85
N PHE E 111 23.20 -33.92 -12.08
CA PHE E 111 22.21 -34.89 -11.59
C PHE E 111 22.46 -35.35 -10.16
N VAL E 112 21.38 -35.53 -9.39
CA VAL E 112 21.41 -36.31 -8.15
C VAL E 112 20.38 -37.42 -8.32
N GLY E 113 20.46 -38.46 -7.49
CA GLY E 113 19.55 -39.59 -7.64
C GLY E 113 18.60 -39.73 -6.46
N LEU E 114 17.33 -40.05 -6.74
CA LEU E 114 16.39 -40.38 -5.70
C LEU E 114 15.95 -41.83 -5.91
N GLY E 115 16.37 -42.72 -5.03
CA GLY E 115 16.21 -44.14 -5.30
C GLY E 115 14.79 -44.60 -5.05
N THR E 116 14.48 -45.81 -5.49
CA THR E 116 13.18 -46.43 -5.18
C THR E 116 13.38 -47.64 -4.24
N LEU E 117 12.36 -47.98 -3.45
CA LEU E 117 12.48 -48.96 -2.37
C LEU E 117 11.36 -49.98 -2.41
N PRO E 118 11.62 -51.23 -1.93
CA PRO E 118 10.55 -52.21 -1.78
C PRO E 118 9.75 -51.98 -0.51
N MET E 119 8.89 -50.96 -0.56
CA MET E 119 8.16 -50.47 0.61
C MET E 119 7.17 -51.45 1.23
N GLN E 120 6.76 -52.47 0.48
CA GLN E 120 5.84 -53.48 1.01
C GLN E 120 6.56 -54.42 1.98
N ALA E 121 7.88 -54.31 2.01
CA ALA E 121 8.73 -55.16 2.86
C ALA E 121 9.71 -54.28 3.61
N PRO E 122 9.25 -53.72 4.75
CA PRO E 122 10.01 -52.71 5.49
C PRO E 122 11.48 -53.05 5.78
N GLU E 123 11.79 -54.24 6.30
CA GLU E 123 13.20 -54.61 6.55
C GLU E 123 14.03 -54.54 5.26
N LEU E 124 13.45 -55.01 4.15
CA LEU E 124 14.14 -54.95 2.87
C LEU E 124 14.30 -53.50 2.39
N ALA E 125 13.28 -52.70 2.65
CA ALA E 125 13.31 -51.29 2.27
C ALA E 125 14.44 -50.57 2.98
N VAL E 126 14.55 -50.78 4.28
CA VAL E 126 15.58 -50.14 5.11
C VAL E 126 16.98 -50.45 4.58
N LYS E 127 17.21 -51.68 4.18
CA LYS E 127 18.55 -52.06 3.75
C LYS E 127 18.89 -51.51 2.36
N GLU E 128 17.91 -51.47 1.45
CA GLU E 128 18.15 -50.86 0.15
C GLU E 128 18.33 -49.36 0.30
N MET E 129 17.67 -48.77 1.29
CA MET E 129 17.86 -47.35 1.55
C MET E 129 19.29 -47.06 2.03
N GLU E 130 19.79 -47.87 2.95
CA GLU E 130 21.15 -47.69 3.44
C GLU E 130 22.14 -47.81 2.28
N ARG E 131 21.82 -48.70 1.35
CA ARG E 131 22.67 -48.91 0.19
C ARG E 131 22.65 -47.72 -0.77
N CYS E 132 21.47 -47.17 -1.03
CA CYS E 132 21.34 -45.97 -1.88
C CYS E 132 22.14 -44.81 -1.30
N VAL E 133 22.10 -44.68 0.03
CA VAL E 133 22.74 -43.59 0.74
C VAL E 133 24.25 -43.84 0.91
N LYS E 134 24.61 -44.97 1.52
CA LYS E 134 26.01 -45.25 1.86
C LYS E 134 26.85 -45.60 0.65
N GLU E 135 26.25 -46.28 -0.33
CA GLU E 135 27.00 -46.78 -1.48
C GLU E 135 26.84 -45.94 -2.73
N LEU E 136 25.59 -45.62 -3.06
CA LEU E 136 25.30 -44.94 -4.31
C LEU E 136 25.42 -43.41 -4.18
N GLY E 137 25.41 -42.93 -2.94
CA GLY E 137 25.60 -41.52 -2.67
C GLY E 137 24.32 -40.69 -2.78
N PHE E 138 23.17 -41.35 -2.94
CA PHE E 138 21.88 -40.68 -3.10
C PHE E 138 21.48 -39.85 -1.88
N PRO E 139 20.99 -38.62 -2.11
CA PRO E 139 20.56 -37.78 -0.98
C PRO E 139 19.16 -38.12 -0.48
N GLY E 140 18.48 -39.05 -1.16
CA GLY E 140 17.13 -39.38 -0.75
C GLY E 140 16.46 -40.42 -1.64
N VAL E 141 15.17 -40.67 -1.41
CA VAL E 141 14.40 -41.63 -2.17
C VAL E 141 12.99 -41.12 -2.50
N GLN E 142 12.40 -41.66 -3.56
CA GLN E 142 11.03 -41.34 -3.92
C GLN E 142 10.15 -42.56 -3.60
N ILE E 143 9.09 -42.35 -2.83
CA ILE E 143 8.16 -43.41 -2.46
C ILE E 143 6.72 -43.00 -2.81
N GLY E 144 5.81 -43.97 -2.85
CA GLY E 144 4.43 -43.68 -3.22
C GLY E 144 3.67 -43.05 -2.07
N THR E 145 2.44 -42.61 -2.34
CA THR E 145 1.57 -42.01 -1.32
C THR E 145 0.92 -43.07 -0.43
N HIS E 146 0.94 -44.32 -0.88
CA HIS E 146 0.48 -45.41 -0.03
C HIS E 146 1.13 -46.69 -0.53
N VAL E 147 1.19 -47.71 0.32
CA VAL E 147 1.84 -48.97 -0.03
C VAL E 147 0.80 -50.07 0.15
N ASN E 148 0.15 -50.44 -0.96
CA ASN E 148 -0.98 -51.37 -0.92
C ASN E 148 -2.09 -50.84 0.02
N GLU E 149 -2.45 -51.54 1.11
CA GLU E 149 -3.45 -50.98 2.05
C GLU E 149 -2.82 -50.08 3.13
N TRP E 150 -1.49 -49.98 3.14
CA TRP E 150 -0.86 -49.06 4.10
C TRP E 150 -0.88 -47.62 3.60
N ASP E 151 -1.47 -46.71 4.38
CA ASP E 151 -1.20 -45.31 4.17
C ASP E 151 0.03 -44.96 4.99
N LEU E 152 0.58 -43.77 4.80
CA LEU E 152 1.87 -43.45 5.38
C LEU E 152 1.88 -43.33 6.92
N ASN E 153 0.70 -43.42 7.54
CA ASN E 153 0.65 -43.47 9.01
C ASN E 153 0.97 -44.85 9.56
N ALA E 154 0.93 -45.87 8.70
CA ALA E 154 1.07 -47.26 9.11
C ALA E 154 2.33 -47.52 9.95
N GLN E 155 2.16 -48.10 11.14
CA GLN E 155 3.30 -48.33 12.01
C GLN E 155 4.31 -49.30 11.41
N GLU E 156 3.86 -50.09 10.43
CA GLU E 156 4.75 -51.00 9.70
C GLU E 156 5.83 -50.21 8.95
N LEU E 157 5.57 -48.93 8.72
CA LEU E 157 6.49 -48.11 7.95
C LEU E 157 7.43 -47.32 8.84
N PHE E 158 7.16 -47.31 10.14
CA PHE E 158 8.03 -46.60 11.09
C PHE E 158 9.53 -46.99 11.06
N PRO E 159 9.87 -48.27 10.80
CA PRO E 159 11.30 -48.55 10.66
C PRO E 159 11.93 -47.81 9.48
N VAL E 160 11.16 -47.66 8.40
CA VAL E 160 11.64 -46.93 7.24
C VAL E 160 11.91 -45.45 7.55
N TYR E 161 10.98 -44.80 8.23
CA TYR E 161 11.16 -43.39 8.60
C TYR E 161 12.33 -43.21 9.57
N ALA E 162 12.45 -44.14 10.52
CA ALA E 162 13.55 -44.10 11.48
C ALA E 162 14.91 -44.15 10.78
N ALA E 163 15.07 -45.13 9.89
CA ALA E 163 16.29 -45.25 9.10
C ALA E 163 16.56 -43.99 8.26
N ALA E 164 15.50 -43.47 7.65
CA ALA E 164 15.61 -42.28 6.84
C ALA E 164 16.10 -41.11 7.69
N GLU E 165 15.52 -40.95 8.86
CA GLU E 165 15.92 -39.87 9.76
C GLU E 165 17.39 -40.04 10.14
N ARG E 166 17.75 -41.25 10.57
CA ARG E 166 19.11 -41.60 10.98
C ARG E 166 20.14 -41.41 9.86
N LEU E 167 19.82 -41.90 8.67
CA LEU E 167 20.71 -41.79 7.51
C LEU E 167 20.72 -40.40 6.88
N LYS E 168 19.82 -39.53 7.35
CA LYS E 168 19.57 -38.24 6.71
C LYS E 168 19.18 -38.42 5.25
N CYS E 169 18.32 -39.40 5.00
CA CYS E 169 17.79 -39.65 3.67
C CYS E 169 16.50 -38.83 3.53
N SER E 170 16.37 -38.08 2.44
CA SER E 170 15.15 -37.30 2.24
C SER E 170 14.08 -38.10 1.49
N LEU E 171 12.81 -37.85 1.80
CA LEU E 171 11.71 -38.55 1.15
C LEU E 171 10.92 -37.64 0.22
N PHE E 172 10.95 -37.93 -1.08
CA PHE E 172 10.04 -37.30 -2.04
C PHE E 172 8.83 -38.22 -2.23
N VAL E 173 7.65 -37.73 -1.87
CA VAL E 173 6.43 -38.53 -1.90
C VAL E 173 5.62 -38.24 -3.17
N HIS E 174 5.44 -39.25 -3.99
CA HIS E 174 4.75 -39.07 -5.27
C HIS E 174 3.46 -39.89 -5.29
N PRO E 175 2.34 -39.24 -5.63
CA PRO E 175 1.07 -39.98 -5.72
C PRO E 175 1.15 -41.07 -6.78
N TRP E 176 0.63 -42.24 -6.44
CA TRP E 176 0.51 -43.32 -7.40
C TRP E 176 -0.55 -44.33 -6.95
N ASP E 177 -0.98 -45.18 -7.88
CA ASP E 177 -2.01 -46.16 -7.62
C ASP E 177 -3.32 -45.51 -7.18
N MET E 178 -3.75 -44.50 -7.93
CA MET E 178 -5.08 -43.93 -7.82
C MET E 178 -6.01 -44.95 -8.40
N GLN E 179 -7.31 -44.84 -8.09
CA GLN E 179 -8.30 -45.60 -8.84
C GLN E 179 -8.25 -45.22 -10.32
N MET E 180 -8.15 -46.22 -11.20
CA MET E 180 -7.98 -45.96 -12.62
C MET E 180 -9.25 -46.33 -13.37
N ASP E 181 -10.10 -47.12 -12.72
CA ASP E 181 -11.27 -47.68 -13.39
C ASP E 181 -12.57 -47.07 -12.87
N GLY E 182 -13.69 -47.59 -13.35
CA GLY E 182 -14.99 -47.11 -12.91
C GLY E 182 -15.23 -45.67 -13.33
N ARG E 183 -15.79 -44.87 -12.42
CA ARG E 183 -16.04 -43.47 -12.72
C ARG E 183 -14.75 -42.71 -13.09
N MET E 184 -13.61 -43.16 -12.57
CA MET E 184 -12.33 -42.48 -12.82
C MET E 184 -11.72 -42.76 -14.19
N ALA E 185 -12.38 -43.59 -15.00
CA ALA E 185 -11.83 -43.95 -16.31
C ALA E 185 -12.29 -43.02 -17.41
N LYS E 186 -12.43 -41.74 -17.09
CA LYS E 186 -12.76 -40.75 -18.10
C LYS E 186 -12.02 -39.45 -17.80
N TYR E 187 -11.90 -38.60 -18.82
CA TYR E 187 -11.38 -37.23 -18.68
C TYR E 187 -10.04 -37.11 -17.97
N TRP E 188 -9.25 -38.19 -17.99
CA TRP E 188 -7.92 -38.17 -17.36
C TRP E 188 -8.01 -37.87 -15.86
N LEU E 189 -9.17 -38.15 -15.29
CA LEU E 189 -9.42 -37.91 -13.88
C LEU E 189 -8.37 -38.45 -12.90
N PRO E 190 -7.77 -39.63 -13.18
CA PRO E 190 -6.81 -40.08 -12.17
C PRO E 190 -5.59 -39.17 -12.06
N TRP E 191 -5.17 -38.57 -13.16
CA TRP E 191 -4.06 -37.63 -13.13
C TRP E 191 -4.47 -36.23 -12.72
N LEU E 192 -5.62 -35.77 -13.20
CA LEU E 192 -6.06 -34.41 -12.92
C LEU E 192 -6.64 -34.24 -11.52
N VAL E 193 -7.33 -35.25 -11.04
CA VAL E 193 -7.99 -35.13 -9.73
C VAL E 193 -7.49 -36.17 -8.73
N GLY E 194 -7.29 -37.39 -9.20
CA GLY E 194 -6.90 -38.46 -8.29
C GLY E 194 -5.53 -38.30 -7.65
N MET E 195 -4.55 -37.83 -8.41
CA MET E 195 -3.21 -37.62 -7.85
C MET E 195 -3.19 -36.53 -6.78
N PRO E 196 -3.80 -35.35 -7.06
CA PRO E 196 -3.84 -34.34 -6.00
C PRO E 196 -4.54 -34.86 -4.76
N ALA E 197 -5.59 -35.67 -4.95
CA ALA E 197 -6.28 -36.28 -3.81
C ALA E 197 -5.40 -37.26 -3.04
N GLU E 198 -4.66 -38.11 -3.76
CA GLU E 198 -3.70 -39.03 -3.12
C GLU E 198 -2.73 -38.30 -2.21
N THR E 199 -2.22 -37.18 -2.69
CA THR E 199 -1.20 -36.42 -1.97
C THR E 199 -1.80 -35.80 -0.73
N THR E 200 -3.03 -35.32 -0.84
CA THR E 200 -3.70 -34.73 0.32
C THR E 200 -3.88 -35.81 1.40
N ILE E 201 -4.28 -37.00 0.97
CA ILE E 201 -4.41 -38.10 1.91
C ILE E 201 -3.07 -38.42 2.57
N ALA E 202 -2.00 -38.49 1.79
CA ALA E 202 -0.67 -38.78 2.34
C ALA E 202 -0.27 -37.74 3.38
N ILE E 203 -0.46 -36.46 3.06
CA ILE E 203 -0.14 -35.41 4.02
C ILE E 203 -0.97 -35.57 5.30
N CYS E 204 -2.28 -35.79 5.17
CA CYS E 204 -3.11 -36.01 6.36
C CYS E 204 -2.66 -37.23 7.15
N SER E 205 -2.22 -38.28 6.45
CA SER E 205 -1.85 -39.53 7.12
C SER E 205 -0.59 -39.38 8.00
N MET E 206 0.38 -38.63 7.50
CA MET E 206 1.64 -38.44 8.22
C MET E 206 1.47 -37.47 9.39
N ILE E 207 0.65 -36.45 9.20
CA ILE E 207 0.34 -35.52 10.28
C ILE E 207 -0.47 -36.20 11.37
N MET E 208 -1.63 -36.77 11.00
CA MET E 208 -2.51 -37.34 12.01
C MET E 208 -2.01 -38.70 12.52
N GLY E 209 -1.07 -39.30 11.80
CA GLY E 209 -0.45 -40.54 12.24
C GLY E 209 0.72 -40.31 13.17
N GLY E 210 1.16 -39.06 13.27
CA GLY E 210 2.19 -38.70 14.21
C GLY E 210 3.60 -38.85 13.66
N VAL E 211 3.70 -39.19 12.38
CA VAL E 211 5.01 -39.35 11.75
C VAL E 211 5.92 -38.13 11.93
N PHE E 212 5.37 -36.93 11.78
CA PHE E 212 6.22 -35.74 11.87
C PHE E 212 6.59 -35.49 13.31
N GLU E 213 5.68 -35.85 14.20
CA GLU E 213 5.93 -35.70 15.64
C GLU E 213 7.04 -36.65 16.08
N LYS E 214 6.85 -37.94 15.78
CA LYS E 214 7.80 -38.98 16.18
C LYS E 214 9.14 -38.90 15.45
N PHE E 215 9.17 -38.25 14.28
CA PHE E 215 10.43 -38.08 13.53
C PHE E 215 10.68 -36.63 13.11
N PRO E 216 10.95 -35.74 14.08
CA PRO E 216 11.01 -34.29 13.84
C PRO E 216 12.07 -33.86 12.83
N LYS E 217 13.06 -34.71 12.59
CA LYS E 217 14.14 -34.37 11.66
C LYS E 217 13.97 -35.04 10.30
N LEU E 218 12.91 -35.83 10.14
CA LEU E 218 12.60 -36.43 8.83
C LEU E 218 12.27 -35.35 7.81
N LYS E 219 13.00 -35.34 6.69
CA LYS E 219 12.74 -34.40 5.60
C LYS E 219 11.85 -35.00 4.52
N VAL E 220 10.67 -34.42 4.32
CA VAL E 220 9.70 -34.95 3.35
C VAL E 220 9.29 -33.85 2.39
N CYS E 221 9.24 -34.17 1.09
CA CYS E 221 8.63 -33.28 0.11
C CYS E 221 7.46 -34.00 -0.59
N PHE E 222 6.34 -33.30 -0.76
CA PHE E 222 5.19 -33.84 -1.49
C PHE E 222 5.08 -33.26 -2.90
N ALA E 223 4.55 -34.03 -3.84
CA ALA E 223 4.47 -33.61 -5.24
C ALA E 223 3.30 -32.67 -5.53
N HIS E 224 3.38 -31.94 -6.64
CA HIS E 224 2.26 -31.12 -7.13
C HIS E 224 1.72 -30.13 -6.10
N GLY E 225 2.61 -29.47 -5.37
CA GLY E 225 2.20 -28.48 -4.39
C GLY E 225 1.34 -29.00 -3.25
N GLY E 226 1.52 -30.27 -2.89
CA GLY E 226 0.76 -30.84 -1.80
C GLY E 226 -0.67 -31.18 -2.18
N GLY E 227 -0.93 -31.20 -3.49
CA GLY E 227 -2.24 -31.62 -3.98
C GLY E 227 -3.30 -30.58 -3.70
N ALA E 228 -4.26 -30.91 -2.85
CA ALA E 228 -5.31 -29.95 -2.49
C ALA E 228 -5.06 -29.37 -1.10
N PHE E 229 -4.06 -29.89 -0.40
CA PHE E 229 -3.82 -29.51 0.99
C PHE E 229 -3.71 -28.00 1.30
N PRO E 230 -2.96 -27.22 0.49
CA PRO E 230 -2.84 -25.81 0.87
C PRO E 230 -4.19 -25.08 0.88
N PHE E 231 -5.12 -25.55 0.05
CA PHE E 231 -6.43 -24.92 -0.03
C PHE E 231 -7.39 -25.46 1.03
N THR E 232 -7.34 -26.77 1.24
CA THR E 232 -8.28 -27.43 2.13
C THR E 232 -7.79 -27.54 3.56
N VAL E 233 -6.57 -27.06 3.83
CA VAL E 233 -6.05 -27.13 5.20
C VAL E 233 -6.99 -26.51 6.24
N GLY E 234 -7.71 -25.46 5.83
CA GLY E 234 -8.68 -24.85 6.72
C GLY E 234 -9.71 -25.87 7.16
N ARG E 235 -10.28 -26.60 6.19
CA ARG E 235 -11.29 -27.61 6.46
C ARG E 235 -10.72 -28.75 7.29
N ILE E 236 -9.52 -29.21 6.91
CA ILE E 236 -8.83 -30.27 7.62
C ILE E 236 -8.55 -29.88 9.08
N SER E 237 -8.01 -28.69 9.29
CA SER E 237 -7.75 -28.19 10.63
C SER E 237 -9.03 -27.99 11.46
N HIS E 238 -10.07 -27.45 10.84
CA HIS E 238 -11.31 -27.21 11.58
C HIS E 238 -11.96 -28.54 11.99
N GLY E 239 -12.02 -29.48 11.06
CA GLY E 239 -12.54 -30.81 11.37
C GLY E 239 -11.81 -31.48 12.53
N PHE E 240 -10.49 -31.43 12.49
CA PHE E 240 -9.66 -32.03 13.52
C PHE E 240 -10.06 -31.46 14.89
N SER E 241 -10.26 -30.15 14.95
CA SER E 241 -10.70 -29.50 16.18
C SER E 241 -12.10 -29.95 16.61
N MET E 242 -12.95 -30.28 15.64
CA MET E 242 -14.35 -30.58 15.96
C MET E 242 -14.63 -32.03 16.33
N ARG E 243 -13.80 -32.95 15.82
CA ARG E 243 -13.96 -34.37 16.13
C ARG E 243 -12.63 -35.05 16.51
N PRO E 244 -12.05 -34.66 17.66
CA PRO E 244 -10.77 -35.27 18.07
C PRO E 244 -10.90 -36.77 18.30
N ASP E 245 -12.12 -37.25 18.49
CA ASP E 245 -12.40 -38.67 18.64
C ASP E 245 -12.18 -39.44 17.35
N LEU E 246 -12.31 -38.76 16.22
CA LEU E 246 -12.09 -39.36 14.91
C LEU E 246 -10.69 -39.07 14.35
N CYS E 247 -10.13 -37.93 14.72
CA CYS E 247 -8.90 -37.44 14.10
C CYS E 247 -7.65 -37.42 15.00
N ALA E 248 -7.84 -37.32 16.32
CA ALA E 248 -6.71 -37.05 17.23
C ALA E 248 -6.20 -38.24 18.06
N GLN E 249 -6.71 -39.44 17.80
CA GLN E 249 -6.36 -40.61 18.60
C GLN E 249 -4.90 -41.07 18.46
N ASP E 250 -4.23 -40.63 17.40
CA ASP E 250 -2.83 -41.00 17.15
C ASP E 250 -1.85 -39.85 17.37
N ASN E 251 -2.32 -38.63 17.19
CA ASN E 251 -1.49 -37.44 17.34
C ASN E 251 -2.39 -36.27 17.67
N PRO E 252 -2.30 -35.76 18.91
CA PRO E 252 -3.22 -34.74 19.45
C PRO E 252 -3.03 -33.33 18.87
N MET E 253 -1.90 -33.04 18.22
CA MET E 253 -1.67 -31.69 17.68
C MET E 253 -2.43 -31.41 16.38
N ASN E 254 -3.07 -30.24 16.31
CA ASN E 254 -3.77 -29.81 15.10
C ASN E 254 -2.85 -29.76 13.87
N PRO E 255 -3.33 -30.23 12.72
CA PRO E 255 -2.53 -30.21 11.48
C PRO E 255 -1.95 -28.84 11.15
N LYS E 256 -2.60 -27.76 11.57
CA LYS E 256 -2.06 -26.41 11.40
C LYS E 256 -0.63 -26.28 11.93
N LYS E 257 -0.35 -26.94 13.05
CA LYS E 257 0.96 -26.83 13.72
C LYS E 257 2.10 -27.39 12.86
N TYR E 258 1.74 -28.15 11.83
CA TYR E 258 2.76 -28.81 11.02
C TYR E 258 3.11 -28.04 9.74
N LEU E 259 2.43 -26.94 9.47
CA LEU E 259 2.82 -26.10 8.35
C LEU E 259 4.20 -25.55 8.65
N GLY E 260 5.17 -25.88 7.79
CA GLY E 260 6.56 -25.52 8.03
C GLY E 260 7.39 -26.75 8.39
N SER E 261 6.73 -27.90 8.53
CA SER E 261 7.42 -29.14 8.88
C SER E 261 7.76 -29.98 7.66
N PHE E 262 7.21 -29.62 6.50
CA PHE E 262 7.46 -30.36 5.26
C PHE E 262 7.53 -29.47 4.04
N TYR E 263 8.07 -30.01 2.95
CA TYR E 263 8.16 -29.28 1.70
C TYR E 263 7.12 -29.79 0.73
N THR E 264 6.91 -29.03 -0.35
CA THR E 264 6.17 -29.48 -1.51
C THR E 264 6.90 -28.98 -2.74
N ASP E 265 6.71 -29.62 -3.89
CA ASP E 265 7.22 -29.00 -5.10
C ASP E 265 6.32 -27.83 -5.50
N ALA E 266 6.78 -27.01 -6.43
CA ALA E 266 6.04 -25.82 -6.86
C ALA E 266 5.15 -26.06 -8.08
N LEU E 267 4.93 -27.33 -8.42
CA LEU E 267 4.24 -27.64 -9.68
C LEU E 267 2.72 -27.48 -9.57
N VAL E 268 2.24 -26.23 -9.66
CA VAL E 268 0.80 -25.92 -9.62
C VAL E 268 0.28 -25.12 -10.84
N HIS E 269 1.16 -24.83 -11.80
CA HIS E 269 0.78 -24.26 -13.11
C HIS E 269 0.33 -22.79 -13.14
N ASP E 270 -0.52 -22.39 -12.19
CA ASP E 270 -1.10 -21.06 -12.15
C ASP E 270 -0.49 -20.18 -11.07
N PRO E 271 -0.34 -18.89 -11.36
CA PRO E 271 0.26 -17.93 -10.42
C PRO E 271 -0.53 -17.79 -9.13
N LEU E 272 -1.86 -17.83 -9.20
CA LEU E 272 -2.67 -17.66 -8.00
C LEU E 272 -2.44 -18.82 -7.03
N SER E 273 -2.27 -20.01 -7.58
CA SER E 273 -2.03 -21.21 -6.78
C SER E 273 -0.64 -21.20 -6.13
N LEU E 274 0.36 -20.82 -6.91
CA LEU E 274 1.73 -20.72 -6.41
C LEU E 274 1.83 -19.75 -5.24
N LYS E 275 1.21 -18.56 -5.38
CA LYS E 275 1.21 -17.59 -4.30
C LYS E 275 0.58 -18.17 -3.02
N LEU E 276 -0.59 -18.78 -3.15
CA LEU E 276 -1.22 -19.45 -2.01
C LEU E 276 -0.29 -20.53 -1.44
N LEU E 277 0.36 -21.30 -2.32
CA LEU E 277 1.26 -22.37 -1.85
C LEU E 277 2.32 -21.82 -0.89
N THR E 278 3.02 -20.80 -1.32
CA THR E 278 4.06 -20.19 -0.50
C THR E 278 3.51 -19.49 0.75
N ASP E 279 2.31 -18.91 0.66
CA ASP E 279 1.66 -18.30 1.82
C ASP E 279 1.34 -19.32 2.92
N VAL E 280 0.94 -20.53 2.52
CA VAL E 280 0.59 -21.59 3.47
C VAL E 280 1.79 -22.47 3.87
N ILE E 281 2.55 -22.92 2.87
CA ILE E 281 3.65 -23.85 3.09
C ILE E 281 4.93 -23.13 3.57
N GLY E 282 5.13 -21.91 3.09
CA GLY E 282 6.30 -21.14 3.47
C GLY E 282 7.24 -20.93 2.31
N LYS E 283 7.85 -19.75 2.22
CA LYS E 283 8.80 -19.46 1.14
C LYS E 283 10.05 -20.34 1.22
N ASP E 284 10.31 -20.90 2.41
CA ASP E 284 11.46 -21.78 2.62
C ASP E 284 11.15 -23.25 2.31
N LYS E 285 9.89 -23.55 2.00
CA LYS E 285 9.46 -24.95 1.95
C LYS E 285 8.89 -25.37 0.60
N VAL E 286 8.99 -24.50 -0.39
CA VAL E 286 8.49 -24.80 -1.73
C VAL E 286 9.65 -24.92 -2.70
N ILE E 287 9.68 -26.03 -3.44
CA ILE E 287 10.81 -26.41 -4.27
C ILE E 287 10.39 -26.53 -5.74
N LEU E 288 11.07 -25.83 -6.64
CA LEU E 288 10.75 -25.97 -8.06
C LEU E 288 10.86 -27.42 -8.50
N GLY E 289 9.79 -27.90 -9.13
CA GLY E 289 9.70 -29.25 -9.66
C GLY E 289 8.88 -29.19 -10.93
N THR E 290 9.13 -30.13 -11.84
CA THR E 290 8.69 -29.98 -13.23
C THR E 290 7.89 -31.16 -13.84
N ASP E 291 8.04 -32.36 -13.26
CA ASP E 291 7.50 -33.59 -13.87
C ASP E 291 8.09 -33.82 -15.28
N TYR E 292 9.30 -33.31 -15.51
CA TYR E 292 10.01 -33.60 -16.74
C TYR E 292 10.15 -35.12 -16.83
N PRO E 293 9.97 -35.69 -18.02
CA PRO E 293 9.66 -35.06 -19.31
C PRO E 293 8.18 -35.17 -19.70
N PHE E 294 7.29 -35.29 -18.74
CA PHE E 294 5.89 -35.61 -19.01
C PHE E 294 5.03 -34.37 -19.33
N PRO E 295 4.07 -34.52 -20.25
CA PRO E 295 3.23 -33.42 -20.74
C PRO E 295 2.49 -32.67 -19.63
N LEU E 296 2.12 -33.34 -18.54
CA LEU E 296 1.38 -32.68 -17.47
C LEU E 296 2.30 -31.83 -16.58
N GLY E 297 3.56 -31.73 -16.96
CA GLY E 297 4.51 -30.93 -16.19
C GLY E 297 4.62 -29.48 -16.63
N GLU E 298 5.53 -28.74 -16.00
CA GLU E 298 5.81 -27.38 -16.45
C GLU E 298 6.73 -27.44 -17.65
N LEU E 299 6.24 -26.98 -18.79
CA LEU E 299 6.97 -27.13 -20.03
C LEU E 299 8.16 -26.17 -20.08
N GLU E 300 8.11 -25.11 -19.28
CA GLU E 300 9.18 -24.11 -19.19
C GLU E 300 9.66 -23.97 -17.74
N PRO E 301 10.65 -24.78 -17.33
CA PRO E 301 11.11 -24.87 -15.93
C PRO E 301 11.39 -23.53 -15.25
N GLY E 302 10.69 -23.26 -14.16
CA GLY E 302 10.92 -22.06 -13.36
C GLY E 302 10.27 -20.80 -13.88
N LYS E 303 9.64 -20.90 -15.05
CA LYS E 303 9.03 -19.74 -15.68
C LYS E 303 7.87 -19.13 -14.89
N LEU E 304 7.08 -19.96 -14.22
CA LEU E 304 5.99 -19.42 -13.37
C LEU E 304 6.58 -18.65 -12.21
N ILE E 305 7.57 -19.23 -11.55
CA ILE E 305 8.29 -18.57 -10.48
C ILE E 305 8.86 -17.23 -10.96
N GLU E 306 9.52 -17.26 -12.12
CA GLU E 306 10.18 -16.08 -12.69
C GLU E 306 9.21 -14.94 -12.97
N SER E 307 7.94 -15.28 -13.17
CA SER E 307 6.92 -14.31 -13.57
C SER E 307 6.19 -13.69 -12.38
N MET E 308 6.41 -14.21 -11.18
CA MET E 308 5.69 -13.72 -10.01
C MET E 308 6.14 -12.30 -9.62
N GLU E 309 5.27 -11.32 -9.87
CA GLU E 309 5.48 -9.92 -9.48
C GLU E 309 5.82 -9.76 -8.00
N GLU E 310 5.16 -10.53 -7.15
CA GLU E 310 5.26 -10.39 -5.70
C GLU E 310 6.55 -10.92 -5.08
N PHE E 311 7.24 -11.81 -5.78
CA PHE E 311 8.44 -12.43 -5.21
C PHE E 311 9.68 -11.57 -5.41
N ASP E 312 10.38 -11.25 -4.33
CA ASP E 312 11.69 -10.62 -4.45
C ASP E 312 12.66 -11.70 -4.92
N GLU E 313 13.88 -11.30 -5.31
CA GLU E 313 14.82 -12.24 -5.93
C GLU E 313 15.34 -13.30 -4.94
N GLU E 314 15.47 -12.88 -3.68
CA GLU E 314 15.79 -13.81 -2.62
C GLU E 314 14.77 -14.97 -2.57
N THR E 315 13.49 -14.63 -2.73
CA THR E 315 12.44 -15.64 -2.69
C THR E 315 12.53 -16.55 -3.90
N LYS E 316 12.66 -15.95 -5.08
CA LYS E 316 12.79 -16.70 -6.33
C LYS E 316 13.98 -17.66 -6.33
N ASN E 317 15.09 -17.22 -5.75
CA ASN E 317 16.28 -18.07 -5.68
C ASN E 317 16.04 -19.24 -4.73
N LYS E 318 15.26 -19.00 -3.68
CA LYS E 318 14.87 -20.09 -2.78
C LYS E 318 14.05 -21.17 -3.51
N LEU E 319 13.02 -20.74 -4.24
CA LEU E 319 12.14 -21.66 -4.96
C LEU E 319 12.87 -22.41 -6.07
N LYS E 320 13.81 -21.73 -6.73
CA LYS E 320 14.52 -22.30 -7.88
C LYS E 320 15.60 -23.30 -7.49
N ALA E 321 16.27 -23.07 -6.36
CA ALA E 321 17.41 -23.91 -6.00
C ALA E 321 17.67 -24.02 -4.49
N GLY E 322 17.58 -22.90 -3.77
CA GLY E 322 17.93 -22.87 -2.35
C GLY E 322 17.23 -23.87 -1.46
N ASN E 323 15.91 -23.97 -1.62
CA ASN E 323 15.12 -24.90 -0.83
C ASN E 323 15.42 -26.36 -1.17
N ALA E 324 15.67 -26.64 -2.45
CA ALA E 324 16.04 -27.99 -2.91
C ALA E 324 17.35 -28.45 -2.27
N LEU E 325 18.32 -27.55 -2.21
CA LEU E 325 19.61 -27.85 -1.57
C LEU E 325 19.42 -28.17 -0.10
N ALA E 326 18.60 -27.37 0.58
CA ALA E 326 18.31 -27.60 2.00
C ALA E 326 17.57 -28.91 2.20
N PHE E 327 16.57 -29.17 1.35
CA PHE E 327 15.81 -30.42 1.40
C PHE E 327 16.70 -31.65 1.15
N LEU E 328 17.65 -31.53 0.24
CA LEU E 328 18.52 -32.65 -0.12
C LEU E 328 19.78 -32.74 0.74
N GLY E 329 20.00 -31.74 1.59
CA GLY E 329 21.21 -31.70 2.40
C GLY E 329 22.48 -31.54 1.58
N LEU E 330 22.39 -30.82 0.46
CA LEU E 330 23.54 -30.58 -0.42
C LEU E 330 24.01 -29.12 -0.36
N GLU E 331 25.25 -28.89 -0.80
CA GLU E 331 25.78 -27.52 -0.88
C GLU E 331 25.93 -27.07 -2.34
N ARG E 332 25.75 -25.78 -2.58
CA ARG E 332 25.89 -25.17 -3.90
C ARG E 332 27.15 -25.66 -4.62
N LYS E 333 28.25 -25.74 -3.89
CA LYS E 333 29.51 -26.23 -4.44
C LYS E 333 29.40 -27.73 -4.75
N GLN E 334 29.13 -28.02 -6.01
CA GLN E 334 28.95 -29.38 -6.56
C GLN E 334 28.27 -29.19 -7.90
N PHE E 335 27.63 -28.03 -8.06
CA PHE E 335 26.86 -27.75 -9.26
C PHE E 335 27.19 -26.37 -9.81
N MET F 1 -55.33 40.56 7.23
CA MET F 1 -56.21 41.59 6.69
C MET F 1 -57.34 40.92 5.88
N LYS F 2 -57.45 39.60 6.00
CA LYS F 2 -58.69 38.90 5.65
C LYS F 2 -58.81 37.73 6.60
N ILE F 3 -58.07 36.66 6.35
CA ILE F 3 -58.11 35.48 7.21
C ILE F 3 -56.77 35.19 7.87
N ASP F 4 -56.78 35.00 9.18
CA ASP F 4 -55.56 34.70 9.94
C ASP F 4 -55.59 33.22 10.32
N ILE F 5 -54.75 32.42 9.68
CA ILE F 5 -54.79 30.97 9.92
C ILE F 5 -54.10 30.61 11.25
N HIS F 6 -53.34 31.56 11.79
CA HIS F 6 -52.42 31.26 12.87
C HIS F 6 -52.65 32.20 14.06
N SER F 7 -53.63 31.88 14.90
CA SER F 7 -53.90 32.65 16.12
C SER F 7 -54.15 31.73 17.30
N HIS F 8 -53.80 32.18 18.50
CA HIS F 8 -53.91 31.35 19.69
C HIS F 8 -54.83 31.98 20.71
N ILE F 9 -55.55 31.13 21.44
CA ILE F 9 -56.51 31.58 22.44
C ILE F 9 -56.57 30.57 23.58
N LEU F 10 -56.98 31.04 24.76
CA LEU F 10 -57.12 30.23 25.97
C LEU F 10 -58.48 30.52 26.58
N PRO F 11 -59.01 29.56 27.35
CA PRO F 11 -60.21 29.87 28.14
C PRO F 11 -59.88 30.93 29.19
N LYS F 12 -60.87 31.68 29.65
CA LYS F 12 -60.65 32.64 30.74
C LYS F 12 -60.15 31.89 31.98
N GLU F 13 -60.65 30.68 32.20
CA GLU F 13 -60.25 29.87 33.34
C GLU F 13 -60.48 28.39 33.05
N TRP F 14 -59.67 27.54 33.69
CA TRP F 14 -59.92 26.11 33.70
C TRP F 14 -59.55 25.58 35.09
N PRO F 15 -60.04 24.39 35.48
CA PRO F 15 -59.86 23.82 36.83
C PRO F 15 -58.41 23.67 37.29
N ASP F 16 -58.20 22.90 38.36
CA ASP F 16 -56.85 22.46 38.69
C ASP F 16 -56.61 21.09 38.09
N LEU F 17 -55.75 21.02 37.09
CA LEU F 17 -55.52 19.78 36.36
C LEU F 17 -54.76 18.77 37.21
N LYS F 18 -53.89 19.26 38.08
CA LYS F 18 -53.21 18.41 39.05
C LYS F 18 -54.20 17.69 39.97
N LYS F 19 -55.20 18.43 40.46
CA LYS F 19 -56.27 17.87 41.26
C LYS F 19 -57.20 16.99 40.43
N ARG F 20 -57.41 17.38 39.18
CA ARG F 20 -58.33 16.71 38.27
C ARG F 20 -57.74 15.39 37.77
N PHE F 21 -56.41 15.29 37.75
CA PHE F 21 -55.75 14.21 37.04
C PHE F 21 -54.84 13.35 37.94
N GLY F 22 -54.27 13.96 38.97
CA GLY F 22 -53.46 13.21 39.93
C GLY F 22 -51.97 13.50 39.88
N TYR F 23 -51.54 14.30 38.91
CA TYR F 23 -50.13 14.65 38.79
C TYR F 23 -49.95 16.07 38.27
N GLY F 24 -48.80 16.67 38.58
CA GLY F 24 -48.53 18.04 38.19
C GLY F 24 -47.88 18.16 36.81
N GLY F 25 -47.16 19.27 36.60
CA GLY F 25 -46.50 19.53 35.33
C GLY F 25 -47.29 20.53 34.49
N TRP F 26 -48.59 20.58 34.72
CA TRP F 26 -49.51 21.36 33.90
C TRP F 26 -49.34 22.87 33.98
N VAL F 27 -50.30 23.52 33.33
CA VAL F 27 -50.33 24.97 33.18
C VAL F 27 -51.73 25.44 33.54
N GLN F 28 -51.82 26.52 34.30
CA GLN F 28 -53.08 27.14 34.67
C GLN F 28 -52.89 28.64 34.50
N LEU F 29 -53.98 29.38 34.26
CA LEU F 29 -53.87 30.83 34.02
C LEU F 29 -54.24 31.65 35.27
N GLN F 30 -53.52 32.74 35.49
CA GLN F 30 -53.67 33.53 36.71
C GLN F 30 -53.62 35.04 36.44
N HIS F 31 -54.71 35.75 36.74
CA HIS F 31 -54.83 37.17 36.43
C HIS F 31 -54.11 38.09 37.43
N HIS F 32 -53.63 39.24 36.96
CA HIS F 32 -52.91 40.18 37.82
C HIS F 32 -52.93 41.66 37.39
N SER F 33 -53.91 42.07 36.58
CA SER F 33 -54.05 43.48 36.16
C SER F 33 -55.32 43.80 35.35
N LYS F 34 -56.44 43.15 35.67
CA LYS F 34 -57.73 43.39 35.01
C LYS F 34 -57.62 43.38 33.47
N GLY F 35 -56.86 42.43 32.94
CA GLY F 35 -56.58 42.41 31.52
C GLY F 35 -55.14 42.02 31.25
N GLU F 36 -54.47 41.52 32.29
CA GLU F 36 -53.17 40.88 32.16
C GLU F 36 -53.15 39.64 33.04
N ALA F 37 -52.29 38.68 32.71
CA ALA F 37 -52.33 37.40 33.41
C ALA F 37 -51.02 36.60 33.31
N LYS F 38 -51.04 35.41 33.91
CA LYS F 38 -49.85 34.57 33.98
C LYS F 38 -50.14 33.11 33.70
N LEU F 39 -49.29 32.48 32.90
CA LEU F 39 -49.32 31.03 32.73
C LEU F 39 -48.29 30.40 33.66
N LEU F 40 -48.62 29.26 34.26
CA LEU F 40 -47.83 28.70 35.34
C LEU F 40 -47.57 27.21 35.21
N LYS F 41 -46.30 26.79 35.26
CA LYS F 41 -45.95 25.37 35.24
C LYS F 41 -45.58 24.87 36.64
N ASP F 42 -46.60 24.48 37.41
CA ASP F 42 -46.42 24.02 38.78
C ASP F 42 -45.53 24.99 39.58
N GLY F 43 -46.00 26.22 39.75
CA GLY F 43 -45.32 27.20 40.60
C GLY F 43 -44.71 28.44 39.96
N LYS F 44 -44.25 28.34 38.71
CA LYS F 44 -43.53 29.46 38.09
C LYS F 44 -44.06 29.92 36.72
N VAL F 45 -43.61 31.10 36.29
CA VAL F 45 -44.19 31.80 35.14
C VAL F 45 -43.29 31.81 33.90
N PHE F 46 -43.84 31.30 32.80
CA PHE F 46 -43.13 31.21 31.53
C PHE F 46 -43.72 32.12 30.46
N ARG F 47 -44.75 32.91 30.82
CA ARG F 47 -45.41 33.79 29.85
C ARG F 47 -46.31 34.88 30.47
N VAL F 48 -46.18 36.08 29.93
CA VAL F 48 -47.02 37.21 30.33
C VAL F 48 -48.04 37.49 29.23
N VAL F 49 -49.29 37.10 29.46
CA VAL F 49 -50.31 37.27 28.43
C VAL F 49 -51.35 38.32 28.78
N ARG F 50 -52.02 38.82 27.73
CA ARG F 50 -52.98 39.89 27.87
C ARG F 50 -54.43 39.41 27.79
N GLU F 51 -55.33 40.37 27.93
CA GLU F 51 -56.77 40.20 27.80
C GLU F 51 -57.19 39.56 26.46
N ASN F 52 -56.58 40.01 25.38
CA ASN F 52 -56.90 39.49 24.05
C ASN F 52 -56.58 38.00 23.88
N CYS F 53 -55.91 37.41 24.86
CA CYS F 53 -55.56 35.99 24.81
C CYS F 53 -56.74 35.10 25.24
N TRP F 54 -57.74 35.68 25.92
CA TRP F 54 -58.93 34.94 26.35
C TRP F 54 -60.27 35.59 25.98
N ASP F 55 -60.26 36.91 25.76
CA ASP F 55 -61.50 37.67 25.62
C ASP F 55 -61.84 37.97 24.17
N PRO F 56 -62.88 37.31 23.64
CA PRO F 56 -63.31 37.41 22.25
C PRO F 56 -63.65 38.84 21.81
N GLU F 57 -64.37 39.60 22.64
CA GLU F 57 -64.68 41.01 22.34
C GLU F 57 -63.42 41.83 22.05
N VAL F 58 -62.42 41.72 22.94
CA VAL F 58 -61.16 42.41 22.76
C VAL F 58 -60.56 42.02 21.41
N ARG F 59 -60.66 40.74 21.10
CA ARG F 59 -60.13 40.23 19.85
C ARG F 59 -60.87 40.84 18.65
N ILE F 60 -62.21 40.81 18.65
CA ILE F 60 -62.99 41.34 17.52
C ILE F 60 -62.69 42.82 17.36
N ARG F 61 -62.58 43.53 18.49
CA ARG F 61 -62.15 44.92 18.47
C ARG F 61 -60.83 45.09 17.72
N GLU F 62 -59.79 44.40 18.18
CA GLU F 62 -58.48 44.48 17.53
C GLU F 62 -58.56 44.02 16.08
N MET F 63 -59.31 42.94 15.84
CA MET F 63 -59.53 42.45 14.47
C MET F 63 -60.13 43.50 13.58
N ASP F 64 -61.16 44.18 14.08
CA ASP F 64 -61.86 45.20 13.32
C ASP F 64 -60.94 46.34 12.87
N GLN F 65 -60.08 46.82 13.76
CA GLN F 65 -59.17 47.90 13.39
C GLN F 65 -58.04 47.47 12.46
N LYS F 66 -57.64 46.20 12.53
CA LYS F 66 -56.54 45.71 11.71
C LYS F 66 -57.05 45.18 10.36
N GLY F 67 -58.36 45.13 10.20
CA GLY F 67 -58.95 44.69 8.95
C GLY F 67 -59.03 43.18 8.81
N VAL F 68 -58.97 42.48 9.95
CA VAL F 68 -59.04 41.02 9.95
C VAL F 68 -60.51 40.54 9.99
N THR F 69 -60.90 39.74 9.00
CA THR F 69 -62.26 39.22 8.93
C THR F 69 -62.48 38.02 9.85
N VAL F 70 -61.57 37.05 9.78
CA VAL F 70 -61.69 35.83 10.58
C VAL F 70 -60.34 35.37 11.16
N GLN F 71 -60.37 34.85 12.39
CA GLN F 71 -59.22 34.16 12.98
C GLN F 71 -59.54 32.67 13.11
N ALA F 72 -58.66 31.82 12.63
CA ALA F 72 -58.71 30.41 12.97
C ALA F 72 -58.11 30.30 14.36
N LEU F 73 -58.91 29.81 15.31
CA LEU F 73 -58.49 29.78 16.72
C LEU F 73 -57.92 28.43 17.09
N SER F 74 -56.70 28.41 17.63
CA SER F 74 -56.11 27.19 18.13
C SER F 74 -55.64 27.41 19.56
N THR F 75 -55.51 26.34 20.34
CA THR F 75 -54.99 26.46 21.70
C THR F 75 -53.51 26.84 21.66
N VAL F 76 -52.99 27.36 22.77
CA VAL F 76 -51.57 27.68 22.89
C VAL F 76 -50.77 26.37 22.99
N PRO F 77 -49.69 26.23 22.18
CA PRO F 77 -48.93 24.98 22.08
C PRO F 77 -48.49 24.34 23.41
N VAL F 78 -48.15 25.14 24.43
CA VAL F 78 -47.85 24.58 25.77
C VAL F 78 -48.95 23.62 26.29
N MET F 79 -50.18 23.81 25.81
CA MET F 79 -51.31 23.04 26.27
C MET F 79 -51.44 21.67 25.62
N PHE F 80 -50.62 21.39 24.60
CA PHE F 80 -50.70 20.10 23.89
C PHE F 80 -50.72 18.92 24.86
N SER F 81 -49.80 18.95 25.83
CA SER F 81 -49.77 17.97 26.91
C SER F 81 -49.62 16.52 26.44
N TYR F 82 -48.80 16.31 25.40
CA TYR F 82 -48.64 14.98 24.79
C TYR F 82 -47.91 13.99 25.70
N TRP F 83 -47.23 14.51 26.72
CA TRP F 83 -46.50 13.71 27.70
C TRP F 83 -47.41 12.92 28.63
N ALA F 84 -48.41 13.61 29.19
CA ALA F 84 -49.23 13.07 30.27
C ALA F 84 -49.98 11.78 29.92
N LYS F 85 -50.61 11.18 30.92
CA LYS F 85 -51.42 9.99 30.69
C LYS F 85 -52.52 10.36 29.70
N PRO F 86 -52.65 9.58 28.63
CA PRO F 86 -53.54 9.80 27.49
C PRO F 86 -55.00 10.01 27.88
N GLU F 87 -55.48 9.29 28.88
CA GLU F 87 -56.86 9.46 29.33
C GLU F 87 -57.07 10.84 29.93
N ASP F 88 -56.03 11.42 30.50
CA ASP F 88 -56.09 12.78 31.02
C ASP F 88 -55.99 13.81 29.88
N THR F 89 -55.16 13.52 28.88
CA THR F 89 -55.00 14.45 27.77
C THR F 89 -56.28 14.53 26.93
N LEU F 90 -56.95 13.40 26.72
CA LEU F 90 -58.24 13.38 26.02
C LEU F 90 -59.23 14.30 26.69
N ASN F 91 -59.16 14.31 28.01
CA ASN F 91 -60.08 15.03 28.87
C ASN F 91 -59.91 16.53 28.72
N LEU F 92 -58.68 17.00 28.95
CA LEU F 92 -58.33 18.42 28.81
C LEU F 92 -58.58 18.94 27.40
N CYS F 93 -58.31 18.09 26.40
CA CYS F 93 -58.58 18.45 25.01
C CYS F 93 -60.06 18.78 24.85
N GLN F 94 -60.92 17.86 25.26
CA GLN F 94 -62.37 18.07 25.20
C GLN F 94 -62.79 19.39 25.88
N LEU F 95 -62.20 19.68 27.04
CA LEU F 95 -62.39 20.97 27.71
C LEU F 95 -61.94 22.14 26.84
N LEU F 96 -60.75 22.06 26.24
CA LEU F 96 -60.24 23.11 25.37
C LEU F 96 -61.04 23.24 24.07
N ASN F 97 -61.40 22.11 23.47
CA ASN F 97 -62.13 22.12 22.21
C ASN F 97 -63.58 22.62 22.40
N ASN F 98 -64.18 22.29 23.54
CA ASN F 98 -65.52 22.78 23.85
C ASN F 98 -65.51 24.29 24.04
N ASP F 99 -64.48 24.78 24.72
CA ASP F 99 -64.31 26.20 24.90
C ASP F 99 -64.15 26.93 23.57
N LEU F 100 -63.36 26.33 22.67
CA LEU F 100 -63.19 26.87 21.32
C LEU F 100 -64.53 26.98 20.62
N ALA F 101 -65.32 25.91 20.69
CA ALA F 101 -66.59 25.87 19.97
C ALA F 101 -67.51 26.95 20.53
N SER F 102 -67.44 27.17 21.83
CA SER F 102 -68.27 28.19 22.47
C SER F 102 -67.96 29.56 21.88
N THR F 103 -66.67 29.87 21.78
CA THR F 103 -66.22 31.14 21.21
C THR F 103 -66.66 31.30 19.75
N VAL F 104 -66.60 30.22 18.97
CA VAL F 104 -67.09 30.25 17.61
C VAL F 104 -68.61 30.48 17.55
N VAL F 105 -69.35 29.87 18.47
CA VAL F 105 -70.79 30.12 18.55
C VAL F 105 -71.07 31.63 18.70
N SER F 106 -70.31 32.29 19.57
CA SER F 106 -70.51 33.71 19.78
C SER F 106 -70.23 34.59 18.55
N TYR F 107 -69.34 34.15 17.67
CA TYR F 107 -69.04 34.90 16.44
C TYR F 107 -68.73 33.99 15.25
N PRO F 108 -69.75 33.28 14.74
CA PRO F 108 -69.56 32.29 13.67
C PRO F 108 -69.10 32.89 12.35
N ARG F 109 -69.14 34.22 12.20
CA ARG F 109 -68.67 34.81 10.95
C ARG F 109 -67.27 35.42 11.09
N ARG F 110 -66.66 35.22 12.26
CA ARG F 110 -65.40 35.88 12.62
C ARG F 110 -64.36 34.87 13.13
N PHE F 111 -64.79 33.65 13.40
CA PHE F 111 -63.94 32.64 14.02
C PHE F 111 -64.23 31.24 13.51
N VAL F 112 -63.18 30.47 13.24
CA VAL F 112 -63.30 29.03 13.13
C VAL F 112 -62.38 28.41 14.18
N GLY F 113 -62.63 27.15 14.54
CA GLY F 113 -61.79 26.53 15.55
C GLY F 113 -60.86 25.48 14.96
N LEU F 114 -59.65 25.43 15.49
CA LEU F 114 -58.73 24.34 15.18
C LEU F 114 -58.50 23.57 16.47
N GLY F 115 -59.01 22.34 16.54
CA GLY F 115 -59.01 21.59 17.79
C GLY F 115 -57.66 21.04 18.17
N THR F 116 -57.58 20.49 19.38
CA THR F 116 -56.37 19.80 19.83
C THR F 116 -56.67 18.33 20.13
N LEU F 117 -55.64 17.49 20.02
CA LEU F 117 -55.84 16.04 20.10
C LEU F 117 -54.91 15.39 21.12
N PRO F 118 -55.33 14.25 21.70
CA PRO F 118 -54.39 13.49 22.52
C PRO F 118 -53.51 12.65 21.59
N MET F 119 -52.44 13.27 21.09
CA MET F 119 -51.66 12.66 20.01
C MET F 119 -50.91 11.39 20.42
N GLN F 120 -50.49 11.31 21.69
CA GLN F 120 -49.76 10.13 22.18
C GLN F 120 -50.62 8.86 22.16
N ALA F 121 -51.94 9.03 22.19
CA ALA F 121 -52.87 7.90 22.06
C ALA F 121 -53.76 8.01 20.83
N PRO F 122 -53.26 7.55 19.68
CA PRO F 122 -53.87 7.73 18.35
C PRO F 122 -55.32 7.20 18.23
N GLU F 123 -55.68 6.20 19.03
CA GLU F 123 -57.05 5.70 19.05
C GLU F 123 -57.98 6.76 19.66
N LEU F 124 -57.60 7.26 20.83
CA LEU F 124 -58.29 8.36 21.51
C LEU F 124 -58.32 9.62 20.67
N ALA F 125 -57.31 9.76 19.81
CA ALA F 125 -57.14 10.95 18.99
C ALA F 125 -58.11 10.96 17.82
N VAL F 126 -58.24 9.83 17.14
CA VAL F 126 -59.20 9.68 16.06
C VAL F 126 -60.62 9.99 16.55
N LYS F 127 -60.93 9.55 17.76
CA LYS F 127 -62.26 9.73 18.35
C LYS F 127 -62.56 11.19 18.62
N GLU F 128 -61.62 11.86 19.28
CA GLU F 128 -61.73 13.30 19.53
C GLU F 128 -61.74 14.12 18.24
N MET F 129 -61.08 13.62 17.21
CA MET F 129 -61.09 14.31 15.92
C MET F 129 -62.46 14.19 15.25
N GLU F 130 -63.06 13.00 15.31
CA GLU F 130 -64.39 12.83 14.76
C GLU F 130 -65.37 13.72 15.51
N ARG F 131 -65.22 13.80 16.83
CA ARG F 131 -66.06 14.69 17.62
C ARG F 131 -65.89 16.15 17.18
N CYS F 132 -64.65 16.61 17.08
CA CYS F 132 -64.34 17.98 16.64
C CYS F 132 -65.02 18.33 15.35
N VAL F 133 -64.92 17.41 14.41
CA VAL F 133 -65.44 17.62 13.07
C VAL F 133 -66.94 17.39 13.01
N LYS F 134 -67.40 16.27 13.57
CA LYS F 134 -68.81 15.90 13.43
C LYS F 134 -69.74 16.71 14.32
N GLU F 135 -69.36 16.90 15.58
CA GLU F 135 -70.22 17.59 16.54
C GLU F 135 -69.85 19.06 16.76
N LEU F 136 -68.56 19.38 16.79
CA LEU F 136 -68.14 20.75 17.06
C LEU F 136 -68.06 21.61 15.79
N GLY F 137 -67.97 20.97 14.62
CA GLY F 137 -67.94 21.69 13.36
C GLY F 137 -66.60 22.31 12.95
N PHE F 138 -65.52 21.95 13.65
CA PHE F 138 -64.19 22.47 13.31
C PHE F 138 -63.78 22.01 11.91
N PRO F 139 -63.09 22.88 11.13
CA PRO F 139 -62.56 22.45 9.82
C PRO F 139 -61.18 21.79 9.90
N GLY F 140 -60.59 21.75 11.09
CA GLY F 140 -59.26 21.16 11.25
C GLY F 140 -58.76 21.05 12.69
N VAL F 141 -57.51 20.62 12.85
CA VAL F 141 -56.87 20.54 14.16
C VAL F 141 -55.47 21.10 14.14
N GLN F 142 -54.99 21.54 15.29
CA GLN F 142 -53.61 21.97 15.43
C GLN F 142 -52.85 20.90 16.22
N ILE F 143 -51.71 20.46 15.70
CA ILE F 143 -50.90 19.42 16.34
C ILE F 143 -49.44 19.87 16.41
N GLY F 144 -48.67 19.30 17.34
CA GLY F 144 -47.26 19.66 17.47
C GLY F 144 -46.39 19.03 16.40
N THR F 145 -45.14 19.47 16.30
CA THR F 145 -44.21 18.97 15.28
C THR F 145 -43.68 17.57 15.59
N HIS F 146 -43.78 17.17 16.84
CA HIS F 146 -43.48 15.79 17.24
C HIS F 146 -44.32 15.41 18.47
N VAL F 147 -44.50 14.12 18.66
CA VAL F 147 -45.24 13.60 19.80
C VAL F 147 -44.27 12.78 20.64
N ASN F 148 -43.75 13.37 21.71
CA ASN F 148 -42.79 12.71 22.60
C ASN F 148 -41.47 12.32 21.90
N GLU F 149 -41.40 11.09 21.40
CA GLU F 149 -40.28 10.66 20.58
C GLU F 149 -40.74 10.52 19.14
N TRP F 150 -42.04 10.30 18.97
CA TRP F 150 -42.59 10.16 17.62
C TRP F 150 -42.43 11.43 16.81
N ASP F 151 -41.79 11.30 15.65
CA ASP F 151 -41.87 12.35 14.65
C ASP F 151 -43.03 11.98 13.74
N LEU F 152 -43.44 12.91 12.88
CA LEU F 152 -44.69 12.76 12.15
C LEU F 152 -44.68 11.64 11.12
N ASN F 153 -43.52 11.01 10.94
CA ASN F 153 -43.42 9.83 10.07
C ASN F 153 -43.85 8.54 10.80
N ALA F 154 -43.92 8.59 12.12
CA ALA F 154 -44.24 7.43 12.94
C ALA F 154 -45.52 6.70 12.51
N GLN F 155 -45.39 5.40 12.26
CA GLN F 155 -46.50 4.56 11.83
C GLN F 155 -47.64 4.59 12.83
N GLU F 156 -47.31 4.67 14.11
CA GLU F 156 -48.30 4.74 15.19
C GLU F 156 -49.33 5.84 14.91
N LEU F 157 -48.87 6.92 14.26
CA LEU F 157 -49.71 8.07 13.95
C LEU F 157 -50.53 7.92 12.68
N PHE F 158 -50.29 6.86 11.91
CA PHE F 158 -51.02 6.63 10.66
C PHE F 158 -52.58 6.53 10.73
N PRO F 159 -53.14 5.99 11.85
CA PRO F 159 -54.62 6.01 11.90
C PRO F 159 -55.17 7.45 11.97
N VAL F 160 -54.41 8.36 12.58
CA VAL F 160 -54.81 9.75 12.66
C VAL F 160 -54.91 10.36 11.26
N TYR F 161 -53.80 10.26 10.50
CA TYR F 161 -53.74 10.78 9.13
C TYR F 161 -54.85 10.19 8.26
N ALA F 162 -55.14 8.90 8.46
CA ALA F 162 -56.23 8.26 7.74
C ALA F 162 -57.56 8.92 8.14
N ALA F 163 -57.79 9.02 9.44
CA ALA F 163 -58.98 9.69 9.97
C ALA F 163 -59.15 11.12 9.44
N ALA F 164 -58.11 11.93 9.63
CA ALA F 164 -58.12 13.30 9.13
C ALA F 164 -58.44 13.35 7.64
N GLU F 165 -57.79 12.49 6.88
CA GLU F 165 -58.00 12.44 5.43
C GLU F 165 -59.44 12.03 5.12
N ARG F 166 -59.97 11.13 5.94
CA ARG F 166 -61.35 10.64 5.80
C ARG F 166 -62.35 11.78 6.09
N LEU F 167 -62.19 12.43 7.24
CA LEU F 167 -63.12 13.45 7.70
C LEU F 167 -62.88 14.81 7.07
N LYS F 168 -61.92 14.87 6.16
CA LYS F 168 -61.52 16.13 5.51
C LYS F 168 -61.16 17.18 6.55
N CYS F 169 -60.34 16.77 7.53
CA CYS F 169 -59.94 17.62 8.64
C CYS F 169 -58.52 18.11 8.41
N SER F 170 -58.36 19.40 8.12
CA SER F 170 -57.04 19.98 7.88
C SER F 170 -56.16 19.95 9.12
N LEU F 171 -54.85 19.78 8.92
CA LEU F 171 -53.89 19.77 10.01
C LEU F 171 -53.00 21.01 9.95
N PHE F 172 -52.95 21.77 11.04
CA PHE F 172 -51.99 22.86 11.17
C PHE F 172 -50.89 22.37 12.12
N VAL F 173 -49.67 22.22 11.59
CA VAL F 173 -48.55 21.75 12.40
C VAL F 173 -47.75 22.90 12.99
N HIS F 174 -47.67 22.93 14.31
CA HIS F 174 -47.00 24.01 15.03
C HIS F 174 -45.85 23.48 15.86
N PRO F 175 -44.65 24.05 15.68
CA PRO F 175 -43.49 23.61 16.48
C PRO F 175 -43.67 23.89 17.97
N TRP F 176 -43.11 23.03 18.80
CA TRP F 176 -43.28 23.11 20.24
C TRP F 176 -42.33 22.11 20.87
N ASP F 177 -42.10 22.25 22.18
CA ASP F 177 -41.25 21.32 22.92
C ASP F 177 -39.84 21.34 22.32
N MET F 178 -39.33 22.55 22.06
CA MET F 178 -37.93 22.71 21.63
C MET F 178 -37.05 22.47 22.84
N GLN F 179 -35.74 22.41 22.60
CA GLN F 179 -34.77 22.38 23.68
C GLN F 179 -34.68 23.79 24.26
N MET F 180 -34.96 23.92 25.56
CA MET F 180 -35.00 25.20 26.25
C MET F 180 -33.69 25.54 26.96
N ASP F 181 -32.96 24.49 27.35
CA ASP F 181 -31.79 24.61 28.20
C ASP F 181 -30.47 24.51 27.43
N GLY F 182 -29.39 24.18 28.16
CA GLY F 182 -28.07 24.03 27.55
C GLY F 182 -27.63 25.26 26.77
N ARG F 183 -27.24 25.05 25.52
CA ARG F 183 -26.79 26.15 24.66
C ARG F 183 -27.93 27.04 24.20
N MET F 184 -29.14 26.49 24.14
CA MET F 184 -30.30 27.20 23.62
C MET F 184 -30.92 28.13 24.65
N ALA F 185 -30.32 28.19 25.84
CA ALA F 185 -30.83 29.05 26.91
C ALA F 185 -30.21 30.46 26.87
N LYS F 186 -30.20 31.07 25.69
CA LYS F 186 -29.69 32.42 25.52
C LYS F 186 -30.26 33.00 24.23
N TYR F 187 -30.30 34.33 24.13
CA TYR F 187 -30.67 35.02 22.89
C TYR F 187 -32.03 34.61 22.29
N TRP F 188 -32.93 34.10 23.15
CA TRP F 188 -34.25 33.64 22.71
C TRP F 188 -34.15 32.56 21.61
N LEU F 189 -33.04 31.81 21.60
CA LEU F 189 -32.80 30.77 20.57
C LEU F 189 -33.89 29.71 20.30
N PRO F 190 -34.61 29.24 21.34
CA PRO F 190 -35.64 28.24 21.07
C PRO F 190 -36.75 28.76 20.15
N TRP F 191 -37.14 30.01 20.32
CA TRP F 191 -38.12 30.63 19.42
C TRP F 191 -37.48 31.06 18.08
N LEU F 192 -36.31 31.68 18.14
CA LEU F 192 -35.72 32.23 16.92
C LEU F 192 -35.15 31.14 16.01
N VAL F 193 -34.54 30.12 16.60
CA VAL F 193 -33.85 29.10 15.82
C VAL F 193 -34.43 27.70 16.03
N GLY F 194 -34.73 27.35 17.28
CA GLY F 194 -35.29 26.04 17.59
C GLY F 194 -36.63 25.76 16.94
N MET F 195 -37.50 26.76 16.89
CA MET F 195 -38.82 26.60 16.28
C MET F 195 -38.77 26.38 14.77
N PRO F 196 -38.03 27.22 14.02
CA PRO F 196 -38.00 26.93 12.59
C PRO F 196 -37.32 25.60 12.28
N ALA F 197 -36.36 25.19 13.10
CA ALA F 197 -35.70 23.89 12.88
C ALA F 197 -36.65 22.72 13.16
N GLU F 198 -37.46 22.82 14.21
CA GLU F 198 -38.50 21.81 14.49
C GLU F 198 -39.46 21.62 13.31
N THR F 199 -39.80 22.71 12.65
CA THR F 199 -40.75 22.65 11.54
C THR F 199 -40.09 22.00 10.31
N THR F 200 -38.82 22.33 10.08
CA THR F 200 -38.07 21.73 8.97
C THR F 200 -38.03 20.23 9.15
N ILE F 201 -37.77 19.80 10.38
CA ILE F 201 -37.75 18.38 10.72
C ILE F 201 -39.08 17.68 10.46
N ALA F 202 -40.17 18.34 10.89
CA ALA F 202 -41.52 17.81 10.70
C ALA F 202 -41.85 17.62 9.23
N ILE F 203 -41.47 18.59 8.40
CA ILE F 203 -41.72 18.50 6.97
C ILE F 203 -40.88 17.35 6.36
N CYS F 204 -39.61 17.27 6.72
CA CYS F 204 -38.77 16.15 6.27
C CYS F 204 -39.36 14.81 6.72
N SER F 205 -39.83 14.76 7.95
CA SER F 205 -40.36 13.52 8.50
C SER F 205 -41.61 13.10 7.73
N MET F 206 -42.46 14.07 7.40
CA MET F 206 -43.68 13.76 6.67
C MET F 206 -43.42 13.37 5.21
N ILE F 207 -42.44 14.01 4.58
CA ILE F 207 -42.10 13.68 3.20
C ILE F 207 -41.40 12.32 3.14
N MET F 208 -40.36 12.14 3.94
CA MET F 208 -39.59 10.90 3.87
C MET F 208 -40.29 9.74 4.60
N GLY F 209 -41.33 10.05 5.36
CA GLY F 209 -42.06 9.02 6.07
C GLY F 209 -43.13 8.42 5.20
N GLY F 210 -43.34 9.01 4.03
CA GLY F 210 -44.36 8.54 3.10
C GLY F 210 -45.77 9.09 3.37
N VAL F 211 -45.90 9.97 4.37
CA VAL F 211 -47.21 10.55 4.71
C VAL F 211 -47.99 11.16 3.54
N PHE F 212 -47.43 12.16 2.87
CA PHE F 212 -48.09 12.76 1.72
C PHE F 212 -48.33 11.75 0.61
N GLU F 213 -47.42 10.78 0.50
CA GLU F 213 -47.57 9.73 -0.51
C GLU F 213 -48.75 8.81 -0.23
N LYS F 214 -48.83 8.30 0.99
CA LYS F 214 -49.93 7.40 1.38
C LYS F 214 -51.27 8.13 1.55
N PHE F 215 -51.22 9.39 1.96
CA PHE F 215 -52.44 10.15 2.12
C PHE F 215 -52.45 11.37 1.20
N PRO F 216 -52.68 11.15 -0.10
CA PRO F 216 -52.58 12.26 -1.06
C PRO F 216 -53.64 13.33 -0.87
N LYS F 217 -54.66 13.07 -0.05
CA LYS F 217 -55.71 14.05 0.18
C LYS F 217 -55.64 14.74 1.56
N LEU F 218 -54.63 14.39 2.35
CA LEU F 218 -54.42 15.03 3.65
C LEU F 218 -53.99 16.48 3.43
N LYS F 219 -54.71 17.43 4.04
CA LYS F 219 -54.36 18.85 3.93
C LYS F 219 -53.55 19.30 5.13
N VAL F 220 -52.31 19.71 4.89
CA VAL F 220 -51.38 20.03 5.97
C VAL F 220 -50.77 21.42 5.76
N CYS F 221 -50.73 22.21 6.84
CA CYS F 221 -50.11 23.52 6.83
C CYS F 221 -49.09 23.62 7.96
N PHE F 222 -47.89 24.07 7.61
CA PHE F 222 -46.81 24.27 8.57
C PHE F 222 -46.65 25.74 8.98
N ALA F 223 -46.31 25.97 10.25
CA ALA F 223 -46.18 27.34 10.78
C ALA F 223 -44.85 28.00 10.39
N HIS F 224 -44.79 29.33 10.47
CA HIS F 224 -43.56 30.09 10.21
C HIS F 224 -42.90 29.82 8.86
N GLY F 225 -43.71 29.86 7.81
CA GLY F 225 -43.22 29.73 6.45
C GLY F 225 -42.46 28.46 6.20
N GLY F 226 -42.69 27.43 7.02
CA GLY F 226 -42.06 26.15 6.79
C GLY F 226 -40.68 26.06 7.43
N GLY F 227 -40.39 26.99 8.34
CA GLY F 227 -39.10 27.02 9.01
C GLY F 227 -37.95 27.35 8.08
N ALA F 228 -36.99 26.43 7.97
CA ALA F 228 -35.85 26.60 7.09
C ALA F 228 -36.11 25.96 5.72
N PHE F 229 -37.13 25.10 5.67
CA PHE F 229 -37.35 24.23 4.51
C PHE F 229 -37.33 24.88 3.11
N PRO F 230 -38.04 26.02 2.94
CA PRO F 230 -38.05 26.66 1.61
C PRO F 230 -36.66 26.98 1.11
N PHE F 231 -35.76 27.36 2.01
CA PHE F 231 -34.39 27.69 1.66
C PHE F 231 -33.47 26.47 1.61
N THR F 232 -33.66 25.52 2.52
CA THR F 232 -32.79 24.33 2.57
C THR F 232 -33.27 23.13 1.77
N VAL F 233 -34.44 23.24 1.14
CA VAL F 233 -34.95 22.17 0.28
C VAL F 233 -33.92 21.68 -0.74
N GLY F 234 -33.06 22.58 -1.22
CA GLY F 234 -32.04 22.17 -2.17
C GLY F 234 -31.12 21.15 -1.53
N ARG F 235 -30.66 21.47 -0.32
CA ARG F 235 -29.74 20.61 0.40
C ARG F 235 -30.39 19.26 0.70
N ILE F 236 -31.65 19.30 1.14
CA ILE F 236 -32.37 18.09 1.54
C ILE F 236 -32.61 17.18 0.33
N SER F 237 -33.00 17.78 -0.79
CA SER F 237 -33.23 17.04 -2.03
C SER F 237 -31.96 16.43 -2.60
N HIS F 238 -30.86 17.18 -2.50
CA HIS F 238 -29.59 16.68 -3.01
C HIS F 238 -29.10 15.53 -2.14
N GLY F 239 -29.17 15.69 -0.82
CA GLY F 239 -28.75 14.65 0.10
C GLY F 239 -29.57 13.37 -0.10
N PHE F 240 -30.88 13.53 -0.26
CA PHE F 240 -31.78 12.42 -0.55
C PHE F 240 -31.30 11.65 -1.80
N SER F 241 -30.92 12.37 -2.84
CA SER F 241 -30.39 11.74 -4.05
C SER F 241 -29.04 11.04 -3.82
N MET F 242 -28.26 11.51 -2.85
CA MET F 242 -26.90 10.99 -2.66
C MET F 242 -26.84 9.80 -1.71
N ARG F 243 -27.79 9.74 -0.77
CA ARG F 243 -27.78 8.66 0.21
C ARG F 243 -29.17 8.06 0.41
N PRO F 244 -29.70 7.37 -0.62
CA PRO F 244 -31.02 6.76 -0.49
C PRO F 244 -31.06 5.65 0.56
N ASP F 245 -29.89 5.11 0.94
CA ASP F 245 -29.82 4.14 2.02
C ASP F 245 -30.15 4.75 3.39
N LEU F 246 -30.00 6.07 3.51
CA LEU F 246 -30.33 6.76 4.78
C LEU F 246 -31.71 7.41 4.69
N CYS F 247 -32.05 7.88 3.50
CA CYS F 247 -33.17 8.82 3.33
C CYS F 247 -34.38 8.25 2.62
N ALA F 248 -34.20 7.16 1.87
CA ALA F 248 -35.23 6.71 0.94
C ALA F 248 -35.87 5.35 1.21
N GLN F 249 -35.71 4.82 2.42
CA GLN F 249 -36.22 3.46 2.68
C GLN F 249 -37.69 3.40 3.13
N ASP F 250 -38.27 4.55 3.45
CA ASP F 250 -39.68 4.63 3.83
C ASP F 250 -40.52 5.25 2.71
N ASN F 251 -39.87 6.05 1.88
CA ASN F 251 -40.53 6.67 0.72
C ASN F 251 -39.48 7.01 -0.32
N PRO F 252 -39.60 6.45 -1.52
CA PRO F 252 -38.56 6.56 -2.56
C PRO F 252 -38.55 7.90 -3.29
N MET F 253 -39.68 8.60 -3.34
CA MET F 253 -39.81 9.82 -4.14
C MET F 253 -38.94 10.95 -3.57
N ASN F 254 -38.32 11.75 -4.44
CA ASN F 254 -37.48 12.85 -3.99
C ASN F 254 -38.34 13.96 -3.38
N PRO F 255 -37.92 14.49 -2.21
CA PRO F 255 -38.63 15.55 -1.49
C PRO F 255 -39.02 16.75 -2.37
N LYS F 256 -38.27 16.98 -3.44
CA LYS F 256 -38.57 18.08 -4.35
C LYS F 256 -39.93 17.88 -5.02
N LYS F 257 -40.32 16.62 -5.16
CA LYS F 257 -41.57 16.29 -5.82
C LYS F 257 -42.80 16.57 -4.94
N TYR F 258 -42.58 16.92 -3.67
CA TYR F 258 -43.70 17.29 -2.80
C TYR F 258 -43.89 18.81 -2.65
N LEU F 259 -43.08 19.60 -3.35
CA LEU F 259 -43.32 21.04 -3.38
C LEU F 259 -44.67 21.31 -4.04
N GLY F 260 -45.59 21.88 -3.28
CA GLY F 260 -46.95 22.10 -3.76
C GLY F 260 -47.93 21.08 -3.21
N SER F 261 -47.41 20.12 -2.42
CA SER F 261 -48.26 19.11 -1.80
C SER F 261 -48.75 19.51 -0.40
N PHE F 262 -48.19 20.61 0.13
CA PHE F 262 -48.63 21.11 1.44
C PHE F 262 -48.62 22.63 1.49
N TYR F 263 -49.19 23.16 2.57
CA TYR F 263 -49.30 24.60 2.80
C TYR F 263 -48.29 25.06 3.86
N THR F 264 -48.00 26.36 3.89
CA THR F 264 -47.30 26.99 5.02
C THR F 264 -47.99 28.32 5.30
N ASP F 265 -47.90 28.81 6.54
CA ASP F 265 -48.32 30.18 6.80
C ASP F 265 -47.33 31.18 6.16
N ALA F 266 -47.72 32.45 6.09
CA ALA F 266 -46.86 33.46 5.47
C ALA F 266 -45.98 34.22 6.48
N LEU F 267 -45.89 33.73 7.71
CA LEU F 267 -45.21 34.47 8.76
C LEU F 267 -43.68 34.38 8.69
N VAL F 268 -43.07 35.13 7.76
CA VAL F 268 -41.61 35.10 7.61
C VAL F 268 -41.00 36.50 7.70
N HIS F 269 -41.84 37.48 7.99
CA HIS F 269 -41.39 38.82 8.37
C HIS F 269 -40.80 39.68 7.25
N ASP F 270 -39.97 39.08 6.40
CA ASP F 270 -39.22 39.81 5.38
C ASP F 270 -39.73 39.53 3.97
N PRO F 271 -39.75 40.57 3.12
CA PRO F 271 -40.25 40.43 1.75
C PRO F 271 -39.42 39.46 0.90
N LEU F 272 -38.10 39.44 1.08
CA LEU F 272 -37.28 38.51 0.32
C LEU F 272 -37.64 37.07 0.70
N SER F 273 -37.92 36.85 1.98
CA SER F 273 -38.28 35.51 2.44
C SER F 273 -39.67 35.13 1.96
N LEU F 274 -40.57 36.11 1.92
CA LEU F 274 -41.93 35.84 1.46
C LEU F 274 -41.94 35.49 -0.01
N LYS F 275 -41.18 36.25 -0.79
CA LYS F 275 -41.06 35.97 -2.22
C LYS F 275 -40.48 34.59 -2.47
N LEU F 276 -39.42 34.23 -1.74
CA LEU F 276 -38.85 32.89 -1.91
C LEU F 276 -39.88 31.83 -1.54
N LEU F 277 -40.61 32.06 -0.45
CA LEU F 277 -41.66 31.15 -0.02
C LEU F 277 -42.64 30.85 -1.14
N THR F 278 -43.24 31.89 -1.72
CA THR F 278 -44.21 31.69 -2.79
C THR F 278 -43.56 31.13 -4.07
N ASP F 279 -42.27 31.38 -4.25
CA ASP F 279 -41.54 30.79 -5.38
C ASP F 279 -41.38 29.27 -5.24
N VAL F 280 -41.09 28.80 -4.01
CA VAL F 280 -40.83 27.38 -3.75
C VAL F 280 -42.10 26.55 -3.44
N ILE F 281 -42.97 27.11 -2.61
CA ILE F 281 -44.18 26.42 -2.14
C ILE F 281 -45.36 26.68 -3.09
N GLY F 282 -45.38 27.87 -3.69
CA GLY F 282 -46.40 28.21 -4.67
C GLY F 282 -47.37 29.24 -4.11
N LYS F 283 -47.87 30.15 -4.97
CA LYS F 283 -48.80 31.19 -4.54
C LYS F 283 -50.14 30.62 -4.04
N ASP F 284 -50.48 29.40 -4.44
CA ASP F 284 -51.72 28.76 -4.01
C ASP F 284 -51.60 28.14 -2.63
N LYS F 285 -50.37 28.07 -2.12
CA LYS F 285 -50.10 27.27 -0.93
C LYS F 285 -49.54 28.07 0.24
N VAL F 286 -49.53 29.39 0.13
CA VAL F 286 -49.09 30.24 1.23
C VAL F 286 -50.29 30.94 1.88
N ILE F 287 -50.37 30.88 3.21
CA ILE F 287 -51.54 31.37 3.94
C ILE F 287 -51.20 32.42 4.98
N LEU F 288 -51.78 33.61 4.86
CA LEU F 288 -51.58 34.65 5.88
C LEU F 288 -51.91 34.12 7.28
N GLY F 289 -50.92 34.25 8.17
CA GLY F 289 -51.03 33.84 9.57
C GLY F 289 -50.15 34.78 10.39
N THR F 290 -50.57 35.04 11.62
CA THR F 290 -50.03 36.18 12.36
C THR F 290 -49.35 35.81 13.67
N ASP F 291 -49.71 34.65 14.24
CA ASP F 291 -49.25 34.25 15.57
C ASP F 291 -49.85 35.17 16.65
N TYR F 292 -50.96 35.82 16.32
CA TYR F 292 -51.71 36.61 17.29
C TYR F 292 -52.05 35.78 18.52
N PRO F 293 -51.87 36.35 19.73
CA PRO F 293 -51.49 37.73 20.03
C PRO F 293 -50.03 37.88 20.47
N PHE F 294 -49.15 37.02 19.98
CA PHE F 294 -47.77 37.02 20.48
C PHE F 294 -46.85 38.03 19.79
N PRO F 295 -45.95 38.65 20.58
CA PRO F 295 -45.01 39.68 20.08
C PRO F 295 -44.16 39.19 18.90
N LEU F 296 -43.79 37.90 18.88
CA LEU F 296 -42.96 37.42 17.77
C LEU F 296 -43.74 37.35 16.45
N GLY F 297 -45.06 37.40 16.54
CA GLY F 297 -45.90 37.42 15.36
C GLY F 297 -45.93 38.75 14.62
N GLU F 298 -46.79 38.84 13.61
CA GLU F 298 -46.92 40.06 12.81
C GLU F 298 -47.90 41.05 13.47
N LEU F 299 -47.45 42.29 13.70
CA LEU F 299 -48.32 43.27 14.38
C LEU F 299 -49.42 43.78 13.47
N GLU F 300 -49.07 44.01 12.20
CA GLU F 300 -49.99 44.52 11.19
C GLU F 300 -50.36 43.40 10.21
N PRO F 301 -51.42 42.65 10.51
CA PRO F 301 -51.78 41.48 9.70
C PRO F 301 -51.91 41.82 8.23
N GLY F 302 -51.10 41.19 7.38
CA GLY F 302 -51.22 41.34 5.95
C GLY F 302 -50.40 42.48 5.35
N LYS F 303 -49.79 43.30 6.20
CA LYS F 303 -49.04 44.46 5.74
C LYS F 303 -47.87 44.05 4.86
N LEU F 304 -47.11 43.05 5.31
CA LEU F 304 -46.03 42.53 4.50
C LEU F 304 -46.55 42.12 3.12
N ILE F 305 -47.62 41.34 3.10
CA ILE F 305 -48.22 40.92 1.82
C ILE F 305 -48.63 42.13 0.97
N GLU F 306 -49.28 43.10 1.60
CA GLU F 306 -49.75 44.28 0.89
C GLU F 306 -48.60 45.13 0.31
N SER F 307 -47.42 45.01 0.91
CA SER F 307 -46.26 45.79 0.46
C SER F 307 -45.52 45.15 -0.70
N MET F 308 -45.89 43.93 -1.08
CA MET F 308 -45.17 43.25 -2.15
C MET F 308 -45.68 43.68 -3.51
N GLU F 309 -45.07 44.69 -4.11
CA GLU F 309 -45.53 45.17 -5.43
C GLU F 309 -45.26 44.19 -6.57
N GLU F 310 -44.58 43.09 -6.27
CA GLU F 310 -44.36 42.04 -7.25
C GLU F 310 -45.56 41.08 -7.34
N PHE F 311 -46.44 41.17 -6.34
CA PHE F 311 -47.68 40.40 -6.34
C PHE F 311 -48.79 41.28 -6.89
N ASP F 312 -49.71 40.67 -7.62
CA ASP F 312 -50.91 41.39 -8.06
C ASP F 312 -52.05 41.18 -7.05
N GLU F 313 -53.17 41.85 -7.29
CA GLU F 313 -54.29 41.82 -6.36
C GLU F 313 -54.80 40.40 -6.16
N GLU F 314 -54.93 39.67 -7.26
CA GLU F 314 -55.33 38.27 -7.23
C GLU F 314 -54.44 37.43 -6.30
N THR F 315 -53.13 37.63 -6.42
CA THR F 315 -52.18 36.88 -5.61
C THR F 315 -52.31 37.25 -4.14
N LYS F 316 -52.34 38.55 -3.86
CA LYS F 316 -52.46 39.04 -2.50
C LYS F 316 -53.75 38.54 -1.85
N ASN F 317 -54.82 38.46 -2.63
CA ASN F 317 -56.09 37.98 -2.10
C ASN F 317 -56.04 36.48 -1.78
N LYS F 318 -55.33 35.72 -2.61
CA LYS F 318 -55.11 34.30 -2.29
C LYS F 318 -54.37 34.18 -0.96
N LEU F 319 -53.23 34.87 -0.87
CA LEU F 319 -52.42 34.86 0.34
C LEU F 319 -53.21 35.37 1.54
N LYS F 320 -54.10 36.33 1.33
CA LYS F 320 -54.81 36.93 2.45
C LYS F 320 -56.03 36.14 2.91
N ALA F 321 -56.65 35.40 2.00
CA ALA F 321 -57.90 34.68 2.35
C ALA F 321 -58.18 33.42 1.54
N GLY F 322 -57.96 33.49 0.22
CA GLY F 322 -58.34 32.40 -0.67
C GLY F 322 -57.68 31.06 -0.38
N ASN F 323 -56.36 31.08 -0.16
CA ASN F 323 -55.65 29.86 0.19
C ASN F 323 -56.15 29.29 1.52
N ALA F 324 -56.43 30.16 2.48
CA ALA F 324 -56.95 29.73 3.77
C ALA F 324 -58.28 28.95 3.62
N LEU F 325 -59.16 29.49 2.79
CA LEU F 325 -60.46 28.86 2.53
C LEU F 325 -60.31 27.50 1.83
N ALA F 326 -59.42 27.42 0.84
CA ALA F 326 -59.14 26.15 0.18
C ALA F 326 -58.55 25.17 1.20
N PHE F 327 -57.59 25.64 1.97
CA PHE F 327 -56.99 24.80 3.00
C PHE F 327 -58.04 24.29 3.99
N LEU F 328 -58.93 25.16 4.44
CA LEU F 328 -59.91 24.78 5.46
C LEU F 328 -61.15 24.12 4.89
N GLY F 329 -61.31 24.16 3.58
CA GLY F 329 -62.48 23.56 2.96
C GLY F 329 -63.72 24.40 3.23
N LEU F 330 -63.54 25.72 3.29
CA LEU F 330 -64.65 26.63 3.55
C LEU F 330 -65.00 27.49 2.33
N GLU F 331 -66.25 27.96 2.26
CA GLU F 331 -66.65 28.88 1.20
C GLU F 331 -66.71 30.32 1.72
N ARG F 332 -66.40 31.25 0.84
CA ARG F 332 -66.37 32.67 1.15
C ARG F 332 -67.68 33.19 1.75
N LYS F 333 -68.82 32.67 1.28
CA LYS F 333 -70.15 33.14 1.71
C LYS F 333 -70.26 33.24 3.22
N GLN F 334 -69.75 32.20 3.89
CA GLN F 334 -69.80 32.06 5.34
C GLN F 334 -69.30 33.33 6.06
N PHE F 335 -68.47 34.12 5.39
CA PHE F 335 -67.87 35.28 6.03
C PHE F 335 -68.08 36.53 5.18
#